data_8J3O
#
_entry.id   8J3O
#
_cell.length_a   51.402
_cell.length_b   60.156
_cell.length_c   120.482
_cell.angle_alpha   90.00
_cell.angle_beta   90.00
_cell.angle_gamma   111.02
#
_symmetry.space_group_name_H-M   'P 1'
#
loop_
_entity.id
_entity.type
_entity.pdbx_description
1 polymer 'Formate dehydrogenase'
2 non-polymer '1,4-DIHYDRONICOTINAMIDE ADENINE DINUCLEOTIDE'
3 non-polymer 'MAGNESIUM ION'
4 water water
#
_entity_poly.entity_id   1
_entity_poly.type   'polypeptide(L)'
_entity_poly.pdbx_seq_one_letter_code
;MHHHHHHMGKPKVLMALYSGGKHAKEEPRLLGTVENELGIRKLVEEHGYELVTTADKDPFPSSTFDKNLPDAEIIITTPF
FPAYVTKERIAKAPKLKLCVTAGVGSDHYDLNALNERGIAVLEVTGSNVQSVAEHAIMTMLILLRNYGEGHAQATQGTWD
IAAVAKDEFDMEDKVFATIGAGRIGYRILERLIAFNPKKLLYYDYQPLPEEAINKLNAASKLFNGVDNIIERVENLEDLV
SQADVVTLNCPLYEKSKGMFNKELISKMKKGSYVINTARGALTDPQAIADAVNSGHIAYGGDVWPVQPAPKDMPWRTMHN
PYGKDYGNAMTVHVSGTSLDAQARYANGVKQILTEYFDKTYKYRPQDVICIDGHYATKAYGQRTTK
;
_entity_poly.pdbx_strand_id   A,B,C,D
#
# COMPACT_ATOMS: atom_id res chain seq x y z
N GLY A 9 49.72 -32.83 43.09
CA GLY A 9 51.01 -32.66 42.44
C GLY A 9 51.12 -31.40 41.61
N LYS A 10 49.98 -30.95 41.08
CA LYS A 10 49.84 -29.73 40.29
C LYS A 10 48.68 -28.91 40.83
N PRO A 11 48.70 -27.59 40.64
CA PRO A 11 47.56 -26.78 41.08
C PRO A 11 46.31 -27.17 40.31
N LYS A 12 45.18 -27.16 41.00
CA LYS A 12 43.94 -27.73 40.48
C LYS A 12 42.95 -26.64 40.08
N VAL A 13 42.36 -26.80 38.90
CA VAL A 13 41.13 -26.11 38.52
C VAL A 13 40.00 -27.10 38.70
N LEU A 14 39.04 -26.76 39.55
CA LEU A 14 37.92 -27.64 39.86
C LEU A 14 36.68 -27.09 39.17
N MET A 15 36.09 -27.89 38.28
CA MET A 15 34.96 -27.46 37.48
C MET A 15 33.78 -28.39 37.68
N ALA A 16 32.59 -27.81 37.86
CA ALA A 16 31.35 -28.55 38.01
C ALA A 16 30.37 -28.09 36.94
N LEU A 17 30.06 -28.98 36.00
CA LEU A 17 29.11 -28.73 34.92
C LEU A 17 28.04 -29.82 34.94
N TYR A 18 27.05 -29.68 34.09
CA TYR A 18 26.02 -30.71 33.99
C TYR A 18 26.42 -31.76 32.95
N SER A 19 25.93 -32.97 33.17
CA SER A 19 26.29 -34.09 32.30
C SER A 19 25.71 -33.91 30.90
N GLY A 20 26.46 -34.39 29.92
CA GLY A 20 26.00 -34.38 28.54
C GLY A 20 25.53 -35.74 28.10
N GLY A 21 26.20 -36.80 28.55
CA GLY A 21 25.81 -38.14 28.19
C GLY A 21 25.88 -38.32 26.68
N LYS A 22 24.85 -38.95 26.11
CA LYS A 22 24.80 -39.08 24.66
C LYS A 22 24.53 -37.75 23.98
N HIS A 23 23.95 -36.78 24.69
CA HIS A 23 23.67 -35.48 24.09
C HIS A 23 24.96 -34.78 23.67
N ALA A 24 26.02 -34.94 24.46
CA ALA A 24 27.29 -34.30 24.13
C ALA A 24 27.93 -34.92 22.90
N LYS A 25 27.61 -36.17 22.58
CA LYS A 25 28.15 -36.81 21.38
C LYS A 25 27.42 -36.37 20.11
N GLU A 26 26.18 -35.89 20.23
CA GLU A 26 25.42 -35.41 19.07
C GLU A 26 25.54 -33.92 18.86
N GLU A 27 26.24 -33.20 19.74
CA GLU A 27 26.26 -31.74 19.69
C GLU A 27 27.54 -31.24 20.30
N PRO A 28 28.59 -31.10 19.49
CA PRO A 28 29.84 -30.48 19.99
C PRO A 28 29.60 -29.10 20.58
N ARG A 29 28.51 -28.43 20.19
CA ARG A 29 28.19 -27.11 20.71
C ARG A 29 27.73 -27.13 22.15
N LEU A 30 27.57 -28.31 22.75
CA LEU A 30 27.31 -28.44 24.19
C LEU A 30 28.58 -28.18 24.99
N LEU A 31 29.10 -26.95 24.86
CA LEU A 31 30.35 -26.60 25.52
C LEU A 31 30.23 -26.63 27.04
N GLY A 32 29.05 -26.32 27.57
CA GLY A 32 28.88 -26.18 29.01
C GLY A 32 28.64 -27.49 29.74
N THR A 33 29.11 -28.60 29.17
CA THR A 33 28.93 -29.91 29.77
C THR A 33 30.26 -30.46 30.26
N VAL A 34 30.17 -31.46 31.13
CA VAL A 34 31.37 -32.13 31.63
C VAL A 34 32.21 -32.69 30.49
N GLU A 35 31.55 -33.29 29.49
CA GLU A 35 32.29 -33.98 28.45
C GLU A 35 33.11 -33.02 27.59
N ASN A 36 32.67 -31.76 27.47
CA ASN A 36 33.36 -30.80 26.61
C ASN A 36 34.13 -29.73 27.38
N GLU A 37 33.87 -29.58 28.68
CA GLU A 37 34.71 -28.79 29.58
C GLU A 37 34.91 -27.35 29.11
N LEU A 38 33.91 -26.76 28.44
CA LEU A 38 33.96 -25.38 27.99
C LEU A 38 35.09 -25.15 26.98
N GLY A 39 35.82 -26.20 26.63
CA GLY A 39 36.96 -26.05 25.76
C GLY A 39 38.13 -25.32 26.40
N ILE A 40 38.26 -25.39 27.73
CA ILE A 40 39.33 -24.70 28.43
C ILE A 40 40.48 -25.63 28.80
N ARG A 41 40.38 -26.92 28.47
CA ARG A 41 41.39 -27.87 28.91
C ARG A 41 42.76 -27.51 28.36
N LYS A 42 42.84 -27.16 27.06
CA LYS A 42 44.13 -26.79 26.48
C LYS A 42 44.73 -25.58 27.18
N LEU A 43 43.91 -24.57 27.46
CA LEU A 43 44.41 -23.38 28.16
C LEU A 43 44.83 -23.70 29.59
N VAL A 44 44.09 -24.59 30.26
CA VAL A 44 44.40 -24.91 31.65
C VAL A 44 45.71 -25.69 31.75
N GLU A 45 45.87 -26.69 30.88
CA GLU A 45 47.10 -27.49 30.90
C GLU A 45 48.29 -26.75 30.30
N GLU A 46 48.03 -25.72 29.49
CA GLU A 46 49.12 -24.90 28.98
C GLU A 46 49.80 -24.10 30.09
N HIS A 47 49.10 -23.83 31.19
CA HIS A 47 49.65 -23.10 32.32
C HIS A 47 50.01 -24.01 33.49
N GLY A 48 50.10 -25.32 33.26
CA GLY A 48 50.58 -26.24 34.27
C GLY A 48 49.57 -26.63 35.33
N TYR A 49 48.30 -26.27 35.17
CA TYR A 49 47.28 -26.64 36.14
C TYR A 49 46.66 -27.99 35.80
N GLU A 50 46.08 -28.61 36.82
CA GLU A 50 45.26 -29.80 36.64
C GLU A 50 43.81 -29.36 36.45
N LEU A 51 43.12 -29.98 35.49
CA LEU A 51 41.71 -29.70 35.25
C LEU A 51 40.89 -30.91 35.65
N VAL A 52 40.02 -30.74 36.64
CA VAL A 52 39.10 -31.77 37.08
C VAL A 52 37.68 -31.24 36.85
N THR A 53 36.88 -32.03 36.13
CA THR A 53 35.53 -31.62 35.76
C THR A 53 34.55 -32.74 36.12
N THR A 54 33.53 -32.40 36.90
CA THR A 54 32.58 -33.40 37.36
C THR A 54 31.17 -32.82 37.33
N ALA A 55 30.19 -33.71 37.18
CA ALA A 55 28.77 -33.38 37.36
C ALA A 55 28.27 -33.83 38.71
N ASP A 56 29.14 -34.44 39.51
CA ASP A 56 28.81 -34.96 40.84
C ASP A 56 29.10 -33.87 41.87
N LYS A 57 28.08 -33.07 42.16
CA LYS A 57 28.20 -31.93 43.06
C LYS A 57 27.37 -32.11 44.33
N ASP A 58 26.49 -33.12 44.38
CA ASP A 58 25.66 -33.34 45.55
C ASP A 58 25.78 -34.83 45.85
N PRO A 59 25.69 -35.27 47.12
CA PRO A 59 25.50 -34.58 48.40
C PRO A 59 26.79 -34.18 49.10
N PHE A 60 26.64 -33.30 50.08
CA PHE A 60 27.73 -32.86 50.93
C PHE A 60 27.96 -33.92 52.02
N PRO A 61 29.22 -34.26 52.35
CA PRO A 61 30.47 -33.88 51.69
C PRO A 61 31.14 -35.04 50.98
N SER A 62 30.37 -35.93 50.36
CA SER A 62 30.93 -37.12 49.73
C SER A 62 31.06 -37.00 48.22
N SER A 63 30.65 -35.88 47.62
CA SER A 63 30.70 -35.75 46.18
C SER A 63 32.14 -35.60 45.69
N THR A 64 32.33 -35.94 44.40
CA THR A 64 33.61 -35.71 43.74
C THR A 64 34.03 -34.24 43.86
N PHE A 65 33.07 -33.32 43.71
CA PHE A 65 33.37 -31.90 43.90
C PHE A 65 33.96 -31.64 45.28
N ASP A 66 33.32 -32.19 46.32
CA ASP A 66 33.84 -32.02 47.68
C ASP A 66 35.25 -32.58 47.82
N LYS A 67 35.51 -33.75 47.22
CA LYS A 67 36.80 -34.41 47.41
C LYS A 67 37.94 -33.72 46.66
N ASN A 68 37.64 -32.79 45.76
CA ASN A 68 38.68 -32.00 45.10
C ASN A 68 38.79 -30.58 45.65
N LEU A 69 38.03 -30.26 46.70
CA LEU A 69 38.15 -28.96 47.34
C LEU A 69 39.53 -28.69 47.95
N PRO A 70 40.18 -29.64 48.66
CA PRO A 70 41.45 -29.30 49.33
C PRO A 70 42.50 -28.67 48.42
N ASP A 71 42.63 -29.13 47.18
CA ASP A 71 43.64 -28.62 46.26
C ASP A 71 43.08 -27.66 45.21
N ALA A 72 41.82 -27.27 45.34
CA ALA A 72 41.16 -26.42 44.35
C ALA A 72 41.67 -24.98 44.49
N GLU A 73 42.41 -24.52 43.50
CA GLU A 73 42.75 -23.10 43.40
C GLU A 73 41.67 -22.31 42.68
N ILE A 74 41.09 -22.88 41.63
CA ILE A 74 40.02 -22.25 40.86
C ILE A 74 38.82 -23.18 40.87
N ILE A 75 37.64 -22.61 41.13
CA ILE A 75 36.38 -23.34 41.08
C ILE A 75 35.50 -22.69 40.02
N ILE A 76 35.05 -23.50 39.05
CA ILE A 76 34.16 -23.03 37.99
C ILE A 76 32.82 -23.75 38.14
N THR A 77 31.76 -22.98 38.31
CA THR A 77 30.40 -23.49 38.41
C THR A 77 29.55 -22.88 37.31
N THR A 78 28.37 -23.45 37.10
CA THR A 78 27.44 -22.96 36.10
C THR A 78 26.05 -22.94 36.74
N PRO A 79 25.29 -21.85 36.56
CA PRO A 79 24.08 -21.68 37.37
C PRO A 79 22.98 -22.69 37.07
N PHE A 80 22.94 -23.22 35.84
CA PHE A 80 21.90 -24.17 35.46
C PHE A 80 22.03 -25.50 36.21
N PHE A 81 23.24 -25.82 36.67
CA PHE A 81 23.49 -27.01 37.48
C PHE A 81 24.57 -26.61 38.47
N PRO A 82 24.20 -25.84 39.50
CA PRO A 82 25.21 -25.12 40.28
C PRO A 82 25.77 -25.89 41.47
N ALA A 83 27.08 -26.02 41.55
CA ALA A 83 27.72 -26.52 42.75
C ALA A 83 27.69 -25.41 43.80
N TYR A 84 26.92 -25.61 44.86
CA TYR A 84 26.75 -24.58 45.87
C TYR A 84 28.02 -24.45 46.70
N VAL A 85 28.67 -23.30 46.59
CA VAL A 85 29.94 -23.05 47.27
C VAL A 85 29.60 -22.40 48.60
N THR A 86 29.34 -23.23 49.60
CA THR A 86 28.88 -22.78 50.90
C THR A 86 30.07 -22.43 51.81
N LYS A 87 29.74 -21.82 52.95
CA LYS A 87 30.73 -21.58 54.00
C LYS A 87 31.49 -22.87 54.34
N GLU A 88 30.75 -23.96 54.57
CA GLU A 88 31.38 -25.23 54.93
C GLU A 88 32.34 -25.69 53.84
N ARG A 89 31.95 -25.52 52.57
CA ARG A 89 32.80 -25.97 51.47
C ARG A 89 33.98 -25.04 51.27
N ILE A 90 33.80 -23.73 51.50
CA ILE A 90 34.91 -22.79 51.42
C ILE A 90 35.96 -23.14 52.45
N ALA A 91 35.53 -23.51 53.66
CA ALA A 91 36.46 -23.85 54.74
C ALA A 91 37.34 -25.05 54.40
N LYS A 92 36.95 -25.88 53.44
CA LYS A 92 37.73 -27.05 53.05
C LYS A 92 38.61 -26.80 51.82
N ALA A 93 38.61 -25.58 51.28
CA ALA A 93 39.42 -25.22 50.12
C ALA A 93 40.42 -24.13 50.55
N PRO A 94 41.49 -24.51 51.25
CA PRO A 94 42.36 -23.49 51.85
C PRO A 94 43.17 -22.72 50.84
N LYS A 95 43.35 -23.24 49.62
CA LYS A 95 44.12 -22.55 48.60
C LYS A 95 43.23 -22.04 47.47
N LEU A 96 41.95 -21.86 47.75
CA LEU A 96 41.06 -21.25 46.78
C LEU A 96 41.41 -19.77 46.64
N LYS A 97 41.41 -19.31 45.40
CA LYS A 97 41.70 -17.93 45.05
C LYS A 97 40.62 -17.30 44.20
N LEU A 98 40.05 -18.06 43.26
CA LEU A 98 39.15 -17.54 42.25
C LEU A 98 37.97 -18.48 42.03
N CYS A 99 36.79 -17.89 41.89
CA CYS A 99 35.57 -18.61 41.50
C CYS A 99 35.00 -17.97 40.24
N VAL A 100 34.85 -18.77 39.19
CA VAL A 100 34.32 -18.31 37.91
C VAL A 100 32.96 -18.95 37.66
N THR A 101 32.00 -18.14 37.21
CA THR A 101 30.67 -18.62 36.84
C THR A 101 30.58 -18.79 35.33
N ALA A 102 30.34 -20.04 34.90
CA ALA A 102 30.08 -20.32 33.49
C ALA A 102 28.65 -19.89 33.18
N GLY A 103 28.47 -18.58 33.06
CA GLY A 103 27.17 -17.96 32.90
C GLY A 103 27.04 -16.71 33.73
N VAL A 104 25.82 -16.35 34.13
CA VAL A 104 25.59 -15.17 34.94
C VAL A 104 24.71 -15.55 36.12
N GLY A 105 25.04 -15.01 37.29
CA GLY A 105 24.31 -15.32 38.50
C GLY A 105 25.17 -16.07 39.50
N SER A 106 25.53 -15.41 40.59
CA SER A 106 26.46 -15.98 41.55
C SER A 106 25.82 -16.10 42.93
N ASP A 107 24.52 -16.41 42.96
CA ASP A 107 23.85 -16.70 44.22
C ASP A 107 24.36 -17.99 44.84
N HIS A 108 24.80 -18.94 44.02
CA HIS A 108 25.24 -20.23 44.54
C HIS A 108 26.57 -20.17 45.26
N TYR A 109 27.21 -19.00 45.33
CA TYR A 109 28.34 -18.77 46.20
C TYR A 109 27.90 -18.12 47.50
N ASP A 110 28.63 -18.41 48.58
CA ASP A 110 28.50 -17.63 49.80
C ASP A 110 29.48 -16.47 49.65
N LEU A 111 28.97 -15.35 49.14
CA LEU A 111 29.84 -14.26 48.72
C LEU A 111 30.52 -13.59 49.90
N ASN A 112 29.81 -13.48 51.02
CA ASN A 112 30.41 -12.86 52.20
C ASN A 112 31.51 -13.73 52.78
N ALA A 113 31.31 -15.05 52.79
CA ALA A 113 32.37 -15.96 53.23
C ALA A 113 33.56 -15.89 52.28
N LEU A 114 33.32 -15.76 50.98
CA LEU A 114 34.40 -15.57 50.02
C LEU A 114 35.07 -14.22 50.20
N ASN A 115 34.33 -13.20 50.64
CA ASN A 115 34.95 -11.89 50.85
C ASN A 115 35.89 -11.90 52.05
N GLU A 116 35.49 -12.58 53.13
CA GLU A 116 36.35 -12.67 54.31
C GLU A 116 37.69 -13.32 53.98
N ARG A 117 37.73 -14.18 52.97
CA ARG A 117 38.96 -14.81 52.53
C ARG A 117 39.64 -14.04 51.41
N GLY A 118 39.05 -12.95 50.94
CA GLY A 118 39.61 -12.18 49.84
C GLY A 118 39.56 -12.92 48.52
N ILE A 119 38.46 -13.61 48.24
CA ILE A 119 38.31 -14.43 47.04
C ILE A 119 37.69 -13.60 45.93
N ALA A 120 38.20 -13.76 44.71
CA ALA A 120 37.64 -13.11 43.55
C ALA A 120 36.52 -13.97 42.97
N VAL A 121 35.39 -13.35 42.68
CA VAL A 121 34.24 -14.03 42.09
C VAL A 121 33.92 -13.34 40.77
N LEU A 122 33.96 -14.11 39.69
CA LEU A 122 33.84 -13.57 38.33
C LEU A 122 32.71 -14.25 37.58
N GLU A 123 31.87 -13.46 36.92
CA GLU A 123 30.84 -13.92 36.01
C GLU A 123 31.24 -13.59 34.57
N VAL A 124 30.39 -14.01 33.63
CA VAL A 124 30.45 -13.53 32.26
C VAL A 124 29.23 -12.65 32.01
N THR A 125 29.24 -11.45 32.58
CA THR A 125 28.07 -10.57 32.53
C THR A 125 27.68 -10.26 31.09
N GLY A 126 26.39 -10.35 30.79
CA GLY A 126 25.86 -10.06 29.48
C GLY A 126 25.77 -11.22 28.53
N SER A 127 26.35 -12.38 28.88
CA SER A 127 26.38 -13.49 27.95
C SER A 127 25.01 -14.09 27.69
N ASN A 128 24.03 -13.82 28.56
CA ASN A 128 22.70 -14.41 28.35
C ASN A 128 21.58 -13.42 28.67
N VAL A 129 21.87 -12.12 28.70
CA VAL A 129 20.83 -11.14 29.00
C VAL A 129 19.73 -11.19 27.95
N GLN A 130 20.10 -11.35 26.67
CA GLN A 130 19.10 -11.48 25.62
C GLN A 130 18.47 -12.86 25.64
N SER A 131 19.23 -13.90 26.01
CA SER A 131 18.67 -15.24 26.08
C SER A 131 17.59 -15.34 27.15
N VAL A 132 17.78 -14.66 28.28
CA VAL A 132 16.78 -14.70 29.34
C VAL A 132 15.57 -13.84 28.96
N ALA A 133 15.82 -12.70 28.32
CA ALA A 133 14.72 -11.83 27.90
C ALA A 133 13.76 -12.58 26.98
N GLU A 134 14.30 -13.32 26.01
CA GLU A 134 13.45 -14.14 25.14
C GLU A 134 12.65 -15.15 25.95
N HIS A 135 13.29 -15.80 26.93
CA HIS A 135 12.61 -16.81 27.72
C HIS A 135 11.48 -16.20 28.55
N ALA A 136 11.67 -14.99 29.05
CA ALA A 136 10.61 -14.33 29.81
C ALA A 136 9.42 -14.02 28.90
N ILE A 137 9.69 -13.40 27.75
CA ILE A 137 8.63 -13.11 26.79
C ILE A 137 7.89 -14.39 26.41
N MET A 138 8.65 -15.43 26.00
CA MET A 138 8.07 -16.72 25.66
C MET A 138 7.14 -17.22 26.77
N THR A 139 7.58 -17.10 28.02
CA THR A 139 6.74 -17.55 29.14
C THR A 139 5.49 -16.68 29.27
N MET A 140 5.63 -15.37 29.05
CA MET A 140 4.46 -14.50 29.08
C MET A 140 3.42 -14.92 28.05
N LEU A 141 3.85 -15.17 26.81
CA LEU A 141 2.93 -15.58 25.76
C LEU A 141 2.29 -16.92 26.09
N ILE A 142 3.10 -17.89 26.52
CA ILE A 142 2.60 -19.23 26.84
C ILE A 142 1.49 -19.15 27.87
N LEU A 143 1.64 -18.31 28.90
CA LEU A 143 0.66 -18.27 29.96
C LEU A 143 -0.59 -17.48 29.55
N LEU A 144 -0.40 -16.27 29.00
CA LEU A 144 -1.55 -15.45 28.65
C LEU A 144 -2.41 -16.09 27.59
N ARG A 145 -1.79 -16.74 26.61
CA ARG A 145 -2.50 -17.31 25.47
C ARG A 145 -2.90 -18.77 25.69
N ASN A 146 -2.66 -19.31 26.89
CA ASN A 146 -3.04 -20.66 27.26
C ASN A 146 -2.51 -21.70 26.27
N TYR A 147 -1.21 -21.59 25.95
CA TYR A 147 -0.58 -22.60 25.11
C TYR A 147 -0.65 -23.98 25.74
N GLY A 148 -0.69 -24.05 27.07
CA GLY A 148 -0.74 -25.33 27.75
C GLY A 148 -1.93 -26.18 27.34
N GLU A 149 -3.14 -25.64 27.47
CA GLU A 149 -4.32 -26.39 27.04
C GLU A 149 -4.43 -26.45 25.54
N GLY A 150 -4.00 -25.40 24.83
CA GLY A 150 -4.04 -25.43 23.38
C GLY A 150 -3.14 -26.51 22.81
N HIS A 151 -1.94 -26.65 23.38
CA HIS A 151 -1.05 -27.70 22.92
C HIS A 151 -1.51 -29.06 23.41
N ALA A 152 -2.06 -29.12 24.64
CA ALA A 152 -2.59 -30.38 25.13
C ALA A 152 -3.69 -30.90 24.22
N GLN A 153 -4.67 -30.04 23.90
CA GLN A 153 -5.79 -30.44 23.05
C GLN A 153 -5.30 -31.09 21.75
N ALA A 154 -4.24 -30.52 21.16
CA ALA A 154 -3.70 -31.10 19.94
C ALA A 154 -3.06 -32.46 20.20
N THR A 155 -2.36 -32.60 21.33
CA THR A 155 -1.61 -33.83 21.59
C THR A 155 -2.52 -34.98 21.96
N GLN A 156 -3.56 -34.73 22.77
CA GLN A 156 -4.44 -35.81 23.22
C GLN A 156 -5.63 -36.03 22.28
N GLY A 157 -5.61 -35.45 21.08
CA GLY A 157 -6.53 -35.84 20.03
C GLY A 157 -7.89 -35.19 20.01
N THR A 158 -8.12 -34.16 20.82
CA THR A 158 -9.45 -33.55 20.96
C THR A 158 -9.48 -32.20 20.21
N TRP A 159 -10.60 -31.48 20.36
CA TRP A 159 -10.79 -30.21 19.67
C TRP A 159 -11.71 -29.30 20.48
N ASP A 160 -11.42 -29.15 21.78
CA ASP A 160 -12.27 -28.38 22.69
C ASP A 160 -11.80 -26.92 22.69
N ILE A 161 -12.24 -26.18 21.67
CA ILE A 161 -11.85 -24.78 21.51
C ILE A 161 -12.17 -24.00 22.78
N ALA A 162 -13.38 -24.17 23.31
CA ALA A 162 -13.81 -23.40 24.47
C ALA A 162 -12.92 -23.65 25.68
N ALA A 163 -12.39 -24.87 25.82
CA ALA A 163 -11.52 -25.17 26.95
C ALA A 163 -10.23 -24.37 26.88
N VAL A 164 -9.73 -24.11 25.68
CA VAL A 164 -8.54 -23.29 25.52
C VAL A 164 -8.89 -21.81 25.65
N ALA A 165 -9.85 -21.35 24.84
CA ALA A 165 -10.13 -19.91 24.74
C ALA A 165 -10.60 -19.31 26.06
N LYS A 166 -11.29 -20.08 26.92
CA LYS A 166 -11.83 -19.51 28.15
C LYS A 166 -10.74 -18.90 29.04
N ASP A 167 -9.49 -19.30 28.88
CA ASP A 167 -8.38 -18.75 29.64
C ASP A 167 -7.28 -18.26 28.71
N GLU A 168 -7.68 -17.71 27.56
CA GLU A 168 -6.78 -17.27 26.52
C GLU A 168 -6.94 -15.77 26.34
N PHE A 169 -5.84 -15.03 26.51
CA PHE A 169 -5.86 -13.57 26.43
C PHE A 169 -4.74 -13.09 25.51
N ASP A 170 -4.93 -11.90 24.96
CA ASP A 170 -3.90 -11.24 24.18
C ASP A 170 -2.89 -10.55 25.10
N MET A 171 -1.65 -10.46 24.63
CA MET A 171 -0.67 -9.62 25.30
C MET A 171 -1.07 -8.15 25.24
N GLU A 172 -1.74 -7.76 24.15
CA GLU A 172 -2.06 -6.36 23.90
C GLU A 172 -3.01 -5.80 24.97
N ASP A 173 -2.79 -4.53 25.32
CA ASP A 173 -3.63 -3.80 26.26
C ASP A 173 -3.59 -4.40 27.67
N LYS A 174 -2.51 -5.09 27.99
CA LYS A 174 -2.27 -5.57 29.35
C LYS A 174 -1.17 -4.71 29.99
N VAL A 175 -1.18 -4.68 31.31
CA VAL A 175 -0.20 -3.93 32.09
C VAL A 175 0.92 -4.88 32.47
N PHE A 176 2.13 -4.57 32.01
CA PHE A 176 3.31 -5.36 32.31
C PHE A 176 4.20 -4.58 33.27
N ALA A 177 4.73 -5.26 34.27
CA ALA A 177 5.53 -4.63 35.31
C ALA A 177 6.73 -5.50 35.62
N THR A 178 7.91 -4.89 35.68
CA THR A 178 9.13 -5.61 36.00
C THR A 178 9.68 -5.17 37.35
N ILE A 179 10.04 -6.14 38.17
CA ILE A 179 10.78 -5.88 39.40
C ILE A 179 12.25 -5.99 39.03
N GLY A 180 12.90 -4.84 38.85
CA GLY A 180 14.24 -4.80 38.32
C GLY A 180 14.24 -4.33 36.88
N ALA A 181 14.95 -3.24 36.61
CA ALA A 181 15.07 -2.69 35.26
C ALA A 181 16.53 -2.69 34.83
N GLY A 182 17.24 -3.75 35.17
CA GLY A 182 18.63 -3.89 34.78
C GLY A 182 18.75 -4.30 33.33
N ARG A 183 19.89 -4.93 33.01
CA ARG A 183 20.14 -5.37 31.64
C ARG A 183 19.01 -6.24 31.12
N ILE A 184 18.56 -7.21 31.92
CA ILE A 184 17.52 -8.14 31.49
C ILE A 184 16.15 -7.48 31.55
N GLY A 185 15.81 -6.88 32.69
CA GLY A 185 14.49 -6.28 32.83
C GLY A 185 14.18 -5.26 31.76
N TYR A 186 15.17 -4.44 31.41
CA TYR A 186 14.95 -3.44 30.35
C TYR A 186 14.80 -4.10 28.99
N ARG A 187 15.52 -5.20 28.75
CA ARG A 187 15.42 -5.87 27.46
C ARG A 187 14.05 -6.51 27.27
N ILE A 188 13.41 -6.93 28.35
CA ILE A 188 12.04 -7.41 28.26
C ILE A 188 11.10 -6.27 27.89
N LEU A 189 11.28 -5.11 28.53
CA LEU A 189 10.47 -3.94 28.22
C LEU A 189 10.57 -3.59 26.73
N GLU A 190 11.78 -3.65 26.16
CA GLU A 190 11.95 -3.40 24.74
C GLU A 190 11.13 -4.37 23.91
N ARG A 191 11.20 -5.66 24.23
CA ARG A 191 10.51 -6.69 23.46
C ARG A 191 9.00 -6.67 23.69
N LEU A 192 8.52 -5.91 24.67
CA LEU A 192 7.09 -5.78 24.90
C LEU A 192 6.46 -4.64 24.13
N ILE A 193 7.26 -3.68 23.65
CA ILE A 193 6.71 -2.48 23.02
C ILE A 193 5.83 -2.84 21.83
N ALA A 194 6.37 -3.63 20.89
CA ALA A 194 5.65 -3.96 19.67
C ALA A 194 4.39 -4.79 19.93
N PHE A 195 4.25 -5.34 21.12
CA PHE A 195 3.02 -6.05 21.49
C PHE A 195 1.90 -5.10 21.90
N ASN A 196 2.17 -3.80 21.98
CA ASN A 196 1.21 -2.75 22.30
C ASN A 196 0.59 -2.94 23.68
N PRO A 197 1.38 -2.85 24.75
CA PRO A 197 0.80 -2.96 26.09
C PRO A 197 0.05 -1.69 26.48
N LYS A 198 -0.89 -1.86 27.41
CA LYS A 198 -1.55 -0.69 27.99
C LYS A 198 -0.55 0.22 28.70
N LYS A 199 0.29 -0.37 29.55
CA LYS A 199 1.30 0.38 30.27
C LYS A 199 2.45 -0.55 30.62
N LEU A 200 3.65 0.03 30.77
CA LEU A 200 4.83 -0.69 31.24
C LEU A 200 5.27 -0.06 32.55
N LEU A 201 5.17 -0.80 33.63
CA LEU A 201 5.59 -0.36 34.96
C LEU A 201 6.92 -0.98 35.33
N TYR A 202 7.66 -0.32 36.22
CA TYR A 202 8.91 -0.90 36.70
C TYR A 202 9.23 -0.44 38.12
N TYR A 203 10.03 -1.25 38.80
CA TYR A 203 10.43 -1.02 40.19
C TYR A 203 11.91 -1.36 40.36
N ASP A 204 12.71 -0.38 40.79
CA ASP A 204 14.15 -0.57 40.97
C ASP A 204 14.66 0.43 42.01
N TYR A 205 15.77 0.09 42.70
CA TYR A 205 16.24 1.05 43.70
C TYR A 205 16.80 2.31 43.08
N GLN A 206 16.94 2.31 41.77
CA GLN A 206 17.53 3.41 41.00
C GLN A 206 16.61 3.77 39.86
N PRO A 207 16.72 4.98 39.31
CA PRO A 207 15.90 5.33 38.15
C PRO A 207 16.45 4.69 36.89
N LEU A 208 15.55 4.53 35.93
CA LEU A 208 16.00 4.11 34.63
C LEU A 208 16.72 5.28 33.97
N PRO A 209 17.81 5.03 33.26
CA PRO A 209 18.51 6.15 32.63
C PRO A 209 17.57 7.00 31.78
N GLU A 210 17.91 8.28 31.74
CA GLU A 210 17.13 9.30 31.06
C GLU A 210 16.81 8.81 29.68
N GLU A 211 17.76 8.06 29.16
CA GLU A 211 18.03 8.05 27.76
C GLU A 211 17.49 6.74 27.25
N ALA A 212 17.39 5.82 28.22
CA ALA A 212 16.62 4.58 28.17
C ALA A 212 15.11 4.81 28.23
N ILE A 213 14.65 5.75 29.07
CA ILE A 213 13.22 6.11 29.09
C ILE A 213 12.77 6.58 27.72
N ASN A 214 13.56 7.47 27.11
CA ASN A 214 13.16 8.03 25.83
C ASN A 214 13.18 6.98 24.73
N LYS A 215 14.10 6.02 24.81
CA LYS A 215 14.16 4.94 23.82
C LYS A 215 12.88 4.12 23.83
N LEU A 216 12.41 3.74 25.02
CA LEU A 216 11.17 2.97 25.11
C LEU A 216 9.99 3.78 24.58
N ASN A 217 9.87 5.04 25.04
CA ASN A 217 8.79 5.89 24.58
C ASN A 217 8.86 6.11 23.07
N ALA A 218 10.09 6.19 22.53
CA ALA A 218 10.25 6.38 21.10
C ALA A 218 9.68 5.20 20.31
N ALA A 219 9.83 4.00 20.84
CA ALA A 219 9.29 2.82 20.17
C ALA A 219 7.78 2.71 20.34
N SER A 220 7.26 3.09 21.51
CA SER A 220 5.82 3.14 21.72
C SER A 220 5.15 4.08 20.72
N LYS A 221 5.67 5.31 20.60
CA LYS A 221 5.18 6.24 19.60
C LYS A 221 5.24 5.65 18.20
N LEU A 222 6.40 5.11 17.82
CA LEU A 222 6.58 4.60 16.45
C LEU A 222 5.62 3.46 16.14
N PHE A 223 5.62 2.43 16.98
CA PHE A 223 4.83 1.23 16.70
C PHE A 223 3.35 1.48 16.90
N ASN A 224 2.98 2.09 18.02
CA ASN A 224 1.59 2.09 18.48
C ASN A 224 0.98 3.48 18.62
N GLY A 225 1.73 4.55 18.33
CA GLY A 225 1.18 5.87 18.49
C GLY A 225 0.80 6.22 19.91
N VAL A 226 1.47 5.61 20.88
CA VAL A 226 1.23 5.90 22.30
C VAL A 226 2.51 6.48 22.89
N ASP A 227 2.41 7.58 23.62
CA ASP A 227 3.59 8.17 24.31
C ASP A 227 3.45 7.83 25.80
N ASN A 228 4.52 7.97 26.56
CA ASN A 228 4.50 7.72 28.03
C ASN A 228 4.01 6.30 28.30
N ILE A 229 4.75 5.29 27.84
CA ILE A 229 4.39 3.87 28.11
C ILE A 229 5.11 3.38 29.36
N ILE A 230 6.29 3.92 29.65
CA ILE A 230 7.11 3.43 30.80
C ILE A 230 6.87 4.35 32.01
N GLU A 231 6.72 3.76 33.19
CA GLU A 231 6.44 4.57 34.36
C GLU A 231 6.96 3.85 35.60
N ARG A 232 7.68 4.59 36.44
CA ARG A 232 8.17 4.07 37.70
C ARG A 232 7.10 4.08 38.77
N VAL A 233 6.97 2.94 39.47
CA VAL A 233 6.14 2.79 40.65
C VAL A 233 7.10 2.61 41.82
N GLU A 234 6.80 3.27 42.93
CA GLU A 234 7.72 3.26 44.06
C GLU A 234 7.34 2.25 45.13
N ASN A 235 6.07 1.88 45.22
CA ASN A 235 5.63 0.91 46.21
C ASN A 235 5.46 -0.44 45.53
N LEU A 236 6.21 -1.42 46.00
CA LEU A 236 6.14 -2.76 45.42
C LEU A 236 4.71 -3.28 45.42
N GLU A 237 3.97 -3.00 46.49
CA GLU A 237 2.61 -3.49 46.61
C GLU A 237 1.67 -2.79 45.62
N ASP A 238 1.96 -1.52 45.31
CA ASP A 238 1.26 -0.83 44.23
C ASP A 238 1.58 -1.44 42.88
N LEU A 239 2.88 -1.60 42.58
CA LEU A 239 3.30 -2.12 41.28
C LEU A 239 2.58 -3.42 40.93
N VAL A 240 2.53 -4.34 41.89
CA VAL A 240 1.87 -5.62 41.63
C VAL A 240 0.36 -5.47 41.60
N SER A 241 -0.18 -4.45 42.28
CA SER A 241 -1.62 -4.26 42.32
C SER A 241 -2.17 -3.85 40.95
N GLN A 242 -1.43 -3.04 40.22
CA GLN A 242 -1.89 -2.52 38.93
C GLN A 242 -1.58 -3.42 37.75
N ALA A 243 -0.79 -4.46 37.94
CA ALA A 243 -0.23 -5.21 36.83
C ALA A 243 -1.05 -6.46 36.52
N ASP A 244 -1.12 -6.79 35.24
CA ASP A 244 -1.62 -8.08 34.79
C ASP A 244 -0.50 -9.11 34.74
N VAL A 245 0.72 -8.66 34.42
CA VAL A 245 1.91 -9.51 34.34
C VAL A 245 3.00 -8.84 35.15
N VAL A 246 3.64 -9.58 36.05
CA VAL A 246 4.82 -9.11 36.74
C VAL A 246 5.99 -10.02 36.39
N THR A 247 7.14 -9.42 36.13
CA THR A 247 8.37 -10.13 35.83
C THR A 247 9.40 -9.85 36.90
N LEU A 248 10.03 -10.90 37.41
CA LEU A 248 11.13 -10.76 38.35
C LEU A 248 12.43 -10.71 37.55
N ASN A 249 13.19 -9.62 37.70
CA ASN A 249 14.43 -9.42 36.95
C ASN A 249 15.50 -8.81 37.85
N CYS A 250 15.60 -9.31 39.07
CA CYS A 250 16.56 -8.83 40.03
C CYS A 250 17.36 -9.99 40.59
N PRO A 251 18.54 -9.74 41.14
CA PRO A 251 19.33 -10.83 41.71
C PRO A 251 18.82 -11.23 43.10
N LEU A 252 19.37 -12.33 43.58
CA LEU A 252 19.02 -12.89 44.88
C LEU A 252 20.05 -12.48 45.92
N TYR A 253 19.66 -11.59 46.83
CA TYR A 253 20.46 -11.30 48.01
C TYR A 253 19.54 -11.35 49.24
N GLU A 254 20.12 -11.07 50.41
CA GLU A 254 19.42 -11.32 51.67
C GLU A 254 18.10 -10.56 51.75
N LYS A 255 18.08 -9.31 51.28
CA LYS A 255 16.86 -8.52 51.41
C LYS A 255 15.81 -8.91 50.37
N SER A 256 16.23 -9.47 49.23
CA SER A 256 15.30 -9.86 48.18
C SER A 256 14.80 -11.30 48.31
N LYS A 257 15.49 -12.14 49.08
CA LYS A 257 15.05 -13.52 49.26
C LYS A 257 13.66 -13.56 49.89
N GLY A 258 12.74 -14.27 49.24
CA GLY A 258 11.40 -14.43 49.77
C GLY A 258 10.48 -13.25 49.56
N MET A 259 10.89 -12.26 48.76
CA MET A 259 10.09 -11.05 48.59
C MET A 259 8.70 -11.34 48.04
N PHE A 260 8.53 -12.43 47.30
CA PHE A 260 7.26 -12.73 46.65
C PHE A 260 6.50 -13.76 47.49
N ASN A 261 5.93 -13.28 48.58
CA ASN A 261 5.31 -14.14 49.57
C ASN A 261 3.79 -14.12 49.42
N LYS A 262 3.10 -14.79 50.33
CA LYS A 262 1.64 -14.79 50.35
C LYS A 262 1.05 -13.38 50.42
N GLU A 263 1.66 -12.50 51.23
CA GLU A 263 1.15 -11.13 51.36
C GLU A 263 1.22 -10.37 50.04
N LEU A 264 2.32 -10.50 49.31
CA LEU A 264 2.46 -9.74 48.07
C LEU A 264 1.63 -10.34 46.94
N ILE A 265 1.64 -11.68 46.82
CA ILE A 265 0.88 -12.34 45.76
C ILE A 265 -0.59 -11.97 45.84
N SER A 266 -1.16 -12.06 47.04
CA SER A 266 -2.59 -11.84 47.23
C SER A 266 -2.97 -10.38 47.09
N LYS A 267 -1.99 -9.47 46.97
CA LYS A 267 -2.27 -8.09 46.62
C LYS A 267 -2.34 -7.88 45.11
N MET A 268 -2.21 -8.94 44.31
CA MET A 268 -2.36 -8.92 42.87
C MET A 268 -3.79 -9.31 42.50
N LYS A 269 -4.21 -8.90 41.30
CA LYS A 269 -5.54 -9.29 40.81
C LYS A 269 -5.59 -10.77 40.50
N LYS A 270 -6.75 -11.38 40.78
CA LYS A 270 -7.02 -12.74 40.34
C LYS A 270 -6.86 -12.87 38.83
N GLY A 271 -6.23 -13.96 38.41
CA GLY A 271 -5.99 -14.17 37.00
C GLY A 271 -4.81 -13.40 36.45
N SER A 272 -3.97 -12.84 37.33
CA SER A 272 -2.72 -12.22 36.92
C SER A 272 -1.67 -13.30 36.66
N TYR A 273 -0.45 -12.87 36.36
CA TYR A 273 0.61 -13.76 35.95
C TYR A 273 1.92 -13.31 36.60
N VAL A 274 2.72 -14.29 37.03
CA VAL A 274 4.04 -14.02 37.60
C VAL A 274 5.07 -14.78 36.78
N ILE A 275 6.08 -14.05 36.29
CA ILE A 275 7.17 -14.62 35.52
C ILE A 275 8.45 -14.42 36.31
N ASN A 276 9.19 -15.51 36.53
CA ASN A 276 10.45 -15.42 37.27
C ASN A 276 11.51 -16.20 36.50
N THR A 277 12.35 -15.44 35.80
CA THR A 277 13.47 -16.04 35.02
C THR A 277 14.76 -15.60 35.69
N ALA A 278 14.66 -15.00 36.89
CA ALA A 278 15.84 -14.45 37.59
C ALA A 278 16.42 -15.47 38.56
N ARG A 279 15.92 -15.53 39.79
CA ARG A 279 16.35 -16.54 40.77
C ARG A 279 15.10 -17.04 41.49
N GLY A 280 15.00 -18.33 41.76
CA GLY A 280 13.81 -18.92 42.37
C GLY A 280 13.58 -18.48 43.81
N ALA A 281 14.66 -18.26 44.56
CA ALA A 281 14.50 -17.88 45.96
C ALA A 281 13.98 -16.46 46.15
N LEU A 282 13.78 -15.71 45.06
CA LEU A 282 13.08 -14.43 45.17
C LEU A 282 11.64 -14.59 45.61
N THR A 283 11.10 -15.79 45.54
CA THR A 283 9.73 -16.08 45.91
C THR A 283 9.70 -16.93 47.19
N ASP A 284 8.54 -16.93 47.83
CA ASP A 284 8.21 -17.97 48.79
C ASP A 284 7.64 -19.13 47.98
N PRO A 285 8.41 -20.21 47.79
CA PRO A 285 7.98 -21.26 46.85
C PRO A 285 6.61 -21.84 47.17
N GLN A 286 6.30 -22.07 48.43
CA GLN A 286 4.99 -22.61 48.78
C GLN A 286 3.88 -21.59 48.53
N ALA A 287 4.15 -20.32 48.78
CA ALA A 287 3.16 -19.29 48.49
C ALA A 287 2.85 -19.22 47.00
N ILE A 288 3.85 -19.44 46.15
CA ILE A 288 3.62 -19.45 44.71
C ILE A 288 2.73 -20.62 44.32
N ALA A 289 3.10 -21.83 44.76
CA ALA A 289 2.32 -23.01 44.41
C ALA A 289 0.89 -22.89 44.92
N ASP A 290 0.71 -22.33 46.12
CA ASP A 290 -0.63 -22.16 46.67
C ASP A 290 -1.47 -21.24 45.81
N ALA A 291 -0.88 -20.12 45.38
CA ALA A 291 -1.61 -19.15 44.57
C ALA A 291 -1.89 -19.69 43.17
N VAL A 292 -0.99 -20.50 42.62
CA VAL A 292 -1.25 -21.15 41.34
C VAL A 292 -2.34 -22.20 41.49
N ASN A 293 -2.24 -23.03 42.53
CA ASN A 293 -3.21 -24.09 42.72
C ASN A 293 -4.59 -23.53 43.04
N SER A 294 -4.65 -22.36 43.68
CA SER A 294 -5.93 -21.72 43.97
C SER A 294 -6.48 -20.93 42.79
N GLY A 295 -5.70 -20.74 41.73
CA GLY A 295 -6.12 -19.99 40.57
C GLY A 295 -5.89 -18.49 40.66
N HIS A 296 -5.30 -18.01 41.75
CA HIS A 296 -5.10 -16.57 41.89
C HIS A 296 -4.12 -16.04 40.84
N ILE A 297 -3.05 -16.77 40.56
CA ILE A 297 -2.06 -16.37 39.58
C ILE A 297 -1.70 -17.56 38.70
N ALA A 298 -1.04 -17.27 37.59
CA ALA A 298 -0.30 -18.23 36.80
C ALA A 298 1.18 -17.94 36.95
N TYR A 299 1.99 -18.99 36.95
CA TYR A 299 3.41 -18.84 37.19
C TYR A 299 4.19 -19.62 36.14
N GLY A 300 5.31 -19.03 35.70
CA GLY A 300 6.20 -19.69 34.77
C GLY A 300 7.60 -19.12 34.93
N GLY A 301 8.57 -19.86 34.42
CA GLY A 301 9.96 -19.49 34.59
C GLY A 301 10.84 -20.72 34.54
N ASP A 302 12.16 -20.46 34.54
CA ASP A 302 13.12 -21.53 34.45
C ASP A 302 14.01 -21.68 35.69
N VAL A 303 13.94 -20.75 36.64
CA VAL A 303 14.81 -20.78 37.82
C VAL A 303 14.05 -21.40 38.99
N TRP A 304 14.76 -22.18 39.79
CA TRP A 304 14.21 -22.95 40.89
C TRP A 304 14.96 -22.61 42.17
N PRO A 305 14.37 -22.88 43.34
CA PRO A 305 15.06 -22.52 44.59
C PRO A 305 16.29 -23.36 44.86
N VAL A 306 16.23 -24.66 44.59
CA VAL A 306 17.37 -25.54 44.73
C VAL A 306 17.51 -26.30 43.42
N GLN A 307 18.70 -26.22 42.81
CA GLN A 307 18.96 -26.86 41.52
C GLN A 307 20.08 -27.87 41.70
N PRO A 308 19.87 -29.15 41.35
CA PRO A 308 18.67 -29.65 40.66
C PRO A 308 17.44 -29.69 41.55
N ALA A 309 16.26 -29.49 40.96
CA ALA A 309 15.06 -29.42 41.77
C ALA A 309 14.61 -30.82 42.17
N PRO A 310 14.17 -31.01 43.41
CA PRO A 310 13.64 -32.32 43.80
C PRO A 310 12.45 -32.65 42.92
N LYS A 311 12.27 -33.95 42.68
CA LYS A 311 11.24 -34.49 41.81
C LYS A 311 9.85 -34.24 42.40
N ASP A 312 9.73 -34.14 43.73
CA ASP A 312 8.46 -33.80 44.36
C ASP A 312 8.34 -32.30 44.64
N MET A 313 9.11 -31.48 43.94
CA MET A 313 9.02 -30.03 44.11
C MET A 313 7.65 -29.55 43.68
N PRO A 314 6.97 -28.74 44.50
CA PRO A 314 5.56 -28.40 44.19
C PRO A 314 5.38 -27.72 42.84
N TRP A 315 6.39 -27.01 42.35
CA TRP A 315 6.25 -26.28 41.10
C TRP A 315 6.11 -27.19 39.89
N ARG A 316 6.52 -28.45 39.99
CA ARG A 316 6.44 -29.36 38.86
C ARG A 316 5.03 -29.89 38.65
N THR A 317 4.17 -29.81 39.66
CA THR A 317 2.79 -30.27 39.59
C THR A 317 1.81 -29.13 39.80
N MET A 318 2.31 -27.89 39.93
CA MET A 318 1.46 -26.71 39.96
C MET A 318 0.53 -26.69 38.75
N HIS A 319 -0.71 -26.29 38.97
CA HIS A 319 -1.62 -25.99 37.88
C HIS A 319 -2.83 -25.26 38.44
N ASN A 320 -3.37 -24.35 37.62
CA ASN A 320 -4.60 -23.66 37.97
C ASN A 320 -5.75 -24.66 38.10
N PRO A 321 -6.80 -24.30 38.84
CA PRO A 321 -7.95 -25.21 38.99
C PRO A 321 -8.54 -25.70 37.69
N TYR A 322 -8.49 -24.88 36.62
CA TYR A 322 -9.11 -25.26 35.36
C TYR A 322 -8.60 -26.61 34.85
N GLY A 323 -7.37 -26.98 35.17
CA GLY A 323 -6.82 -28.23 34.71
C GLY A 323 -5.32 -28.27 34.84
N LYS A 324 -4.77 -29.44 34.53
CA LYS A 324 -3.34 -29.68 34.69
C LYS A 324 -2.50 -28.76 33.82
N ASP A 325 -2.99 -28.40 32.64
CA ASP A 325 -2.23 -27.59 31.69
C ASP A 325 -2.65 -26.11 31.72
N TYR A 326 -3.08 -25.62 32.87
CA TYR A 326 -3.46 -24.23 33.03
C TYR A 326 -2.52 -23.52 33.99
N GLY A 327 -2.06 -22.34 33.60
CA GLY A 327 -1.30 -21.50 34.51
C GLY A 327 0.05 -22.03 34.93
N ASN A 328 0.60 -23.00 34.20
CA ASN A 328 1.87 -23.61 34.54
C ASN A 328 2.78 -23.54 33.32
N ALA A 329 3.93 -22.88 33.47
CA ALA A 329 4.90 -22.76 32.40
C ALA A 329 6.32 -22.91 32.96
N MET A 330 6.52 -23.94 33.78
CA MET A 330 7.84 -24.20 34.32
C MET A 330 8.71 -24.90 33.29
N THR A 331 9.96 -24.44 33.19
CA THR A 331 11.02 -25.22 32.57
C THR A 331 12.19 -25.32 33.54
N VAL A 332 13.02 -26.33 33.33
CA VAL A 332 14.29 -26.41 34.03
C VAL A 332 15.21 -25.28 33.58
N HIS A 333 16.20 -24.98 34.41
CA HIS A 333 17.06 -23.82 34.16
C HIS A 333 17.85 -24.00 32.87
N VAL A 334 17.37 -23.39 31.79
CA VAL A 334 17.95 -23.58 30.47
C VAL A 334 18.15 -22.29 29.71
N SER A 335 17.47 -21.20 30.08
CA SER A 335 17.42 -20.00 29.25
C SER A 335 18.82 -19.46 28.96
N GLY A 336 19.68 -19.40 29.97
CA GLY A 336 21.01 -18.89 29.77
C GLY A 336 22.02 -19.87 29.21
N THR A 337 21.62 -21.10 28.91
CA THR A 337 22.53 -22.10 28.40
C THR A 337 22.15 -22.57 27.00
N SER A 338 21.41 -21.74 26.26
CA SER A 338 21.21 -21.98 24.84
C SER A 338 22.55 -22.11 24.14
N LEU A 339 22.55 -22.82 23.01
CA LEU A 339 23.80 -23.08 22.29
C LEU A 339 24.54 -21.79 21.97
N ASP A 340 23.81 -20.74 21.62
CA ASP A 340 24.45 -19.46 21.33
C ASP A 340 25.03 -18.83 22.59
N ALA A 341 24.31 -18.96 23.72
CA ALA A 341 24.83 -18.40 24.96
C ALA A 341 26.05 -19.17 25.45
N GLN A 342 26.06 -20.49 25.24
CA GLN A 342 27.18 -21.31 25.68
C GLN A 342 28.47 -20.88 25.01
N ALA A 343 28.42 -20.55 23.72
CA ALA A 343 29.60 -20.04 23.02
C ALA A 343 30.10 -18.74 23.64
N ARG A 344 29.18 -17.88 24.10
CA ARG A 344 29.59 -16.61 24.70
C ARG A 344 30.25 -16.83 26.06
N TYR A 345 29.59 -17.55 26.96
CA TYR A 345 30.12 -17.66 28.30
C TYR A 345 31.28 -18.66 28.38
N ALA A 346 31.38 -19.60 27.45
CA ALA A 346 32.61 -20.39 27.35
C ALA A 346 33.79 -19.49 27.02
N ASN A 347 33.61 -18.57 26.07
CA ASN A 347 34.67 -17.64 25.71
C ASN A 347 34.98 -16.68 26.86
N GLY A 348 33.94 -16.22 27.57
CA GLY A 348 34.16 -15.33 28.71
C GLY A 348 34.91 -15.98 29.87
N VAL A 349 34.67 -17.27 30.12
CA VAL A 349 35.45 -17.97 31.12
C VAL A 349 36.90 -18.11 30.65
N LYS A 350 37.08 -18.32 29.34
CA LYS A 350 38.43 -18.37 28.77
C LYS A 350 39.15 -17.05 28.89
N GLN A 351 38.46 -15.95 28.63
CA GLN A 351 39.09 -14.64 28.81
C GLN A 351 39.50 -14.43 30.26
N ILE A 352 38.64 -14.83 31.19
CA ILE A 352 38.91 -14.62 32.61
C ILE A 352 40.10 -15.47 33.07
N LEU A 353 40.16 -16.73 32.63
CA LEU A 353 41.26 -17.60 33.02
C LEU A 353 42.57 -17.13 32.42
N THR A 354 42.55 -16.69 31.15
CA THR A 354 43.76 -16.19 30.51
C THR A 354 44.30 -14.97 31.26
N GLU A 355 43.42 -14.06 31.67
CA GLU A 355 43.86 -12.91 32.46
C GLU A 355 44.44 -13.36 33.79
N TYR A 356 43.85 -14.38 34.41
CA TYR A 356 44.33 -14.85 35.70
C TYR A 356 45.65 -15.59 35.57
N PHE A 357 45.72 -16.55 34.63
CA PHE A 357 46.93 -17.34 34.44
C PHE A 357 48.11 -16.46 34.09
N ASP A 358 47.96 -15.60 33.09
CA ASP A 358 49.02 -14.68 32.68
C ASP A 358 49.28 -13.60 33.73
N LYS A 359 48.52 -13.60 34.82
CA LYS A 359 48.71 -12.65 35.92
C LYS A 359 48.57 -11.21 35.44
N THR A 360 47.72 -11.00 34.44
CA THR A 360 47.46 -9.63 34.02
C THR A 360 46.30 -9.05 34.80
N TYR A 361 45.27 -9.87 35.09
CA TYR A 361 44.17 -9.52 35.99
C TYR A 361 43.32 -8.36 35.48
N LYS A 362 43.28 -8.19 34.16
CA LYS A 362 42.62 -7.03 33.57
C LYS A 362 41.25 -7.45 33.06
N TYR A 363 40.49 -7.95 34.04
CA TYR A 363 39.13 -8.44 33.83
C TYR A 363 38.20 -7.31 33.45
N ARG A 364 37.18 -7.64 32.66
CA ARG A 364 36.15 -6.68 32.33
C ARG A 364 35.45 -6.23 33.61
N PRO A 365 35.30 -4.92 33.83
CA PRO A 365 34.67 -4.44 35.08
C PRO A 365 33.31 -5.06 35.36
N GLN A 366 32.52 -5.32 34.31
CA GLN A 366 31.19 -5.90 34.51
C GLN A 366 31.27 -7.32 35.06
N ASP A 367 32.29 -8.08 34.69
CA ASP A 367 32.40 -9.46 35.11
C ASP A 367 32.67 -9.61 36.60
N VAL A 368 33.23 -8.59 37.24
CA VAL A 368 33.64 -8.70 38.64
C VAL A 368 32.43 -8.47 39.52
N ILE A 369 32.09 -9.46 40.34
CA ILE A 369 31.11 -9.31 41.41
C ILE A 369 31.79 -9.00 42.73
N CYS A 370 32.82 -9.78 43.08
CA CYS A 370 33.58 -9.59 44.30
C CYS A 370 35.07 -9.67 43.96
N ILE A 371 35.85 -8.76 44.54
CA ILE A 371 37.30 -8.79 44.37
C ILE A 371 37.95 -8.14 45.58
N ASP A 372 39.10 -8.68 45.99
CA ASP A 372 39.92 -8.13 47.06
C ASP A 372 39.09 -7.82 48.31
N GLY A 373 38.13 -8.70 48.60
CA GLY A 373 37.36 -8.65 49.82
C GLY A 373 36.29 -7.57 49.87
N HIS A 374 35.84 -7.06 48.73
CA HIS A 374 34.71 -6.14 48.70
C HIS A 374 33.82 -6.44 47.50
N TYR A 375 32.50 -6.39 47.70
CA TYR A 375 31.57 -6.55 46.55
C TYR A 375 31.87 -5.39 45.61
N ALA A 376 32.48 -5.69 44.48
CA ALA A 376 32.91 -4.67 43.51
C ALA A 376 31.81 -4.28 42.54
N THR A 377 30.56 -4.27 42.98
CA THR A 377 29.42 -3.91 42.13
C THR A 377 28.16 -3.87 43.00
N LYS A 378 27.11 -3.29 42.44
CA LYS A 378 25.78 -3.34 43.05
C LYS A 378 24.90 -4.42 42.43
N ALA A 379 25.51 -5.46 41.86
CA ALA A 379 24.79 -6.55 41.23
C ALA A 379 24.58 -7.75 42.16
N TYR A 380 25.08 -7.66 43.40
CA TYR A 380 24.93 -8.69 44.42
C TYR A 380 25.03 -10.12 43.88
N GLY B 9 -19.89 12.20 25.71
CA GLY B 9 -21.32 12.23 25.86
C GLY B 9 -22.07 12.61 24.60
N LYS B 10 -21.43 13.41 23.76
CA LYS B 10 -21.97 13.89 22.49
C LYS B 10 -20.99 13.62 21.35
N PRO B 11 -21.48 13.46 20.12
CA PRO B 11 -20.58 13.30 18.99
C PRO B 11 -19.76 14.56 18.76
N LYS B 12 -18.52 14.37 18.32
CA LYS B 12 -17.52 15.44 18.27
C LYS B 12 -17.26 15.88 16.83
N VAL B 13 -17.23 17.19 16.64
CA VAL B 13 -16.62 17.81 15.46
C VAL B 13 -15.25 18.31 15.89
N LEU B 14 -14.20 17.80 15.25
CA LEU B 14 -12.83 18.12 15.58
C LEU B 14 -12.26 19.03 14.51
N MET B 15 -11.86 20.24 14.90
CA MET B 15 -11.40 21.25 13.96
C MET B 15 -9.99 21.71 14.33
N ALA B 16 -9.11 21.80 13.32
CA ALA B 16 -7.75 22.28 13.51
C ALA B 16 -7.51 23.46 12.57
N LEU B 17 -7.34 24.65 13.13
CA LEU B 17 -7.07 25.88 12.38
C LEU B 17 -5.80 26.52 12.94
N TYR B 18 -5.37 27.61 12.31
CA TYR B 18 -4.19 28.31 12.81
C TYR B 18 -4.58 29.34 13.85
N SER B 19 -3.65 29.60 14.77
CA SER B 19 -3.94 30.52 15.85
C SER B 19 -4.13 31.93 15.29
N GLY B 20 -5.05 32.66 15.88
CA GLY B 20 -5.24 34.02 15.43
C GLY B 20 -4.47 34.85 16.41
N GLY B 21 -4.47 34.41 17.66
CA GLY B 21 -3.68 35.11 18.62
C GLY B 21 -4.14 36.53 18.74
N LYS B 22 -3.22 37.48 18.78
CA LYS B 22 -3.77 38.80 19.06
C LYS B 22 -4.57 39.37 17.89
N HIS B 23 -4.24 38.90 16.67
CA HIS B 23 -4.80 39.35 15.38
C HIS B 23 -6.31 39.08 15.27
N ALA B 24 -6.77 37.97 15.83
CA ALA B 24 -8.20 37.66 15.73
C ALA B 24 -9.04 38.68 16.46
N LYS B 25 -8.45 39.38 17.44
CA LYS B 25 -9.15 40.44 18.14
C LYS B 25 -9.22 41.73 17.33
N GLU B 26 -8.32 41.92 16.38
CA GLU B 26 -8.31 43.11 15.53
C GLU B 26 -9.03 42.88 14.21
N GLU B 27 -9.54 41.67 13.96
CA GLU B 27 -10.08 41.32 12.65
C GLU B 27 -11.10 40.21 12.81
N PRO B 28 -12.38 40.55 13.02
CA PRO B 28 -13.42 39.51 13.02
C PRO B 28 -13.46 38.71 11.74
N ARG B 29 -12.96 39.26 10.63
CA ARG B 29 -12.92 38.58 9.36
C ARG B 29 -11.90 37.45 9.31
N LEU B 30 -11.11 37.28 10.37
CA LEU B 30 -10.23 36.13 10.48
C LEU B 30 -11.04 34.89 10.80
N LEU B 31 -11.95 34.51 9.90
CA LEU B 31 -12.85 33.39 10.16
C LEU B 31 -12.09 32.07 10.27
N GLY B 32 -10.98 31.95 9.55
CA GLY B 32 -10.26 30.69 9.50
C GLY B 32 -9.30 30.44 10.64
N THR B 33 -9.55 31.05 11.80
CA THR B 33 -8.68 30.90 12.96
C THR B 33 -9.36 30.10 14.05
N VAL B 34 -8.54 29.64 15.00
CA VAL B 34 -9.07 28.91 16.16
C VAL B 34 -10.07 29.76 16.92
N GLU B 35 -9.77 31.04 17.11
CA GLU B 35 -10.60 31.89 17.97
C GLU B 35 -11.98 32.13 17.37
N ASN B 36 -12.11 32.08 16.04
CA ASN B 36 -13.38 32.38 15.39
C ASN B 36 -14.08 31.16 14.81
N GLU B 37 -13.38 30.02 14.68
CA GLU B 37 -13.99 28.73 14.40
C GLU B 37 -14.89 28.74 13.16
N LEU B 38 -14.52 29.52 12.15
CA LEU B 38 -15.25 29.56 10.87
C LEU B 38 -16.69 30.02 11.04
N GLY B 39 -17.10 30.34 12.27
CA GLY B 39 -18.48 30.68 12.53
C GLY B 39 -19.43 29.52 12.40
N ILE B 40 -18.94 28.28 12.63
CA ILE B 40 -19.77 27.10 12.53
C ILE B 40 -20.25 26.59 13.87
N ARG B 41 -19.84 27.22 14.97
CA ARG B 41 -20.17 26.70 16.29
C ARG B 41 -21.67 26.65 16.50
N LYS B 42 -22.38 27.73 16.14
CA LYS B 42 -23.82 27.77 16.32
C LYS B 42 -24.51 26.66 15.52
N LEU B 43 -24.06 26.44 14.28
CA LEU B 43 -24.64 25.36 13.48
C LEU B 43 -24.30 23.99 14.06
N VAL B 44 -23.09 23.82 14.57
CA VAL B 44 -22.67 22.52 15.11
C VAL B 44 -23.43 22.19 16.39
N GLU B 45 -23.57 23.16 17.28
CA GLU B 45 -24.29 22.92 18.53
C GLU B 45 -25.80 22.84 18.32
N GLU B 46 -26.31 23.39 17.20
CA GLU B 46 -27.72 23.25 16.88
C GLU B 46 -28.09 21.80 16.56
N HIS B 47 -27.13 21.01 16.10
CA HIS B 47 -27.37 19.60 15.79
C HIS B 47 -26.85 18.67 16.87
N GLY B 48 -26.54 19.18 18.05
CA GLY B 48 -26.19 18.36 19.19
C GLY B 48 -24.77 17.85 19.23
N TYR B 49 -23.90 18.33 18.35
CA TYR B 49 -22.51 17.87 18.35
C TYR B 49 -21.66 18.74 19.27
N GLU B 50 -20.53 18.17 19.69
CA GLU B 50 -19.50 18.93 20.38
C GLU B 50 -18.51 19.48 19.35
N LEU B 51 -18.13 20.74 19.52
CA LEU B 51 -17.14 21.36 18.66
C LEU B 51 -15.87 21.61 19.46
N VAL B 52 -14.78 20.97 19.04
CA VAL B 52 -13.46 21.16 19.64
C VAL B 52 -12.54 21.74 18.59
N THR B 53 -11.90 22.85 18.92
CA THR B 53 -11.08 23.60 17.98
C THR B 53 -9.72 23.87 18.61
N THR B 54 -8.64 23.46 17.92
CA THR B 54 -7.29 23.65 18.43
C THR B 54 -6.36 24.01 17.29
N ALA B 55 -5.28 24.72 17.61
CA ALA B 55 -4.16 24.90 16.69
C ALA B 55 -2.99 24.01 17.06
N ASP B 56 -3.16 23.19 18.09
CA ASP B 56 -2.14 22.25 18.53
C ASP B 56 -2.34 20.94 17.77
N LYS B 57 -1.71 20.85 16.60
CA LYS B 57 -1.90 19.71 15.71
C LYS B 57 -0.66 18.83 15.56
N ASP B 58 0.50 19.31 15.97
CA ASP B 58 1.79 18.65 15.95
C ASP B 58 2.32 18.85 17.37
N PRO B 59 3.10 17.91 17.92
CA PRO B 59 3.70 16.66 17.46
C PRO B 59 2.80 15.45 17.63
N PHE B 60 3.07 14.38 16.88
CA PHE B 60 2.28 13.17 17.01
C PHE B 60 2.88 12.29 18.11
N PRO B 61 2.07 11.62 18.96
CA PRO B 61 0.62 11.67 19.13
C PRO B 61 0.19 12.34 20.44
N SER B 62 0.90 13.38 20.87
CA SER B 62 0.58 14.05 22.12
C SER B 62 -0.18 15.35 21.92
N SER B 63 -0.48 15.72 20.68
CA SER B 63 -1.20 16.96 20.42
C SER B 63 -2.65 16.82 20.85
N THR B 64 -3.26 17.98 21.14
CA THR B 64 -4.69 18.02 21.43
C THR B 64 -5.51 17.36 20.32
N PHE B 65 -5.13 17.62 19.06
CA PHE B 65 -5.80 16.99 17.93
C PHE B 65 -5.79 15.47 18.06
N ASP B 66 -4.62 14.90 18.38
CA ASP B 66 -4.53 13.46 18.58
C ASP B 66 -5.45 12.99 19.71
N LYS B 67 -5.51 13.76 20.80
CA LYS B 67 -6.27 13.34 21.97
C LYS B 67 -7.78 13.46 21.78
N ASN B 68 -8.25 14.12 20.72
CA ASN B 68 -9.67 14.17 20.40
C ASN B 68 -10.04 13.28 19.22
N LEU B 69 -9.09 12.51 18.69
CA LEU B 69 -9.40 11.59 17.60
C LEU B 69 -10.42 10.51 17.97
N PRO B 70 -10.34 9.84 19.13
CA PRO B 70 -11.26 8.72 19.39
C PRO B 70 -12.73 9.04 19.18
N ASP B 71 -13.19 10.22 19.58
CA ASP B 71 -14.59 10.60 19.49
C ASP B 71 -14.88 11.50 18.30
N ALA B 72 -13.91 11.70 17.41
CA ALA B 72 -14.08 12.60 16.28
C ALA B 72 -14.93 11.91 15.22
N GLU B 73 -16.14 12.41 15.02
CA GLU B 73 -16.96 12.00 13.89
C GLU B 73 -16.64 12.83 12.65
N ILE B 74 -16.40 14.12 12.83
CA ILE B 74 -16.07 15.05 11.74
C ILE B 74 -14.73 15.68 12.06
N ILE B 75 -13.84 15.72 11.07
CA ILE B 75 -12.54 16.38 11.20
C ILE B 75 -12.46 17.49 10.15
N ILE B 76 -12.19 18.71 10.60
CA ILE B 76 -12.06 19.87 9.73
C ILE B 76 -10.63 20.39 9.83
N THR B 77 -9.94 20.44 8.70
CA THR B 77 -8.59 20.99 8.62
C THR B 77 -8.55 22.12 7.60
N THR B 78 -7.46 22.87 7.63
CA THR B 78 -7.23 23.97 6.70
C THR B 78 -5.80 23.86 6.17
N PRO B 79 -5.59 23.99 4.86
CA PRO B 79 -4.28 23.63 4.30
C PRO B 79 -3.17 24.56 4.75
N PHE B 80 -3.49 25.80 5.09
CA PHE B 80 -2.49 26.77 5.50
C PHE B 80 -1.84 26.38 6.83
N PHE B 81 -2.53 25.59 7.64
CA PHE B 81 -1.99 25.04 8.88
C PHE B 81 -2.59 23.65 9.03
N PRO B 82 -2.10 22.68 8.26
CA PRO B 82 -2.87 21.44 8.06
C PRO B 82 -2.57 20.35 9.08
N ALA B 83 -3.60 19.87 9.77
CA ALA B 83 -3.45 18.69 10.61
C ALA B 83 -3.37 17.48 9.69
N TYR B 84 -2.20 16.84 9.63
CA TYR B 84 -1.98 15.74 8.71
C TYR B 84 -2.72 14.50 9.19
N VAL B 85 -3.71 14.09 8.41
CA VAL B 85 -4.57 12.96 8.79
C VAL B 85 -3.94 11.73 8.14
N THR B 86 -2.95 11.15 8.84
CA THR B 86 -2.18 10.04 8.33
C THR B 86 -2.86 8.72 8.65
N LYS B 87 -2.37 7.65 8.05
CA LYS B 87 -2.84 6.30 8.35
C LYS B 87 -2.89 6.06 9.86
N GLU B 88 -1.83 6.44 10.57
CA GLU B 88 -1.75 6.22 12.01
C GLU B 88 -2.87 6.92 12.76
N ARG B 89 -3.18 8.16 12.36
CA ARG B 89 -4.22 8.92 13.06
C ARG B 89 -5.60 8.39 12.70
N ILE B 90 -5.76 7.86 11.48
CA ILE B 90 -7.03 7.27 11.08
C ILE B 90 -7.37 6.10 11.99
N ALA B 91 -6.36 5.27 12.27
CA ALA B 91 -6.57 4.08 13.08
C ALA B 91 -7.04 4.42 14.49
N LYS B 92 -6.82 5.65 14.94
CA LYS B 92 -7.24 6.08 16.27
C LYS B 92 -8.57 6.83 16.27
N ALA B 93 -9.20 6.98 15.09
CA ALA B 93 -10.49 7.65 14.97
C ALA B 93 -11.52 6.65 14.47
N PRO B 94 -12.01 5.77 15.34
CA PRO B 94 -12.86 4.66 14.87
C PRO B 94 -14.24 5.08 14.40
N LYS B 95 -14.71 6.26 14.80
CA LYS B 95 -16.03 6.73 14.40
C LYS B 95 -15.93 7.90 13.44
N LEU B 96 -14.79 8.04 12.76
CA LEU B 96 -14.71 9.02 11.70
C LEU B 96 -15.52 8.50 10.52
N LYS B 97 -16.26 9.44 9.91
CA LYS B 97 -17.32 9.76 8.95
C LYS B 97 -16.92 10.72 7.84
N LEU B 98 -16.53 11.94 8.17
CA LEU B 98 -16.39 13.03 7.22
C LEU B 98 -15.14 13.82 7.54
N CYS B 99 -14.40 14.17 6.50
CA CYS B 99 -13.30 15.11 6.61
C CYS B 99 -13.55 16.29 5.68
N VAL B 100 -13.58 17.48 6.25
CA VAL B 100 -13.82 18.70 5.49
C VAL B 100 -12.56 19.56 5.50
N THR B 101 -12.22 20.10 4.33
CA THR B 101 -11.10 21.01 4.18
C THR B 101 -11.61 22.45 4.18
N ALA B 102 -11.16 23.23 5.16
CA ALA B 102 -11.45 24.67 5.19
C ALA B 102 -10.59 25.35 4.13
N GLY B 103 -10.98 25.15 2.88
CA GLY B 103 -10.20 25.61 1.74
C GLY B 103 -10.17 24.57 0.64
N VAL B 104 -9.10 24.56 -0.15
CA VAL B 104 -8.92 23.61 -1.23
C VAL B 104 -7.54 23.00 -1.12
N GLY B 105 -7.45 21.69 -1.37
CA GLY B 105 -6.19 20.98 -1.25
C GLY B 105 -6.25 19.96 -0.14
N SER B 106 -6.32 18.68 -0.51
CA SER B 106 -6.52 17.60 0.44
C SER B 106 -5.37 16.60 0.39
N ASP B 107 -4.16 17.10 0.13
CA ASP B 107 -2.97 16.26 0.21
C ASP B 107 -2.68 15.85 1.66
N HIS B 108 -3.07 16.68 2.62
CA HIS B 108 -2.76 16.41 4.01
C HIS B 108 -3.57 15.26 4.59
N TYR B 109 -4.47 14.67 3.80
CA TYR B 109 -5.14 13.43 4.14
C TYR B 109 -4.42 12.24 3.50
N ASP B 110 -4.51 11.09 4.18
CA ASP B 110 -4.16 9.83 3.54
C ASP B 110 -5.44 9.34 2.88
N LEU B 111 -5.62 9.70 1.61
CA LEU B 111 -6.91 9.51 0.96
C LEU B 111 -7.22 8.04 0.72
N ASN B 112 -6.20 7.22 0.43
CA ASN B 112 -6.45 5.80 0.22
C ASN B 112 -6.84 5.12 1.53
N ALA B 113 -6.21 5.51 2.64
CA ALA B 113 -6.61 5.00 3.94
C ALA B 113 -8.04 5.43 4.29
N LEU B 114 -8.42 6.65 3.89
CA LEU B 114 -9.80 7.10 4.05
C LEU B 114 -10.77 6.30 3.20
N ASN B 115 -10.33 5.84 2.03
CA ASN B 115 -11.23 5.09 1.17
C ASN B 115 -11.50 3.69 1.72
N GLU B 116 -10.46 3.05 2.28
CA GLU B 116 -10.64 1.72 2.84
C GLU B 116 -11.68 1.69 3.97
N ARG B 117 -11.84 2.81 4.67
CA ARG B 117 -12.88 2.94 5.69
C ARG B 117 -14.16 3.56 5.16
N GLY B 118 -14.20 3.96 3.89
CA GLY B 118 -15.37 4.60 3.33
C GLY B 118 -15.64 5.99 3.88
N ILE B 119 -14.59 6.79 4.06
CA ILE B 119 -14.69 8.12 4.66
C ILE B 119 -14.91 9.15 3.56
N ALA B 120 -15.78 10.13 3.81
CA ALA B 120 -16.02 11.21 2.87
C ALA B 120 -15.03 12.34 3.09
N VAL B 121 -14.45 12.83 1.99
CA VAL B 121 -13.49 13.94 2.02
C VAL B 121 -14.06 15.07 1.17
N LEU B 122 -14.26 16.23 1.79
CA LEU B 122 -14.93 17.36 1.14
C LEU B 122 -14.06 18.60 1.22
N GLU B 123 -13.90 19.28 0.09
CA GLU B 123 -13.29 20.60 -0.02
C GLU B 123 -14.36 21.65 -0.31
N VAL B 124 -13.93 22.90 -0.36
CA VAL B 124 -14.74 23.97 -0.93
C VAL B 124 -14.10 24.39 -2.24
N THR B 125 -14.22 23.56 -3.26
CA THR B 125 -13.53 23.80 -4.53
C THR B 125 -13.95 25.13 -5.14
N GLY B 126 -12.96 25.88 -5.62
CA GLY B 126 -13.19 27.18 -6.22
C GLY B 126 -13.08 28.35 -5.27
N SER B 127 -13.00 28.10 -3.97
CA SER B 127 -13.03 29.21 -3.00
C SER B 127 -11.78 30.08 -3.08
N ASN B 128 -10.69 29.59 -3.67
CA ASN B 128 -9.48 30.40 -3.75
C ASN B 128 -8.76 30.25 -5.09
N VAL B 129 -9.46 29.79 -6.13
CA VAL B 129 -8.82 29.66 -7.43
C VAL B 129 -8.34 31.03 -7.93
N GLN B 130 -9.13 32.07 -7.66
CA GLN B 130 -8.72 33.42 -8.02
C GLN B 130 -7.63 33.95 -7.08
N SER B 131 -7.71 33.59 -5.80
CA SER B 131 -6.72 34.04 -4.83
C SER B 131 -5.33 33.49 -5.14
N VAL B 132 -5.27 32.23 -5.58
CA VAL B 132 -3.98 31.63 -5.88
C VAL B 132 -3.42 32.17 -7.19
N ALA B 133 -4.28 32.34 -8.19
CA ALA B 133 -3.83 32.89 -9.46
C ALA B 133 -3.18 34.25 -9.27
N GLU B 134 -3.79 35.12 -8.45
CA GLU B 134 -3.17 36.40 -8.14
C GLU B 134 -1.81 36.23 -7.50
N HIS B 135 -1.69 35.28 -6.57
CA HIS B 135 -0.42 35.06 -5.89
C HIS B 135 0.65 34.55 -6.84
N ALA B 136 0.28 33.73 -7.81
CA ALA B 136 1.26 33.28 -8.79
C ALA B 136 1.79 34.44 -9.63
N ILE B 137 0.87 35.26 -10.17
CA ILE B 137 1.28 36.43 -10.95
C ILE B 137 2.18 37.33 -10.13
N MET B 138 1.75 37.67 -8.91
CA MET B 138 2.55 38.47 -7.99
C MET B 138 3.97 37.91 -7.86
N THR B 139 4.09 36.59 -7.71
CA THR B 139 5.41 35.99 -7.56
C THR B 139 6.22 36.11 -8.84
N MET B 140 5.58 35.93 -10.00
CA MET B 140 6.28 36.13 -11.26
C MET B 140 6.84 37.55 -11.36
N LEU B 141 6.02 38.55 -11.07
CA LEU B 141 6.45 39.93 -11.16
C LEU B 141 7.57 40.22 -10.16
N ILE B 142 7.40 39.77 -8.91
CA ILE B 142 8.42 39.99 -7.89
C ILE B 142 9.76 39.43 -8.33
N LEU B 143 9.76 38.24 -8.94
CA LEU B 143 11.01 37.58 -9.29
C LEU B 143 11.64 38.17 -10.54
N LEU B 144 10.85 38.30 -11.62
CA LEU B 144 11.40 38.78 -12.88
C LEU B 144 11.90 40.21 -12.77
N ARG B 145 11.19 41.06 -12.03
CA ARG B 145 11.50 42.47 -11.91
C ARG B 145 12.43 42.78 -10.74
N ASN B 146 12.94 41.76 -10.06
CA ASN B 146 13.89 41.90 -8.96
C ASN B 146 13.38 42.86 -7.89
N TYR B 147 12.12 42.68 -7.51
CA TYR B 147 11.57 43.48 -6.42
C TYR B 147 12.34 43.27 -5.13
N GLY B 148 12.92 42.08 -4.94
CA GLY B 148 13.67 41.81 -3.73
C GLY B 148 14.80 42.80 -3.50
N GLU B 149 15.67 42.96 -4.50
CA GLU B 149 16.74 43.94 -4.36
C GLU B 149 16.24 45.36 -4.51
N GLY B 150 15.21 45.57 -5.33
CA GLY B 150 14.66 46.91 -5.47
C GLY B 150 14.05 47.42 -4.18
N HIS B 151 13.34 46.56 -3.46
CA HIS B 151 12.77 46.96 -2.17
C HIS B 151 13.84 47.01 -1.09
N ALA B 152 14.80 46.08 -1.12
CA ALA B 152 15.89 46.12 -0.16
C ALA B 152 16.66 47.43 -0.25
N GLN B 153 17.01 47.84 -1.47
CA GLN B 153 17.75 49.09 -1.67
C GLN B 153 17.03 50.26 -1.01
N ALA B 154 15.70 50.31 -1.15
CA ALA B 154 14.93 51.38 -0.53
C ALA B 154 14.97 51.28 0.99
N THR B 155 14.91 50.07 1.53
CA THR B 155 14.81 49.89 2.97
C THR B 155 16.14 50.17 3.67
N GLN B 156 17.25 49.72 3.09
CA GLN B 156 18.56 49.85 3.72
C GLN B 156 19.29 51.14 3.34
N GLY B 157 18.60 52.12 2.76
CA GLY B 157 19.14 53.46 2.65
C GLY B 157 20.01 53.76 1.45
N THR B 158 20.10 52.86 0.47
CA THR B 158 21.02 53.02 -0.65
C THR B 158 20.26 53.41 -1.92
N TRP B 159 21.00 53.48 -3.03
CA TRP B 159 20.43 53.87 -4.32
C TRP B 159 21.23 53.22 -5.46
N ASP B 160 21.48 51.91 -5.36
CA ASP B 160 22.31 51.18 -6.32
C ASP B 160 21.40 50.65 -7.43
N ILE B 161 21.06 51.54 -8.37
CA ILE B 161 20.19 51.18 -9.49
C ILE B 161 20.72 49.95 -10.21
N ALA B 162 22.02 49.96 -10.51
CA ALA B 162 22.61 48.86 -11.28
C ALA B 162 22.45 47.53 -10.58
N ALA B 163 22.48 47.52 -9.24
CA ALA B 163 22.32 46.25 -8.52
C ALA B 163 20.92 45.67 -8.70
N VAL B 164 19.92 46.54 -8.85
CA VAL B 164 18.57 46.08 -9.13
C VAL B 164 18.44 45.70 -10.60
N ALA B 165 18.77 46.65 -11.48
CA ALA B 165 18.54 46.46 -12.92
C ALA B 165 19.31 45.27 -13.47
N LYS B 166 20.45 44.94 -12.86
CA LYS B 166 21.30 43.86 -13.36
C LYS B 166 20.54 42.54 -13.48
N ASP B 167 19.46 42.35 -12.71
CA ASP B 167 18.64 41.15 -12.74
C ASP B 167 17.17 41.51 -12.87
N GLU B 168 16.87 42.56 -13.63
CA GLU B 168 15.51 43.08 -13.76
C GLU B 168 15.05 42.91 -15.20
N PHE B 169 13.95 42.15 -15.38
CA PHE B 169 13.42 41.85 -16.69
C PHE B 169 11.92 42.15 -16.71
N ASP B 170 11.42 42.41 -17.91
CA ASP B 170 9.99 42.59 -18.13
C ASP B 170 9.29 41.25 -18.26
N MET B 171 8.01 41.22 -17.86
CA MET B 171 7.18 40.07 -18.17
C MET B 171 7.01 39.88 -19.66
N GLU B 172 7.00 41.00 -20.40
CA GLU B 172 6.68 40.99 -21.82
C GLU B 172 7.72 40.22 -22.63
N ASP B 173 7.24 39.52 -23.66
CA ASP B 173 8.08 38.78 -24.60
C ASP B 173 8.85 37.68 -23.92
N LYS B 174 8.34 37.18 -22.81
CA LYS B 174 8.86 36.00 -22.14
C LYS B 174 7.93 34.82 -22.37
N VAL B 175 8.49 33.62 -22.26
CA VAL B 175 7.74 32.40 -22.47
C VAL B 175 7.29 31.87 -21.11
N PHE B 176 5.98 31.78 -20.92
CA PHE B 176 5.38 31.28 -19.69
C PHE B 176 4.77 29.91 -19.94
N ALA B 177 4.97 28.99 -19.01
CA ALA B 177 4.49 27.62 -19.15
C ALA B 177 3.93 27.14 -17.83
N THR B 178 2.77 26.51 -17.86
CA THR B 178 2.13 25.97 -16.66
C THR B 178 2.11 24.45 -16.74
N ILE B 179 2.48 23.81 -15.64
CA ILE B 179 2.29 22.37 -15.47
C ILE B 179 0.93 22.19 -14.81
N GLY B 180 -0.07 21.86 -15.61
CA GLY B 180 -1.44 21.84 -15.14
C GLY B 180 -2.22 23.04 -15.64
N ALA B 181 -3.30 22.79 -16.37
CA ALA B 181 -4.15 23.84 -16.91
C ALA B 181 -5.57 23.74 -16.37
N GLY B 182 -5.69 23.44 -15.08
CA GLY B 182 -6.99 23.37 -14.43
C GLY B 182 -7.55 24.73 -14.12
N ARG B 183 -8.42 24.80 -13.11
CA ARG B 183 -9.05 26.06 -12.73
C ARG B 183 -8.00 27.13 -12.44
N ILE B 184 -6.98 26.80 -11.66
CA ILE B 184 -5.97 27.78 -11.28
C ILE B 184 -5.01 28.05 -12.44
N GLY B 185 -4.45 26.98 -13.02
CA GLY B 185 -3.48 27.17 -14.09
C GLY B 185 -4.04 27.97 -15.25
N TYR B 186 -5.30 27.73 -15.62
CA TYR B 186 -5.89 28.49 -16.71
C TYR B 186 -6.14 29.94 -16.33
N ARG B 187 -6.49 30.20 -15.06
CA ARG B 187 -6.72 31.57 -14.62
C ARG B 187 -5.43 32.38 -14.63
N ILE B 188 -4.29 31.72 -14.36
CA ILE B 188 -3.01 32.39 -14.49
C ILE B 188 -2.74 32.73 -15.95
N LEU B 189 -3.04 31.80 -16.86
CA LEU B 189 -2.89 32.06 -18.29
C LEU B 189 -3.69 33.29 -18.71
N GLU B 190 -4.93 33.40 -18.22
CA GLU B 190 -5.74 34.58 -18.53
C GLU B 190 -5.06 35.86 -18.07
N ARG B 191 -4.55 35.87 -16.84
CA ARG B 191 -3.96 37.06 -16.27
C ARG B 191 -2.61 37.41 -16.88
N LEU B 192 -2.03 36.51 -17.66
CA LEU B 192 -0.77 36.78 -18.35
C LEU B 192 -0.98 37.40 -19.74
N ILE B 193 -2.18 37.28 -20.31
CA ILE B 193 -2.42 37.71 -21.69
C ILE B 193 -2.06 39.18 -21.87
N ALA B 194 -2.63 40.05 -21.04
CA ALA B 194 -2.41 41.49 -21.18
C ALA B 194 -0.97 41.88 -20.92
N PHE B 195 -0.16 41.00 -20.35
CA PHE B 195 1.26 41.28 -20.17
C PHE B 195 2.05 41.07 -21.45
N ASN B 196 1.40 40.59 -22.51
CA ASN B 196 1.96 40.40 -23.85
C ASN B 196 3.11 39.40 -23.84
N PRO B 197 2.87 38.14 -23.49
CA PRO B 197 3.95 37.15 -23.52
C PRO B 197 4.29 36.74 -24.94
N LYS B 198 5.53 36.28 -25.11
CA LYS B 198 5.91 35.68 -26.39
C LYS B 198 5.05 34.46 -26.70
N LYS B 199 4.92 33.56 -25.73
CA LYS B 199 4.09 32.37 -25.90
C LYS B 199 3.62 31.89 -24.54
N LEU B 200 2.48 31.18 -24.55
CA LEU B 200 1.94 30.53 -23.36
C LEU B 200 1.92 29.04 -23.62
N LEU B 201 2.74 28.30 -22.88
CA LEU B 201 2.81 26.85 -22.99
C LEU B 201 2.07 26.21 -21.84
N TYR B 202 1.60 24.97 -22.05
CA TYR B 202 0.97 24.25 -20.97
C TYR B 202 1.16 22.75 -21.15
N TYR B 203 1.07 22.03 -20.03
CA TYR B 203 1.22 20.59 -20.00
C TYR B 203 0.15 20.04 -19.06
N ASP B 204 -0.71 19.19 -19.60
CA ASP B 204 -1.75 18.55 -18.82
C ASP B 204 -2.05 17.23 -19.52
N TYR B 205 -2.35 16.19 -18.76
CA TYR B 205 -2.62 14.90 -19.38
C TYR B 205 -3.93 14.87 -20.14
N GLN B 206 -4.71 15.94 -20.07
CA GLN B 206 -5.94 16.09 -20.83
C GLN B 206 -5.84 17.39 -21.62
N PRO B 207 -6.58 17.52 -22.71
CA PRO B 207 -6.51 18.77 -23.47
C PRO B 207 -7.30 19.89 -22.79
N LEU B 208 -6.89 21.11 -23.09
CA LEU B 208 -7.66 22.26 -22.63
C LEU B 208 -8.97 22.33 -23.40
N PRO B 209 -10.07 22.73 -22.76
CA PRO B 209 -11.36 22.84 -23.47
C PRO B 209 -11.24 23.65 -24.77
N GLU B 210 -12.03 23.26 -25.76
CA GLU B 210 -12.03 23.89 -27.08
C GLU B 210 -12.19 25.40 -27.00
N GLU B 211 -13.26 25.81 -26.33
CA GLU B 211 -13.59 27.22 -26.18
C GLU B 211 -12.58 27.93 -25.29
N ALA B 212 -11.92 27.19 -24.39
CA ALA B 212 -10.90 27.79 -23.54
C ALA B 212 -9.70 28.25 -24.36
N ILE B 213 -9.28 27.44 -25.34
CA ILE B 213 -8.24 27.88 -26.26
C ILE B 213 -8.67 29.15 -26.98
N ASN B 214 -9.91 29.16 -27.48
CA ASN B 214 -10.35 30.31 -28.27
C ASN B 214 -10.47 31.56 -27.43
N LYS B 215 -10.86 31.42 -26.16
CA LYS B 215 -10.93 32.58 -25.27
C LYS B 215 -9.56 33.21 -25.05
N LEU B 216 -8.54 32.38 -24.80
CA LEU B 216 -7.19 32.92 -24.60
C LEU B 216 -6.69 33.61 -25.86
N ASN B 217 -6.82 32.94 -27.01
CA ASN B 217 -6.39 33.55 -28.27
C ASN B 217 -7.18 34.82 -28.57
N ALA B 218 -8.46 34.86 -28.18
CA ALA B 218 -9.27 36.04 -28.43
C ALA B 218 -8.73 37.25 -27.68
N ALA B 219 -8.22 37.04 -26.47
CA ALA B 219 -7.66 38.15 -25.71
C ALA B 219 -6.28 38.57 -26.22
N SER B 220 -5.43 37.63 -26.65
CA SER B 220 -4.15 37.96 -27.24
C SER B 220 -4.36 38.85 -28.46
N LYS B 221 -5.27 38.43 -29.34
CA LYS B 221 -5.68 39.20 -30.50
C LYS B 221 -6.16 40.57 -30.09
N LEU B 222 -7.05 40.62 -29.09
CA LEU B 222 -7.60 41.90 -28.66
C LEU B 222 -6.51 42.84 -28.11
N PHE B 223 -5.77 42.34 -27.12
CA PHE B 223 -4.80 43.16 -26.41
C PHE B 223 -3.56 43.43 -27.26
N ASN B 224 -3.00 42.40 -27.89
CA ASN B 224 -1.65 42.47 -28.43
C ASN B 224 -1.56 42.22 -29.93
N GLY B 225 -2.67 41.94 -30.60
CA GLY B 225 -2.61 41.66 -32.02
C GLY B 225 -1.81 40.41 -32.35
N VAL B 226 -1.87 39.41 -31.46
CA VAL B 226 -1.16 38.11 -31.70
C VAL B 226 -2.19 36.98 -31.61
N ASP B 227 -2.18 36.06 -32.57
CA ASP B 227 -3.07 34.88 -32.50
C ASP B 227 -2.18 33.70 -32.11
N ASN B 228 -2.79 32.58 -31.75
CA ASN B 228 -2.03 31.37 -31.36
C ASN B 228 -1.03 31.74 -30.27
N ILE B 229 -1.51 32.10 -29.08
CA ILE B 229 -0.61 32.40 -27.95
C ILE B 229 -0.50 31.15 -27.07
N ILE B 230 -1.52 30.31 -27.09
CA ILE B 230 -1.55 29.11 -26.22
C ILE B 230 -1.16 27.89 -27.04
N GLU B 231 -0.33 27.03 -26.47
CA GLU B 231 0.14 25.87 -27.22
C GLU B 231 0.46 24.75 -26.24
N ARG B 232 -0.07 23.57 -26.51
CA ARG B 232 0.17 22.40 -25.67
C ARG B 232 1.50 21.75 -26.01
N VAL B 233 2.29 21.44 -24.99
CA VAL B 233 3.53 20.69 -25.11
C VAL B 233 3.30 19.33 -24.44
N GLU B 234 3.81 18.27 -25.08
CA GLU B 234 3.52 16.92 -24.58
C GLU B 234 4.65 16.36 -23.72
N ASN B 235 5.88 16.81 -23.92
CA ASN B 235 7.01 16.33 -23.16
C ASN B 235 7.38 17.33 -22.07
N LEU B 236 7.35 16.90 -20.80
CA LEU B 236 7.68 17.79 -19.69
C LEU B 236 9.05 18.43 -19.87
N GLU B 237 10.03 17.65 -20.34
CA GLU B 237 11.39 18.20 -20.46
C GLU B 237 11.46 19.23 -21.57
N ASP B 238 10.62 19.07 -22.61
CA ASP B 238 10.49 20.11 -23.62
C ASP B 238 9.87 21.38 -23.05
N LEU B 239 8.71 21.23 -22.39
CA LEU B 239 7.99 22.39 -21.85
C LEU B 239 8.90 23.29 -21.02
N VAL B 240 9.69 22.68 -20.14
CA VAL B 240 10.57 23.48 -19.29
C VAL B 240 11.77 24.00 -20.07
N SER B 241 12.16 23.31 -21.14
CA SER B 241 13.32 23.74 -21.94
C SER B 241 13.04 25.05 -22.66
N GLN B 242 11.81 25.23 -23.14
CA GLN B 242 11.46 26.41 -23.92
C GLN B 242 11.00 27.58 -23.07
N ALA B 243 10.81 27.37 -21.77
CA ALA B 243 10.12 28.35 -20.94
C ALA B 243 11.11 29.24 -20.21
N ASP B 244 10.71 30.48 -20.04
CA ASP B 244 11.37 31.37 -19.10
C ASP B 244 10.77 31.24 -17.70
N VAL B 245 9.47 30.92 -17.62
CA VAL B 245 8.75 30.77 -16.37
C VAL B 245 7.90 29.50 -16.40
N VAL B 246 8.03 28.67 -15.36
CA VAL B 246 7.04 27.63 -15.07
C VAL B 246 6.38 27.83 -13.73
N THR B 247 5.08 27.58 -13.77
CA THR B 247 4.14 27.64 -12.67
C THR B 247 3.66 26.22 -12.49
N LEU B 248 3.69 25.74 -11.26
CA LEU B 248 3.10 24.44 -10.94
C LEU B 248 1.67 24.69 -10.50
N ASN B 249 0.72 24.08 -11.19
CA ASN B 249 -0.70 24.30 -10.89
C ASN B 249 -1.45 22.98 -10.97
N CYS B 250 -0.86 21.95 -10.39
CA CYS B 250 -1.43 20.61 -10.34
C CYS B 250 -1.41 20.14 -8.90
N PRO B 251 -2.27 19.18 -8.55
CA PRO B 251 -2.28 18.68 -7.18
C PRO B 251 -1.16 17.69 -6.92
N LEU B 252 -1.02 17.34 -5.64
CA LEU B 252 0.01 16.42 -5.17
C LEU B 252 -0.60 15.04 -4.99
N TYR B 253 -0.28 14.12 -5.90
CA TYR B 253 -0.56 12.70 -5.69
C TYR B 253 0.76 11.93 -5.79
N GLU B 254 0.66 10.61 -5.94
CA GLU B 254 1.84 9.77 -5.84
C GLU B 254 2.83 10.06 -6.95
N LYS B 255 2.40 9.92 -8.21
CA LYS B 255 3.33 10.09 -9.32
C LYS B 255 3.77 11.54 -9.49
N SER B 256 3.07 12.49 -8.86
CA SER B 256 3.44 13.89 -8.97
C SER B 256 4.43 14.34 -7.89
N LYS B 257 4.53 13.62 -6.79
CA LYS B 257 5.49 13.97 -5.74
C LYS B 257 6.91 13.92 -6.28
N GLY B 258 7.64 15.02 -6.13
CA GLY B 258 9.03 15.06 -6.52
C GLY B 258 9.28 15.21 -8.01
N MET B 259 8.25 15.45 -8.81
CA MET B 259 8.43 15.50 -10.26
C MET B 259 9.45 16.57 -10.67
N PHE B 260 9.60 17.61 -9.85
CA PHE B 260 10.48 18.72 -10.19
C PHE B 260 11.80 18.55 -9.44
N ASN B 261 12.61 17.62 -9.95
CA ASN B 261 13.81 17.19 -9.29
C ASN B 261 15.05 17.83 -9.94
N LYS B 262 16.23 17.41 -9.48
CA LYS B 262 17.48 17.88 -10.06
C LYS B 262 17.55 17.65 -11.58
N GLU B 263 17.07 16.49 -12.04
CA GLU B 263 17.10 16.21 -13.48
C GLU B 263 16.27 17.20 -14.28
N LEU B 264 15.06 17.52 -13.81
CA LEU B 264 14.19 18.38 -14.59
C LEU B 264 14.63 19.84 -14.52
N ILE B 265 15.03 20.30 -13.33
CA ILE B 265 15.48 21.68 -13.19
C ILE B 265 16.63 21.97 -14.15
N SER B 266 17.58 21.05 -14.23
CA SER B 266 18.78 21.29 -15.02
C SER B 266 18.52 21.30 -16.52
N LYS B 267 17.33 20.89 -16.96
CA LYS B 267 16.95 21.03 -18.36
C LYS B 267 16.34 22.39 -18.66
N MET B 268 16.27 23.28 -17.66
CA MET B 268 15.80 24.64 -17.84
C MET B 268 16.96 25.59 -18.10
N LYS B 269 16.66 26.73 -18.69
CA LYS B 269 17.72 27.70 -19.05
C LYS B 269 18.26 28.35 -17.78
N LYS B 270 19.52 28.76 -17.80
CA LYS B 270 20.09 29.48 -16.64
C LYS B 270 19.35 30.80 -16.54
N GLY B 271 18.99 31.18 -15.33
CA GLY B 271 18.22 32.41 -15.14
C GLY B 271 16.77 32.20 -15.42
N SER B 272 16.29 30.95 -15.36
CA SER B 272 14.84 30.85 -15.55
C SER B 272 14.16 31.05 -14.19
N TYR B 273 12.84 30.84 -14.13
CA TYR B 273 12.05 31.10 -12.93
C TYR B 273 11.06 29.97 -12.73
N VAL B 274 10.88 29.55 -11.48
CA VAL B 274 9.92 28.52 -11.13
C VAL B 274 8.96 29.09 -10.09
N ILE B 275 7.66 28.99 -10.39
CA ILE B 275 6.60 29.46 -9.50
C ILE B 275 5.81 28.25 -9.06
N ASN B 276 5.66 28.07 -7.76
CA ASN B 276 4.93 26.93 -7.23
C ASN B 276 3.97 27.41 -6.14
N THR B 277 2.71 27.59 -6.50
CA THR B 277 1.67 27.91 -5.55
C THR B 277 0.73 26.73 -5.33
N ALA B 278 1.08 25.56 -5.86
CA ALA B 278 0.22 24.39 -5.75
C ALA B 278 0.53 23.61 -4.49
N ARG B 279 1.58 22.79 -4.54
N ARG B 279 1.57 22.78 -4.55
CA ARG B 279 1.98 21.97 -3.40
CA ARG B 279 1.98 21.95 -3.41
C ARG B 279 3.49 21.84 -3.37
C ARG B 279 3.50 21.87 -3.39
N GLY B 280 4.07 21.91 -2.18
CA GLY B 280 5.52 21.89 -2.05
C GLY B 280 6.14 20.56 -2.44
N ALA B 281 5.46 19.46 -2.16
CA ALA B 281 6.01 18.14 -2.47
C ALA B 281 6.03 17.85 -3.96
N LEU B 282 5.51 18.76 -4.80
CA LEU B 282 5.67 18.62 -6.24
C LEU B 282 7.12 18.73 -6.68
N THR B 283 7.98 19.26 -5.81
CA THR B 283 9.39 19.48 -6.11
C THR B 283 10.24 18.54 -5.26
N ASP B 284 11.49 18.38 -5.68
CA ASP B 284 12.53 17.89 -4.78
C ASP B 284 13.02 19.13 -4.03
N PRO B 285 12.61 19.30 -2.77
CA PRO B 285 12.91 20.58 -2.08
C PRO B 285 14.37 20.92 -2.06
N GLN B 286 15.25 19.93 -1.86
CA GLN B 286 16.67 20.20 -1.86
C GLN B 286 17.16 20.57 -3.24
N ALA B 287 16.61 19.94 -4.29
CA ALA B 287 17.00 20.29 -5.66
C ALA B 287 16.64 21.74 -5.99
N ILE B 288 15.52 22.24 -5.46
CA ILE B 288 15.17 23.64 -5.65
C ILE B 288 16.19 24.53 -4.98
N ALA B 289 16.49 24.27 -3.70
CA ALA B 289 17.44 25.09 -2.97
C ALA B 289 18.80 25.10 -3.66
N ASP B 290 19.23 23.95 -4.19
CA ASP B 290 20.51 23.90 -4.89
C ASP B 290 20.49 24.77 -6.14
N ALA B 291 19.42 24.66 -6.93
CA ALA B 291 19.33 25.40 -8.19
C ALA B 291 19.19 26.90 -7.94
N VAL B 292 18.47 27.27 -6.88
CA VAL B 292 18.40 28.69 -6.51
C VAL B 292 19.74 29.16 -5.98
N ASN B 293 20.36 28.37 -5.10
CA ASN B 293 21.63 28.77 -4.51
C ASN B 293 22.74 28.88 -5.55
N SER B 294 22.69 28.06 -6.60
CA SER B 294 23.67 28.12 -7.67
C SER B 294 23.36 29.19 -8.71
N GLY B 295 22.17 29.79 -8.66
CA GLY B 295 21.77 30.80 -9.62
C GLY B 295 21.13 30.26 -10.88
N HIS B 296 20.94 28.95 -10.99
CA HIS B 296 20.36 28.39 -12.21
C HIS B 296 18.92 28.84 -12.39
N ILE B 297 18.15 28.91 -11.30
CA ILE B 297 16.76 29.33 -11.35
C ILE B 297 16.49 30.34 -10.24
N ALA B 298 15.35 31.01 -10.36
CA ALA B 298 14.73 31.74 -9.28
C ALA B 298 13.45 31.03 -8.89
N TYR B 299 13.13 31.03 -7.60
CA TYR B 299 11.98 30.29 -7.11
C TYR B 299 11.16 31.16 -6.18
N GLY B 300 9.84 31.00 -6.26
CA GLY B 300 8.91 31.70 -5.39
C GLY B 300 7.64 30.89 -5.30
N GLY B 301 6.86 31.21 -4.29
CA GLY B 301 5.64 30.45 -4.01
C GLY B 301 5.28 30.57 -2.54
N ASP B 302 4.13 30.00 -2.20
CA ASP B 302 3.66 30.01 -0.83
C ASP B 302 3.46 28.63 -0.22
N VAL B 303 3.57 27.56 -0.98
CA VAL B 303 3.30 26.21 -0.50
C VAL B 303 4.62 25.53 -0.15
N TRP B 304 4.61 24.76 0.94
CA TRP B 304 5.80 24.12 1.49
C TRP B 304 5.57 22.63 1.64
N PRO B 305 6.64 21.83 1.74
CA PRO B 305 6.44 20.37 1.86
C PRO B 305 5.86 19.94 3.19
N VAL B 306 6.28 20.56 4.28
CA VAL B 306 5.77 20.28 5.62
C VAL B 306 5.31 21.60 6.22
N GLN B 307 4.06 21.66 6.65
CA GLN B 307 3.50 22.90 7.16
C GLN B 307 3.02 22.74 8.59
N PRO B 308 3.53 23.53 9.55
CA PRO B 308 4.47 24.64 9.34
C PRO B 308 5.89 24.20 9.02
N ALA B 309 6.61 25.01 8.24
CA ALA B 309 7.96 24.69 7.80
C ALA B 309 8.96 24.99 8.93
N PRO B 310 9.96 24.13 9.11
CA PRO B 310 10.97 24.37 10.15
C PRO B 310 11.75 25.66 9.90
N LYS B 311 12.31 26.24 10.97
CA LYS B 311 13.03 27.51 10.82
C LYS B 311 14.25 27.33 9.93
N ASP B 312 14.86 26.14 9.94
CA ASP B 312 16.02 25.87 9.12
C ASP B 312 15.65 25.21 7.79
N MET B 313 14.42 25.36 7.35
CA MET B 313 14.03 24.84 6.05
C MET B 313 14.86 25.56 4.99
N PRO B 314 15.50 24.85 4.06
CA PRO B 314 16.45 25.51 3.16
C PRO B 314 15.81 26.64 2.35
N TRP B 315 14.49 26.57 2.12
CA TRP B 315 13.83 27.59 1.30
C TRP B 315 13.79 28.95 1.97
N ARG B 316 13.95 29.03 3.29
CA ARG B 316 13.85 30.31 3.97
C ARG B 316 15.11 31.15 3.79
N THR B 317 16.23 30.55 3.40
CA THR B 317 17.47 31.27 3.17
C THR B 317 17.99 31.11 1.75
N MET B 318 17.22 30.48 0.86
CA MET B 318 17.60 30.42 -0.55
C MET B 318 17.86 31.82 -1.10
N HIS B 319 18.89 31.94 -1.93
CA HIS B 319 19.07 33.15 -2.72
C HIS B 319 20.09 32.89 -3.81
N ASN B 320 19.91 33.59 -4.94
CA ASN B 320 20.88 33.55 -6.02
C ASN B 320 22.23 34.06 -5.54
N PRO B 321 23.31 33.68 -6.24
CA PRO B 321 24.65 34.19 -5.87
C PRO B 321 24.71 35.70 -5.77
N TYR B 322 23.91 36.42 -6.58
CA TYR B 322 23.98 37.87 -6.61
C TYR B 322 23.79 38.49 -5.23
N GLY B 323 23.04 37.84 -4.35
CA GLY B 323 22.81 38.41 -3.03
C GLY B 323 21.63 37.77 -2.34
N LYS B 324 21.45 38.18 -1.08
CA LYS B 324 20.42 37.60 -0.23
C LYS B 324 19.01 37.83 -0.78
N ASP B 325 18.77 38.96 -1.44
CA ASP B 325 17.45 39.32 -1.94
C ASP B 325 17.31 39.10 -3.46
N TYR B 326 18.00 38.11 -4.01
CA TYR B 326 17.90 37.78 -5.42
C TYR B 326 17.26 36.41 -5.60
N GLY B 327 16.30 36.33 -6.53
CA GLY B 327 15.74 35.05 -6.93
C GLY B 327 14.96 34.31 -5.87
N ASN B 328 14.53 35.00 -4.81
CA ASN B 328 13.82 34.37 -3.69
C ASN B 328 12.51 35.13 -3.48
N ALA B 329 11.40 34.42 -3.56
CA ALA B 329 10.08 35.00 -3.36
C ALA B 329 9.20 34.04 -2.58
N MET B 330 9.73 33.47 -1.52
CA MET B 330 8.92 32.60 -0.69
C MET B 330 8.01 33.45 0.18
N THR B 331 6.74 33.04 0.26
CA THR B 331 5.86 33.50 1.32
C THR B 331 5.37 32.25 2.05
N VAL B 332 5.01 32.43 3.30
CA VAL B 332 4.40 31.36 4.08
C VAL B 332 2.99 31.11 3.54
N HIS B 333 2.46 29.92 3.78
CA HIS B 333 1.27 29.55 3.04
C HIS B 333 0.06 30.42 3.38
N VAL B 334 -0.24 31.38 2.51
CA VAL B 334 -1.29 32.36 2.77
C VAL B 334 -2.21 32.61 1.58
N SER B 335 -1.85 32.26 0.35
CA SER B 335 -2.59 32.75 -0.82
C SER B 335 -4.08 32.41 -0.75
N GLY B 336 -4.43 31.19 -0.36
CA GLY B 336 -5.82 30.82 -0.31
C GLY B 336 -6.57 31.22 0.94
N THR B 337 -5.93 31.94 1.87
CA THR B 337 -6.59 32.34 3.11
C THR B 337 -6.67 33.86 3.25
N SER B 338 -6.62 34.59 2.13
CA SER B 338 -6.96 36.00 2.14
C SER B 338 -8.35 36.19 2.72
N LEU B 339 -8.61 37.39 3.26
CA LEU B 339 -9.87 37.65 3.95
C LEU B 339 -11.08 37.35 3.05
N ASP B 340 -10.97 37.67 1.76
CA ASP B 340 -12.08 37.38 0.85
C ASP B 340 -12.25 35.88 0.65
N ALA B 341 -11.14 35.14 0.55
CA ALA B 341 -11.24 33.70 0.36
C ALA B 341 -11.79 33.03 1.62
N GLN B 342 -11.42 33.53 2.80
CA GLN B 342 -11.90 32.93 4.04
C GLN B 342 -13.42 32.99 4.14
N ALA B 343 -14.02 34.12 3.75
CA ALA B 343 -15.48 34.22 3.74
C ALA B 343 -16.10 33.17 2.81
N ARG B 344 -15.44 32.87 1.69
CA ARG B 344 -15.99 31.90 0.76
C ARG B 344 -15.92 30.48 1.32
N TYR B 345 -14.75 30.05 1.78
CA TYR B 345 -14.63 28.67 2.23
C TYR B 345 -15.19 28.45 3.64
N ALA B 346 -15.27 29.49 4.46
CA ALA B 346 -16.03 29.35 5.71
C ALA B 346 -17.48 29.05 5.41
N ASN B 347 -18.08 29.79 4.46
CA ASN B 347 -19.46 29.52 4.08
C ASN B 347 -19.60 28.18 3.41
N GLY B 348 -18.62 27.81 2.58
CA GLY B 348 -18.65 26.49 1.97
C GLY B 348 -18.57 25.36 2.97
N VAL B 349 -17.84 25.57 4.08
CA VAL B 349 -17.83 24.59 5.15
C VAL B 349 -19.18 24.56 5.85
N LYS B 350 -19.82 25.73 5.99
CA LYS B 350 -21.17 25.76 6.56
C LYS B 350 -22.15 25.02 5.66
N GLN B 351 -22.04 25.21 4.34
CA GLN B 351 -22.90 24.48 3.41
C GLN B 351 -22.68 22.98 3.52
N ILE B 352 -21.42 22.54 3.62
CA ILE B 352 -21.12 21.11 3.65
C ILE B 352 -21.65 20.48 4.93
N LEU B 353 -21.46 21.13 6.07
CA LEU B 353 -21.94 20.59 7.33
C LEU B 353 -23.46 20.54 7.38
N THR B 354 -24.12 21.58 6.84
CA THR B 354 -25.58 21.60 6.81
C THR B 354 -26.14 20.41 6.05
N GLU B 355 -25.54 20.09 4.89
CA GLU B 355 -25.98 18.92 4.13
C GLU B 355 -25.78 17.64 4.93
N TYR B 356 -24.68 17.56 5.69
CA TYR B 356 -24.38 16.34 6.43
C TYR B 356 -25.30 16.18 7.64
N PHE B 357 -25.44 17.23 8.44
CA PHE B 357 -26.28 17.16 9.64
C PHE B 357 -27.72 16.82 9.28
N ASP B 358 -28.29 17.57 8.33
CA ASP B 358 -29.66 17.33 7.87
C ASP B 358 -29.82 16.01 7.12
N LYS B 359 -28.72 15.28 6.91
CA LYS B 359 -28.75 13.97 6.27
C LYS B 359 -29.35 14.03 4.87
N THR B 360 -29.17 15.16 4.19
CA THR B 360 -29.60 15.33 2.81
C THR B 360 -28.51 14.99 1.80
N TYR B 361 -27.24 15.27 2.15
CA TYR B 361 -26.07 14.82 1.41
C TYR B 361 -26.02 15.37 -0.03
N LYS B 362 -26.62 16.53 -0.27
CA LYS B 362 -26.63 17.10 -1.62
C LYS B 362 -25.43 18.02 -1.81
N TYR B 363 -24.25 17.42 -1.65
CA TYR B 363 -23.00 18.16 -1.80
C TYR B 363 -22.80 18.58 -3.26
N ARG B 364 -22.18 19.74 -3.44
CA ARG B 364 -21.81 20.18 -4.78
C ARG B 364 -20.85 19.16 -5.38
N PRO B 365 -21.09 18.68 -6.61
CA PRO B 365 -20.21 17.63 -7.17
C PRO B 365 -18.73 18.00 -7.19
N GLN B 366 -18.40 19.27 -7.44
CA GLN B 366 -17.00 19.68 -7.47
C GLN B 366 -16.34 19.58 -6.11
N ASP B 367 -17.11 19.76 -5.02
CA ASP B 367 -16.55 19.73 -3.68
C ASP B 367 -16.05 18.35 -3.28
N VAL B 368 -16.56 17.30 -3.92
CA VAL B 368 -16.29 15.94 -3.47
C VAL B 368 -14.92 15.50 -4.00
N ILE B 369 -14.03 15.11 -3.10
CA ILE B 369 -12.78 14.45 -3.45
C ILE B 369 -12.91 12.94 -3.32
N CYS B 370 -13.43 12.47 -2.19
CA CYS B 370 -13.65 11.05 -1.95
C CYS B 370 -15.03 10.85 -1.34
N ILE B 371 -15.75 9.85 -1.82
CA ILE B 371 -17.05 9.50 -1.27
C ILE B 371 -17.29 8.02 -1.52
N ASP B 372 -17.93 7.35 -0.56
CA ASP B 372 -18.38 5.96 -0.69
C ASP B 372 -17.28 4.99 -1.15
N GLY B 373 -16.05 5.21 -0.70
CA GLY B 373 -14.93 4.29 -0.89
C GLY B 373 -14.24 4.31 -2.25
N HIS B 374 -14.50 5.33 -3.07
CA HIS B 374 -13.74 5.70 -4.25
C HIS B 374 -13.55 7.21 -4.36
N TYR B 375 -12.70 7.51 -5.35
CA TYR B 375 -12.34 8.85 -5.76
C TYR B 375 -13.41 9.36 -6.71
N ALA B 376 -13.96 10.52 -6.40
CA ALA B 376 -14.97 11.17 -7.23
C ALA B 376 -14.38 12.29 -8.06
N THR B 377 -13.07 12.27 -8.30
CA THR B 377 -12.39 13.37 -8.96
C THR B 377 -11.16 12.86 -9.68
N LYS B 378 -10.55 13.75 -10.47
CA LYS B 378 -9.20 13.55 -11.00
C LYS B 378 -8.21 14.48 -10.32
N ALA B 379 -8.59 15.08 -9.19
CA ALA B 379 -7.70 15.94 -8.43
C ALA B 379 -6.73 15.15 -7.57
N TYR B 380 -7.06 13.92 -7.19
CA TYR B 380 -6.15 13.12 -6.39
C TYR B 380 -6.29 11.66 -6.80
N GLY B 381 -5.27 10.87 -6.49
CA GLY B 381 -5.26 9.47 -6.84
C GLY B 381 -4.02 8.71 -6.39
N GLY C 9 -44.11 -18.61 9.37
CA GLY C 9 -42.85 -18.67 8.65
C GLY C 9 -41.96 -17.46 8.89
N LYS C 10 -40.82 -17.69 9.53
CA LYS C 10 -39.94 -16.58 9.82
C LYS C 10 -38.61 -16.82 9.13
N PRO C 11 -37.95 -15.77 8.64
CA PRO C 11 -36.64 -15.96 8.03
C PRO C 11 -35.62 -16.36 9.08
N LYS C 12 -34.69 -17.23 8.69
CA LYS C 12 -33.78 -17.86 9.63
C LYS C 12 -32.37 -17.31 9.50
N VAL C 13 -31.75 -17.03 10.64
CA VAL C 13 -30.31 -16.86 10.75
C VAL C 13 -29.74 -18.16 11.29
N LEU C 14 -28.86 -18.81 10.53
CA LEU C 14 -28.26 -20.08 10.90
C LEU C 14 -26.79 -19.85 11.28
N MET C 15 -26.45 -20.20 12.51
CA MET C 15 -25.11 -19.96 13.06
C MET C 15 -24.49 -21.27 13.52
N ALA C 16 -23.22 -21.46 13.20
CA ALA C 16 -22.46 -22.64 13.60
C ALA C 16 -21.24 -22.20 14.39
N LEU C 17 -21.22 -22.53 15.69
CA LEU C 17 -20.11 -22.20 16.58
C LEU C 17 -19.63 -23.48 17.27
N TYR C 18 -18.57 -23.34 18.07
CA TYR C 18 -18.08 -24.48 18.85
C TYR C 18 -18.79 -24.52 20.21
N SER C 19 -18.94 -25.73 20.74
CA SER C 19 -19.63 -25.89 22.00
C SER C 19 -18.83 -25.29 23.14
N GLY C 20 -19.55 -24.73 24.11
CA GLY C 20 -18.91 -24.17 25.29
C GLY C 20 -19.01 -25.11 26.47
N GLY C 21 -20.14 -25.79 26.59
CA GLY C 21 -20.33 -26.73 27.68
C GLY C 21 -20.24 -26.04 29.02
N LYS C 22 -19.53 -26.66 29.96
CA LYS C 22 -19.34 -26.05 31.27
C LYS C 22 -18.40 -24.84 31.20
N HIS C 23 -17.57 -24.75 30.16
CA HIS C 23 -16.69 -23.59 30.03
C HIS C 23 -17.51 -22.32 29.86
N ALA C 24 -18.61 -22.40 29.12
CA ALA C 24 -19.46 -21.23 28.90
C ALA C 24 -20.16 -20.78 30.16
N LYS C 25 -20.36 -21.68 31.12
CA LYS C 25 -20.95 -21.29 32.40
C LYS C 25 -19.94 -20.60 33.31
N GLU C 26 -18.65 -20.83 33.09
CA GLU C 26 -17.59 -20.22 33.88
C GLU C 26 -17.01 -18.98 33.23
N GLU C 27 -17.49 -18.58 32.05
CA GLU C 27 -16.87 -17.49 31.30
C GLU C 27 -17.89 -16.84 30.38
N PRO C 28 -18.58 -15.81 30.87
CA PRO C 28 -19.49 -15.05 29.97
C PRO C 28 -18.78 -14.46 28.77
N ARG C 29 -17.46 -14.25 28.84
CA ARG C 29 -16.71 -13.71 27.72
C ARG C 29 -16.49 -14.73 26.61
N LEU C 30 -16.90 -15.97 26.81
CA LEU C 30 -16.89 -16.96 25.73
C LEU C 30 -18.03 -16.67 24.77
N LEU C 31 -18.00 -15.48 24.16
CA LEU C 31 -19.09 -15.06 23.29
C LEU C 31 -19.22 -15.93 22.05
N GLY C 32 -18.11 -16.46 21.55
CA GLY C 32 -18.11 -17.18 20.30
C GLY C 32 -18.53 -18.64 20.41
N THR C 33 -19.34 -18.97 21.41
CA THR C 33 -19.80 -20.33 21.65
C THR C 33 -21.29 -20.46 21.33
N VAL C 34 -21.72 -21.71 21.19
CA VAL C 34 -23.12 -22.00 20.94
C VAL C 34 -24.00 -21.42 22.04
N GLU C 35 -23.56 -21.54 23.29
CA GLU C 35 -24.41 -21.16 24.42
C GLU C 35 -24.64 -19.66 24.50
N ASN C 36 -23.69 -18.85 24.05
CA ASN C 36 -23.78 -17.39 24.20
C ASN C 36 -24.08 -16.67 22.89
N GLU C 37 -23.94 -17.33 21.74
CA GLU C 37 -24.48 -16.87 20.47
C GLU C 37 -24.02 -15.47 20.08
N LEU C 38 -22.79 -15.09 20.45
CA LEU C 38 -22.20 -13.81 20.06
C LEU C 38 -22.97 -12.61 20.58
N GLY C 39 -24.04 -12.84 21.35
CA GLY C 39 -24.87 -11.74 21.79
C GLY C 39 -25.71 -11.11 20.70
N ILE C 40 -26.08 -11.86 19.66
CA ILE C 40 -26.85 -11.33 18.54
C ILE C 40 -28.31 -11.73 18.56
N ARG C 41 -28.76 -12.55 19.51
CA ARG C 41 -30.13 -13.07 19.49
C ARG C 41 -31.14 -11.93 19.50
N LYS C 42 -30.90 -10.97 20.37
CA LYS C 42 -31.70 -9.78 20.59
C LYS C 42 -31.74 -8.91 19.34
N LEU C 43 -30.61 -8.76 18.65
CA LEU C 43 -30.62 -8.07 17.36
C LEU C 43 -31.36 -8.88 16.30
N VAL C 44 -31.18 -10.20 16.31
CA VAL C 44 -31.81 -11.05 15.31
C VAL C 44 -33.32 -11.11 15.51
N GLU C 45 -33.75 -11.30 16.76
CA GLU C 45 -35.18 -11.38 17.04
C GLU C 45 -35.87 -10.02 17.01
N GLU C 46 -35.12 -8.93 17.17
CA GLU C 46 -35.73 -7.60 17.06
C GLU C 46 -36.17 -7.31 15.64
N HIS C 47 -35.55 -7.95 14.66
CA HIS C 47 -35.87 -7.75 13.25
C HIS C 47 -36.73 -8.89 12.70
N GLY C 48 -37.34 -9.69 13.57
CA GLY C 48 -38.28 -10.70 13.16
C GLY C 48 -37.70 -11.98 12.62
N TYR C 49 -36.39 -12.17 12.72
CA TYR C 49 -35.75 -13.38 12.23
C TYR C 49 -35.73 -14.46 13.31
N GLU C 50 -35.61 -15.72 12.86
CA GLU C 50 -35.34 -16.84 13.73
C GLU C 50 -33.82 -17.06 13.83
N LEU C 51 -33.34 -17.32 15.03
CA LEU C 51 -31.92 -17.60 15.26
C LEU C 51 -31.74 -19.05 15.66
N VAL C 52 -31.01 -19.80 14.84
CA VAL C 52 -30.68 -21.20 15.13
C VAL C 52 -29.17 -21.31 15.24
N THR C 53 -28.70 -21.85 16.36
CA THR C 53 -27.27 -21.94 16.66
C THR C 53 -26.96 -23.37 17.04
N THR C 54 -26.00 -23.98 16.34
CA THR C 54 -25.65 -25.37 16.58
C THR C 54 -24.15 -25.55 16.47
N ALA C 55 -23.65 -26.56 17.18
CA ALA C 55 -22.29 -27.05 16.99
C ALA C 55 -22.26 -28.33 16.18
N ASP C 56 -23.42 -28.83 15.79
CA ASP C 56 -23.53 -30.05 14.99
C ASP C 56 -23.51 -29.60 13.53
N LYS C 57 -22.29 -29.51 13.00
CA LYS C 57 -22.07 -28.98 11.65
C LYS C 57 -21.59 -30.06 10.69
N ASP C 58 -21.25 -31.23 11.19
CA ASP C 58 -20.76 -32.38 10.45
C ASP C 58 -21.55 -33.61 10.89
N PRO C 59 -21.75 -34.59 10.00
CA PRO C 59 -21.38 -34.71 8.58
C PRO C 59 -22.53 -34.40 7.62
N PHE C 60 -22.17 -34.23 6.35
CA PHE C 60 -23.16 -34.04 5.31
C PHE C 60 -23.90 -35.35 5.07
N PRO C 61 -25.23 -35.32 4.86
CA PRO C 61 -26.17 -34.21 5.02
C PRO C 61 -27.18 -34.39 6.17
N SER C 62 -26.80 -35.02 7.28
CA SER C 62 -27.70 -35.29 8.39
C SER C 62 -27.50 -34.36 9.58
N SER C 63 -26.57 -33.41 9.48
CA SER C 63 -26.28 -32.54 10.60
C SER C 63 -27.42 -31.55 10.84
N THR C 64 -27.49 -31.04 12.08
CA THR C 64 -28.41 -29.96 12.39
C THR C 64 -28.19 -28.77 11.45
N PHE C 65 -26.93 -28.46 11.17
CA PHE C 65 -26.62 -27.39 10.21
C PHE C 65 -27.27 -27.67 8.87
N ASP C 66 -27.11 -28.89 8.35
CA ASP C 66 -27.72 -29.24 7.07
C ASP C 66 -29.25 -29.14 7.14
N LYS C 67 -29.84 -29.58 8.25
CA LYS C 67 -31.28 -29.61 8.36
C LYS C 67 -31.89 -28.22 8.54
N ASN C 68 -31.07 -27.20 8.81
CA ASN C 68 -31.51 -25.82 8.87
C ASN C 68 -31.12 -25.02 7.64
N LEU C 69 -30.51 -25.67 6.65
CA LEU C 69 -30.14 -24.99 5.40
C LEU C 69 -31.33 -24.48 4.60
N PRO C 70 -32.41 -25.26 4.39
CA PRO C 70 -33.47 -24.80 3.47
C PRO C 70 -34.02 -23.41 3.75
N ASP C 71 -34.18 -23.04 5.03
CA ASP C 71 -34.74 -21.75 5.38
C ASP C 71 -33.69 -20.73 5.82
N ALA C 72 -32.41 -21.04 5.63
CA ALA C 72 -31.34 -20.14 6.08
C ALA C 72 -31.25 -18.94 5.15
N GLU C 73 -31.59 -17.75 5.67
CA GLU C 73 -31.31 -16.52 4.93
C GLU C 73 -29.89 -16.01 5.20
N ILE C 74 -29.44 -16.10 6.44
CA ILE C 74 -28.09 -15.70 6.83
C ILE C 74 -27.40 -16.89 7.45
N ILE C 75 -26.15 -17.11 7.06
CA ILE C 75 -25.32 -18.16 7.63
C ILE C 75 -24.12 -17.50 8.30
N ILE C 76 -23.92 -17.81 9.57
CA ILE C 76 -22.79 -17.31 10.35
C ILE C 76 -21.93 -18.51 10.75
N THR C 77 -20.66 -18.46 10.40
CA THR C 77 -19.68 -19.48 10.75
C THR C 77 -18.53 -18.85 11.51
N THR C 78 -17.70 -19.71 12.11
CA THR C 78 -16.52 -19.28 12.82
C THR C 78 -15.37 -20.20 12.39
N PRO C 79 -14.20 -19.64 12.07
CA PRO C 79 -13.17 -20.48 11.43
C PRO C 79 -12.58 -21.52 12.36
N PHE C 80 -12.58 -21.27 13.67
CA PHE C 80 -12.02 -22.22 14.62
C PHE C 80 -12.83 -23.51 14.69
N PHE C 81 -14.10 -23.46 14.32
CA PHE C 81 -14.95 -24.66 14.22
C PHE C 81 -15.88 -24.45 13.05
N PRO C 82 -15.35 -24.59 11.82
CA PRO C 82 -16.06 -24.05 10.65
C PRO C 82 -17.03 -25.03 10.02
N ALA C 83 -18.27 -24.60 9.85
CA ALA C 83 -19.22 -25.35 9.03
C ALA C 83 -18.83 -25.14 7.57
N TYR C 84 -18.37 -26.20 6.93
CA TYR C 84 -17.88 -26.07 5.56
C TYR C 84 -19.08 -25.85 4.64
N VAL C 85 -19.18 -24.64 4.08
CA VAL C 85 -20.32 -24.24 3.27
C VAL C 85 -19.94 -24.55 1.83
N THR C 86 -20.21 -25.78 1.42
CA THR C 86 -19.78 -26.29 0.13
C THR C 86 -20.77 -25.94 -0.96
N LYS C 87 -20.36 -26.20 -2.20
CA LYS C 87 -21.26 -26.13 -3.34
C LYS C 87 -22.55 -26.90 -3.10
N GLU C 88 -22.43 -28.15 -2.63
CA GLU C 88 -23.61 -28.96 -2.36
C GLU C 88 -24.50 -28.30 -1.32
N ARG C 89 -23.89 -27.68 -0.30
CA ARG C 89 -24.69 -27.08 0.77
C ARG C 89 -25.36 -25.79 0.33
N ILE C 90 -24.68 -25.01 -0.53
CA ILE C 90 -25.29 -23.81 -1.10
C ILE C 90 -26.53 -24.18 -1.92
N ALA C 91 -26.44 -25.25 -2.69
CA ALA C 91 -27.56 -25.67 -3.54
C ALA C 91 -28.81 -26.03 -2.74
N LYS C 92 -28.67 -26.35 -1.46
CA LYS C 92 -29.81 -26.71 -0.62
C LYS C 92 -30.32 -25.56 0.23
N ALA C 93 -29.74 -24.36 0.09
CA ALA C 93 -30.18 -23.16 0.80
C ALA C 93 -30.65 -22.15 -0.23
N PRO C 94 -31.87 -22.33 -0.76
CA PRO C 94 -32.30 -21.51 -1.90
C PRO C 94 -32.54 -20.05 -1.57
N LYS C 95 -32.75 -19.70 -0.30
CA LYS C 95 -33.02 -18.32 0.09
C LYS C 95 -31.87 -17.71 0.89
N LEU C 96 -30.66 -18.24 0.75
CA LEU C 96 -29.50 -17.66 1.40
C LEU C 96 -29.15 -16.33 0.74
N LYS C 97 -28.82 -15.35 1.56
CA LYS C 97 -28.47 -14.01 1.08
C LYS C 97 -27.13 -13.52 1.58
N LEU C 98 -26.77 -13.83 2.82
CA LEU C 98 -25.57 -13.28 3.44
C LEU C 98 -24.85 -14.37 4.22
N CYS C 99 -23.52 -14.39 4.10
CA CYS C 99 -22.66 -15.26 4.89
C CYS C 99 -21.69 -14.40 5.68
N VAL C 100 -21.73 -14.53 7.00
CA VAL C 100 -20.84 -13.79 7.90
C VAL C 100 -19.90 -14.76 8.59
N THR C 101 -18.62 -14.40 8.64
CA THR C 101 -17.62 -15.16 9.37
C THR C 101 -17.40 -14.50 10.73
N ALA C 102 -17.69 -15.23 11.80
CA ALA C 102 -17.42 -14.76 13.16
C ALA C 102 -15.91 -14.87 13.39
N GLY C 103 -15.18 -13.92 12.80
CA GLY C 103 -13.73 -13.94 12.80
C GLY C 103 -13.15 -13.57 11.46
N VAL C 104 -11.95 -14.07 11.15
CA VAL C 104 -11.26 -13.81 9.90
C VAL C 104 -10.82 -15.13 9.30
N GLY C 105 -10.96 -15.27 8.00
CA GLY C 105 -10.62 -16.50 7.31
C GLY C 105 -11.86 -17.16 6.74
N SER C 106 -12.03 -17.12 5.43
CA SER C 106 -13.25 -17.59 4.78
C SER C 106 -12.96 -18.70 3.78
N ASP C 107 -12.04 -19.60 4.12
CA ASP C 107 -11.79 -20.75 3.26
C ASP C 107 -12.96 -21.72 3.24
N HIS C 108 -13.69 -21.83 4.36
CA HIS C 108 -14.73 -22.83 4.51
C HIS C 108 -15.98 -22.54 3.68
N TYR C 109 -16.01 -21.42 2.95
CA TYR C 109 -17.04 -21.17 1.95
C TYR C 109 -16.53 -21.59 0.58
N ASP C 110 -17.45 -21.98 -0.29
CA ASP C 110 -17.18 -22.11 -1.72
C ASP C 110 -17.45 -20.72 -2.31
N LEU C 111 -16.39 -19.92 -2.48
CA LEU C 111 -16.57 -18.48 -2.67
C LEU C 111 -17.24 -18.12 -3.99
N ASN C 112 -16.84 -18.76 -5.10
CA ASN C 112 -17.52 -18.45 -6.35
C ASN C 112 -18.89 -19.10 -6.44
N ALA C 113 -19.06 -20.27 -5.83
CA ALA C 113 -20.40 -20.87 -5.78
C ALA C 113 -21.36 -19.90 -5.10
N LEU C 114 -20.89 -19.20 -4.06
CA LEU C 114 -21.65 -18.08 -3.52
C LEU C 114 -21.68 -16.92 -4.51
N ASN C 115 -20.63 -16.79 -5.35
CA ASN C 115 -20.58 -15.67 -6.28
C ASN C 115 -21.58 -15.82 -7.43
N GLU C 116 -21.76 -17.02 -8.04
CA GLU C 116 -22.90 -17.10 -8.96
C GLU C 116 -24.22 -16.74 -8.34
N ARG C 117 -24.40 -17.00 -7.08
CA ARG C 117 -25.71 -16.68 -6.55
C ARG C 117 -25.76 -15.24 -6.10
N GLY C 118 -24.64 -14.52 -6.23
CA GLY C 118 -24.58 -13.14 -5.80
C GLY C 118 -24.70 -13.03 -4.31
N ILE C 119 -24.07 -13.95 -3.58
CA ILE C 119 -24.18 -13.97 -2.12
C ILE C 119 -23.06 -13.14 -1.54
N ALA C 120 -23.39 -12.36 -0.52
CA ALA C 120 -22.42 -11.52 0.17
C ALA C 120 -21.71 -12.31 1.26
N VAL C 121 -20.38 -12.20 1.31
CA VAL C 121 -19.56 -12.86 2.31
C VAL C 121 -18.78 -11.77 3.06
N LEU C 122 -18.95 -11.72 4.37
CA LEU C 122 -18.39 -10.67 5.20
C LEU C 122 -17.56 -11.28 6.31
N GLU C 123 -16.36 -10.74 6.53
CA GLU C 123 -15.55 -11.06 7.70
C GLU C 123 -15.54 -9.86 8.64
N VAL C 124 -14.90 -10.04 9.80
CA VAL C 124 -14.60 -8.93 10.67
C VAL C 124 -13.10 -8.70 10.59
N THR C 125 -12.66 -8.10 9.48
CA THR C 125 -11.24 -7.94 9.20
C THR C 125 -10.54 -7.15 10.30
N GLY C 126 -9.37 -7.65 10.73
CA GLY C 126 -8.61 -7.01 11.77
C GLY C 126 -8.91 -7.49 13.17
N SER C 127 -9.95 -8.30 13.35
CA SER C 127 -10.36 -8.69 14.69
C SER C 127 -9.33 -9.59 15.38
N ASN C 128 -8.41 -10.19 14.62
CA ASN C 128 -7.43 -11.08 15.24
C ASN C 128 -6.03 -10.92 14.63
N VAL C 129 -5.75 -9.80 13.97
CA VAL C 129 -4.43 -9.62 13.36
C VAL C 129 -3.35 -9.58 14.42
N GLN C 130 -3.61 -8.92 15.56
CA GLN C 130 -2.64 -8.91 16.65
C GLN C 130 -2.65 -10.22 17.41
N SER C 131 -3.82 -10.87 17.55
CA SER C 131 -3.89 -12.14 18.24
C SER C 131 -3.13 -13.22 17.48
N VAL C 132 -3.18 -13.20 16.15
CA VAL C 132 -2.46 -14.19 15.38
C VAL C 132 -0.96 -13.88 15.37
N ALA C 133 -0.60 -12.59 15.24
CA ALA C 133 0.79 -12.21 15.28
C ALA C 133 1.47 -12.67 16.57
N GLU C 134 0.80 -12.47 17.70
CA GLU C 134 1.33 -12.93 18.98
C GLU C 134 1.53 -14.45 18.97
N HIS C 135 0.56 -15.19 18.43
CA HIS C 135 0.66 -16.64 18.42
C HIS C 135 1.83 -17.11 17.57
N ALA C 136 2.10 -16.40 16.47
CA ALA C 136 3.23 -16.76 15.61
C ALA C 136 4.55 -16.59 16.34
N ILE C 137 4.75 -15.42 16.96
CA ILE C 137 5.96 -15.15 17.73
C ILE C 137 6.12 -16.20 18.83
N MET C 138 5.06 -16.43 19.61
CA MET C 138 5.07 -17.45 20.64
C MET C 138 5.55 -18.79 20.10
N THR C 139 5.03 -19.18 18.94
CA THR C 139 5.41 -20.47 18.35
C THR C 139 6.88 -20.46 17.94
N MET C 140 7.36 -19.34 17.40
CA MET C 140 8.77 -19.21 17.08
C MET C 140 9.64 -19.42 18.32
N LEU C 141 9.28 -18.75 19.42
CA LEU C 141 10.04 -18.86 20.66
C LEU C 141 9.99 -20.27 21.23
N ILE C 142 8.80 -20.87 21.25
CA ILE C 142 8.63 -22.22 21.80
C ILE C 142 9.57 -23.20 21.10
N LEU C 143 9.67 -23.11 19.78
CA LEU C 143 10.46 -24.07 19.02
C LEU C 143 11.95 -23.75 19.09
N LEU C 144 12.31 -22.50 18.82
CA LEU C 144 13.73 -22.13 18.78
C LEU C 144 14.39 -22.37 20.13
N ARG C 145 13.66 -22.12 21.22
CA ARG C 145 14.20 -22.27 22.56
C ARG C 145 13.91 -23.64 23.18
N ASN C 146 13.31 -24.55 22.43
CA ASN C 146 13.03 -25.91 22.88
C ASN C 146 12.25 -25.91 24.20
N TYR C 147 11.19 -25.09 24.25
CA TYR C 147 10.34 -25.09 25.44
C TYR C 147 9.68 -26.46 25.65
N GLY C 148 9.43 -27.20 24.57
CA GLY C 148 8.79 -28.50 24.69
C GLY C 148 9.54 -29.44 25.61
N GLU C 149 10.83 -29.63 25.34
CA GLU C 149 11.63 -30.47 26.23
C GLU C 149 11.92 -29.77 27.55
N GLY C 150 12.06 -28.45 27.52
CA GLY C 150 12.29 -27.72 28.75
C GLY C 150 11.13 -27.83 29.71
N HIS C 151 9.90 -27.75 29.18
CA HIS C 151 8.71 -27.91 30.02
C HIS C 151 8.51 -29.36 30.42
N ALA C 152 8.80 -30.30 29.51
CA ALA C 152 8.70 -31.71 29.84
C ALA C 152 9.64 -32.07 30.97
N GLN C 153 10.90 -31.64 30.90
CA GLN C 153 11.87 -31.95 31.95
C GLN C 153 11.35 -31.54 33.32
N ALA C 154 10.71 -30.36 33.40
CA ALA C 154 10.14 -29.93 34.66
C ALA C 154 8.97 -30.81 35.06
N THR C 155 8.16 -31.23 34.09
CA THR C 155 6.93 -31.95 34.39
C THR C 155 7.21 -33.39 34.83
N GLN C 156 8.12 -34.10 34.17
CA GLN C 156 8.36 -35.50 34.51
C GLN C 156 9.45 -35.67 35.56
N GLY C 157 9.84 -34.59 36.24
CA GLY C 157 10.62 -34.70 37.47
C GLY C 157 12.13 -34.79 37.31
N THR C 158 12.67 -34.56 36.12
CA THR C 158 14.09 -34.74 35.88
C THR C 158 14.80 -33.39 35.79
N TRP C 159 16.09 -33.41 35.45
CA TRP C 159 16.89 -32.20 35.36
C TRP C 159 18.00 -32.40 34.32
N ASP C 160 17.61 -32.86 33.13
CA ASP C 160 18.58 -33.13 32.06
C ASP C 160 18.71 -31.87 31.22
N ILE C 161 19.49 -30.92 31.75
CA ILE C 161 19.71 -29.65 31.07
C ILE C 161 20.22 -29.86 29.65
N ALA C 162 21.20 -30.76 29.49
CA ALA C 162 21.78 -31.00 28.17
C ALA C 162 20.74 -31.48 27.17
N ALA C 163 19.72 -32.22 27.65
CA ALA C 163 18.68 -32.69 26.74
C ALA C 163 17.88 -31.54 26.16
N VAL C 164 17.71 -30.45 26.92
CA VAL C 164 17.04 -29.26 26.41
C VAL C 164 17.98 -28.44 25.54
N ALA C 165 19.14 -28.06 26.11
CA ALA C 165 20.03 -27.12 25.43
C ALA C 165 20.52 -27.64 24.09
N LYS C 166 20.57 -28.96 23.93
CA LYS C 166 21.09 -29.56 22.71
C LYS C 166 20.35 -29.07 21.47
N ASP C 167 19.11 -28.60 21.62
CA ASP C 167 18.29 -28.06 20.54
C ASP C 167 17.72 -26.70 20.92
N GLU C 168 18.50 -25.89 21.64
CA GLU C 168 18.05 -24.62 22.18
C GLU C 168 18.86 -23.48 21.57
N PHE C 169 18.17 -22.54 20.91
CA PHE C 169 18.80 -21.42 20.23
C PHE C 169 18.10 -20.12 20.59
N ASP C 170 18.84 -19.02 20.45
CA ASP C 170 18.27 -17.69 20.62
C ASP C 170 17.58 -17.22 19.33
N MET C 171 16.57 -16.38 19.50
CA MET C 171 15.99 -15.69 18.34
C MET C 171 16.99 -14.74 17.71
N GLU C 172 17.89 -14.18 18.50
CA GLU C 172 18.80 -13.14 18.03
C GLU C 172 19.73 -13.68 16.95
N ASP C 173 20.02 -12.83 15.96
CA ASP C 173 20.96 -13.15 14.88
C ASP C 173 20.48 -14.31 14.04
N LYS C 174 19.17 -14.54 13.99
CA LYS C 174 18.56 -15.50 13.09
C LYS C 174 17.88 -14.76 11.95
N VAL C 175 17.70 -15.46 10.83
CA VAL C 175 17.04 -14.91 9.66
C VAL C 175 15.58 -15.35 9.70
N PHE C 176 14.67 -14.37 9.75
CA PHE C 176 13.24 -14.62 9.74
C PHE C 176 12.66 -14.17 8.41
N ALA C 177 11.77 -14.99 7.85
CA ALA C 177 11.19 -14.72 6.53
C ALA C 177 9.71 -15.01 6.56
N THR C 178 8.90 -14.11 6.02
CA THR C 178 7.46 -14.28 5.97
C THR C 178 6.99 -14.45 4.54
N ILE C 179 6.13 -15.44 4.31
CA ILE C 179 5.42 -15.60 3.04
C ILE C 179 4.12 -14.83 3.19
N GLY C 180 4.08 -13.63 2.62
CA GLY C 180 2.96 -12.74 2.86
C GLY C 180 3.33 -11.61 3.81
N ALA C 181 3.13 -10.37 3.38
CA ALA C 181 3.41 -9.19 4.19
C ALA C 181 2.13 -8.39 4.42
N GLY C 182 1.03 -9.07 4.70
CA GLY C 182 -0.23 -8.41 4.97
C GLY C 182 -0.29 -7.83 6.37
N ARG C 183 -1.53 -7.67 6.86
CA ARG C 183 -1.73 -7.11 8.19
C ARG C 183 -1.00 -7.94 9.24
N ILE C 184 -1.13 -9.26 9.18
CA ILE C 184 -0.50 -10.12 10.17
C ILE C 184 0.99 -10.25 9.92
N GLY C 185 1.37 -10.59 8.68
CA GLY C 185 2.77 -10.80 8.37
C GLY C 185 3.63 -9.61 8.73
N TYR C 186 3.13 -8.41 8.48
CA TYR C 186 3.88 -7.21 8.85
C TYR C 186 3.93 -7.01 10.36
N ARG C 187 2.85 -7.39 11.07
CA ARG C 187 2.84 -7.26 12.52
C ARG C 187 3.80 -8.24 13.19
N ILE C 188 4.00 -9.41 12.58
CA ILE C 188 5.02 -10.33 13.10
C ILE C 188 6.39 -9.72 12.92
N LEU C 189 6.66 -9.13 11.75
CA LEU C 189 7.93 -8.46 11.51
C LEU C 189 8.19 -7.35 12.53
N GLU C 190 7.15 -6.56 12.86
CA GLU C 190 7.31 -5.54 13.89
C GLU C 190 7.74 -6.16 15.21
N ARG C 191 7.09 -7.25 15.62
CA ARG C 191 7.38 -7.89 16.90
C ARG C 191 8.71 -8.63 16.91
N LEU C 192 9.33 -8.84 15.75
CA LEU C 192 10.62 -9.50 15.68
C LEU C 192 11.80 -8.53 15.81
N ILE C 193 11.56 -7.23 15.60
CA ILE C 193 12.65 -6.26 15.57
C ILE C 193 13.46 -6.30 16.86
N ALA C 194 12.77 -6.14 18.01
CA ALA C 194 13.45 -6.04 19.29
C ALA C 194 14.19 -7.31 19.68
N PHE C 195 13.93 -8.42 19.00
CA PHE C 195 14.69 -9.65 19.22
C PHE C 195 16.04 -9.63 18.53
N ASN C 196 16.34 -8.57 17.78
CA ASN C 196 17.61 -8.36 17.09
C ASN C 196 17.88 -9.47 16.10
N PRO C 197 17.06 -9.61 15.05
CA PRO C 197 17.32 -10.64 14.05
C PRO C 197 18.49 -10.22 13.16
N LYS C 198 19.12 -11.24 12.56
CA LYS C 198 20.15 -10.96 11.55
C LYS C 198 19.54 -10.24 10.36
N LYS C 199 18.45 -10.77 9.80
CA LYS C 199 17.77 -10.19 8.67
C LYS C 199 16.30 -10.57 8.72
N LEU C 200 15.48 -9.73 8.10
CA LEU C 200 14.05 -9.99 7.92
C LEU C 200 13.77 -10.06 6.43
N LEU C 201 13.35 -11.23 5.97
CA LEU C 201 12.99 -11.43 4.58
C LEU C 201 11.48 -11.47 4.42
N TYR C 202 11.00 -11.12 3.23
CA TYR C 202 9.58 -11.25 2.94
C TYR C 202 9.38 -11.54 1.46
N TYR C 203 8.25 -12.17 1.16
CA TYR C 203 7.89 -12.59 -0.18
C TYR C 203 6.43 -12.24 -0.40
N ASP C 204 6.16 -11.43 -1.42
CA ASP C 204 4.83 -10.92 -1.66
C ASP C 204 4.65 -10.67 -3.15
N TYR C 205 3.41 -10.83 -3.64
CA TYR C 205 3.21 -10.49 -5.03
C TYR C 205 3.28 -8.97 -5.27
N GLN C 206 3.26 -8.18 -4.20
CA GLN C 206 3.40 -6.74 -4.27
C GLN C 206 4.44 -6.28 -3.26
N PRO C 207 5.08 -5.14 -3.49
CA PRO C 207 6.04 -4.63 -2.51
C PRO C 207 5.34 -4.01 -1.30
N LEU C 208 6.07 -3.98 -0.19
CA LEU C 208 5.58 -3.29 0.99
C LEU C 208 5.65 -1.78 0.77
N PRO C 209 4.65 -1.02 1.24
CA PRO C 209 4.72 0.44 1.12
C PRO C 209 6.00 1.00 1.73
N GLU C 210 6.47 2.11 1.16
CA GLU C 210 7.69 2.74 1.63
C GLU C 210 7.63 3.04 3.11
N GLU C 211 6.51 3.59 3.59
CA GLU C 211 6.40 3.93 5.00
C GLU C 211 6.47 2.69 5.89
N ALA C 212 6.00 1.54 5.39
CA ALA C 212 6.09 0.30 6.16
C ALA C 212 7.52 -0.21 6.21
N ILE C 213 8.22 -0.20 5.07
CA ILE C 213 9.61 -0.61 5.03
C ILE C 213 10.46 0.25 5.97
N ASN C 214 10.29 1.57 5.88
CA ASN C 214 11.10 2.46 6.71
C ASN C 214 10.68 2.44 8.17
N LYS C 215 9.39 2.19 8.45
CA LYS C 215 8.96 2.04 9.84
C LYS C 215 9.68 0.87 10.50
N LEU C 216 9.81 -0.24 9.78
CA LEU C 216 10.57 -1.38 10.31
C LEU C 216 12.02 -0.99 10.52
N ASN C 217 12.64 -0.35 9.52
CA ASN C 217 14.02 0.07 9.65
C ASN C 217 14.19 1.09 10.78
N ALA C 218 13.20 1.96 10.97
CA ALA C 218 13.30 2.97 12.03
C ALA C 218 13.39 2.32 13.41
N ALA C 219 12.67 1.21 13.61
CA ALA C 219 12.76 0.48 14.87
C ALA C 219 14.03 -0.35 14.95
N SER C 220 14.49 -0.89 13.82
CA SER C 220 15.78 -1.59 13.79
C SER C 220 16.92 -0.66 14.20
N LYS C 221 16.98 0.52 13.60
CA LYS C 221 17.95 1.54 14.02
C LYS C 221 17.83 1.81 15.51
N LEU C 222 16.61 2.03 15.99
CA LEU C 222 16.38 2.38 17.38
C LEU C 222 16.85 1.27 18.33
N PHE C 223 16.30 0.06 18.15
CA PHE C 223 16.57 -1.02 19.10
C PHE C 223 17.99 -1.57 18.94
N ASN C 224 18.41 -1.83 17.71
CA ASN C 224 19.62 -2.62 17.46
C ASN C 224 20.70 -1.89 16.68
N GLY C 225 20.47 -0.64 16.29
CA GLY C 225 21.48 0.09 15.53
C GLY C 225 21.78 -0.48 14.17
N VAL C 226 20.83 -1.15 13.55
CA VAL C 226 20.96 -1.65 12.18
C VAL C 226 20.02 -0.81 11.34
N ASP C 227 20.53 -0.27 10.24
CA ASP C 227 19.73 0.66 9.44
C ASP C 227 18.86 -0.02 8.41
N ASN C 228 19.23 -1.24 7.99
CA ASN C 228 18.54 -1.98 6.93
C ASN C 228 18.36 -3.42 7.38
N ILE C 229 17.18 -3.74 7.92
CA ILE C 229 16.89 -5.10 8.36
C ILE C 229 15.92 -5.85 7.44
N ILE C 230 15.09 -5.16 6.67
CA ILE C 230 14.04 -5.81 5.88
C ILE C 230 14.45 -5.83 4.42
N GLU C 231 14.14 -6.94 3.73
CA GLU C 231 14.58 -7.14 2.36
C GLU C 231 13.63 -8.07 1.65
N ARG C 232 13.19 -7.66 0.45
CA ARG C 232 12.29 -8.48 -0.36
C ARG C 232 13.10 -9.48 -1.18
N VAL C 233 12.66 -10.74 -1.13
CA VAL C 233 13.19 -11.80 -1.97
C VAL C 233 12.05 -12.18 -2.91
N GLU C 234 12.35 -12.35 -4.20
CA GLU C 234 11.28 -12.61 -5.14
C GLU C 234 11.15 -14.07 -5.52
N ASN C 235 12.16 -14.88 -5.26
CA ASN C 235 12.09 -16.31 -5.53
C ASN C 235 11.73 -16.96 -4.20
N LEU C 236 10.54 -17.59 -4.15
CA LEU C 236 9.97 -18.15 -2.93
C LEU C 236 10.86 -19.18 -2.24
N GLU C 237 11.33 -20.13 -3.02
CA GLU C 237 12.45 -21.02 -2.87
C GLU C 237 13.84 -20.41 -2.63
N ASP C 238 14.12 -19.19 -3.09
CA ASP C 238 15.29 -18.49 -2.54
C ASP C 238 15.02 -18.07 -1.10
N LEU C 239 13.85 -17.48 -0.86
CA LEU C 239 13.51 -16.99 0.48
C LEU C 239 13.73 -18.05 1.56
N VAL C 240 13.27 -19.28 1.33
CA VAL C 240 13.40 -20.33 2.33
C VAL C 240 14.84 -20.82 2.42
N SER C 241 15.65 -20.50 1.38
CA SER C 241 17.05 -20.92 1.35
C SER C 241 17.86 -20.31 2.47
N GLN C 242 17.69 -19.01 2.67
CA GLN C 242 18.45 -18.17 3.56
C GLN C 242 17.87 -18.07 4.97
N ALA C 243 16.68 -18.60 5.18
CA ALA C 243 15.94 -18.34 6.40
C ALA C 243 16.15 -19.48 7.38
N ASP C 244 16.22 -19.12 8.66
CA ASP C 244 16.14 -20.10 9.72
C ASP C 244 14.70 -20.36 10.13
N VAL C 245 13.86 -19.34 10.05
CA VAL C 245 12.44 -19.42 10.39
C VAL C 245 11.65 -18.81 9.24
N VAL C 246 10.64 -19.55 8.75
CA VAL C 246 9.68 -19.01 7.80
C VAL C 246 8.31 -19.07 8.44
N THR C 247 7.54 -17.99 8.28
CA THR C 247 6.17 -17.93 8.76
C THR C 247 5.24 -17.73 7.58
N LEU C 248 4.17 -18.51 7.53
CA LEU C 248 3.15 -18.40 6.49
C LEU C 248 2.09 -17.40 6.92
N ASN C 249 1.88 -16.36 6.10
CA ASN C 249 0.93 -15.30 6.44
C ASN C 249 0.15 -14.86 5.21
N CYS C 250 -0.31 -15.81 4.41
CA CYS C 250 -1.10 -15.55 3.22
C CYS C 250 -2.36 -16.42 3.24
N PRO C 251 -3.40 -16.03 2.53
CA PRO C 251 -4.64 -16.81 2.46
C PRO C 251 -4.54 -17.97 1.48
N LEU C 252 -5.63 -18.72 1.37
CA LEU C 252 -5.73 -19.87 0.47
C LEU C 252 -6.34 -19.41 -0.85
N TYR C 253 -5.48 -19.08 -1.80
CA TYR C 253 -5.91 -18.70 -3.14
C TYR C 253 -6.36 -19.93 -3.93
N LYS C 255 -4.36 -21.38 -5.93
CA LYS C 255 -3.04 -21.79 -6.42
C LYS C 255 -2.03 -21.89 -5.28
N SER C 256 -2.41 -21.37 -4.11
CA SER C 256 -1.55 -21.43 -2.94
C SER C 256 -1.70 -22.73 -2.16
N LYS C 257 -2.77 -23.48 -2.40
CA LYS C 257 -2.95 -24.76 -1.74
C LYS C 257 -1.78 -25.69 -2.07
N GLY C 258 -1.15 -26.23 -1.05
CA GLY C 258 -0.07 -27.18 -1.22
C GLY C 258 1.27 -26.59 -1.58
N MET C 259 1.39 -25.26 -1.55
CA MET C 259 2.64 -24.62 -1.96
C MET C 259 3.83 -25.07 -1.12
N PHE C 260 3.60 -25.49 0.13
CA PHE C 260 4.68 -25.85 1.05
C PHE C 260 4.81 -27.38 1.15
N ASN C 261 5.37 -27.98 0.07
CA ASN C 261 5.45 -29.44 -0.17
C ASN C 261 6.88 -30.04 -0.04
N LYS C 262 7.09 -31.31 -0.52
CA LYS C 262 8.46 -31.87 -0.47
C LYS C 262 9.43 -30.87 -1.03
N GLU C 263 9.09 -30.38 -2.22
CA GLU C 263 10.04 -29.65 -3.07
C GLU C 263 10.53 -28.39 -2.38
N LEU C 264 9.62 -27.67 -1.74
CA LEU C 264 9.99 -26.44 -1.06
C LEU C 264 10.64 -26.71 0.29
N ILE C 265 10.06 -27.64 1.07
CA ILE C 265 10.62 -27.96 2.39
C ILE C 265 12.07 -28.39 2.26
N SER C 266 12.37 -29.24 1.27
CA SER C 266 13.71 -29.80 1.13
C SER C 266 14.74 -28.78 0.68
N LYS C 267 14.31 -27.60 0.24
CA LYS C 267 15.21 -26.51 -0.09
C LYS C 267 15.61 -25.67 1.11
N MET C 268 15.13 -26.03 2.30
CA MET C 268 15.47 -25.35 3.53
C MET C 268 16.64 -26.03 4.22
N LYS C 269 17.33 -25.27 5.08
CA LYS C 269 18.41 -25.85 5.86
C LYS C 269 17.85 -26.86 6.85
N LYS C 270 18.57 -27.96 7.04
CA LYS C 270 18.23 -28.90 8.10
C LYS C 270 18.19 -28.19 9.44
N GLY C 271 17.15 -28.48 10.23
CA GLY C 271 16.98 -27.85 11.52
C GLY C 271 16.38 -26.46 11.48
N SER C 272 15.81 -26.06 10.35
CA SER C 272 15.08 -24.80 10.28
C SER C 272 13.70 -24.95 10.92
N TYR C 273 12.89 -23.91 10.82
CA TYR C 273 11.60 -23.86 11.50
C TYR C 273 10.56 -23.28 10.56
N VAL C 274 9.37 -23.88 10.58
CA VAL C 274 8.23 -23.43 9.78
C VAL C 274 7.09 -23.11 10.73
N ILE C 275 6.57 -21.88 10.61
CA ILE C 275 5.45 -21.43 11.42
C ILE C 275 4.28 -21.17 10.49
N ASN C 276 3.13 -21.77 10.81
CA ASN C 276 1.93 -21.60 10.01
C ASN C 276 0.77 -21.29 10.95
N THR C 277 0.48 -20.01 11.11
CA THR C 277 -0.69 -19.54 11.83
C THR C 277 -1.72 -18.98 10.86
N ALA C 278 -1.47 -19.16 9.56
CA ALA C 278 -2.36 -18.64 8.52
C ALA C 278 -3.39 -19.71 8.14
N ARG C 279 -2.95 -20.77 7.47
CA ARG C 279 -3.87 -21.73 6.88
C ARG C 279 -3.17 -23.07 6.70
N GLY C 280 -3.80 -24.14 7.19
CA GLY C 280 -3.17 -25.45 7.14
C GLY C 280 -3.04 -26.02 5.74
N ALA C 281 -4.01 -25.74 4.86
CA ALA C 281 -3.93 -26.26 3.51
C ALA C 281 -2.90 -25.53 2.64
N LEU C 282 -2.22 -24.50 3.19
CA LEU C 282 -1.09 -23.91 2.51
C LEU C 282 0.07 -24.89 2.37
N THR C 283 0.06 -25.96 3.14
CA THR C 283 1.13 -26.93 3.16
C THR C 283 0.66 -28.25 2.56
N ASP C 284 1.64 -29.07 2.21
CA ASP C 284 1.40 -30.48 1.99
C ASP C 284 1.45 -31.15 3.36
N PRO C 285 0.30 -31.49 3.94
CA PRO C 285 0.30 -31.94 5.36
C PRO C 285 1.20 -33.13 5.61
N GLN C 286 1.20 -34.11 4.71
CA GLN C 286 2.08 -35.26 4.89
C GLN C 286 3.54 -34.88 4.68
N ALA C 287 3.82 -33.96 3.75
CA ALA C 287 5.20 -33.51 3.57
C ALA C 287 5.73 -32.80 4.80
N ILE C 288 4.86 -32.08 5.52
CA ILE C 288 5.28 -31.44 6.77
C ILE C 288 5.63 -32.50 7.81
N ALA C 289 4.73 -33.47 8.02
CA ALA C 289 4.97 -34.50 9.02
C ALA C 289 6.26 -35.27 8.74
N ASP C 290 6.55 -35.54 7.46
CA ASP C 290 7.76 -36.27 7.12
C ASP C 290 9.01 -35.46 7.48
N ALA C 291 9.00 -34.16 7.18
CA ALA C 291 10.16 -33.33 7.46
C ALA C 291 10.36 -33.14 8.96
N VAL C 292 9.27 -33.07 9.72
CA VAL C 292 9.38 -32.99 11.18
C VAL C 292 9.87 -34.32 11.74
N ASN C 293 9.27 -35.42 11.30
CA ASN C 293 9.65 -36.74 11.81
C ASN C 293 11.08 -37.10 11.42
N SER C 294 11.54 -36.62 10.27
CA SER C 294 12.91 -36.86 9.84
C SER C 294 13.91 -35.91 10.49
N GLY C 295 13.44 -34.87 11.17
CA GLY C 295 14.31 -33.91 11.79
C GLY C 295 14.76 -32.77 10.90
N HIS C 296 14.29 -32.71 9.66
CA HIS C 296 14.73 -31.65 8.77
C HIS C 296 14.27 -30.29 9.25
N ILE C 297 13.03 -30.19 9.73
CA ILE C 297 12.47 -28.93 10.21
C ILE C 297 11.72 -29.17 11.52
N ALA C 298 11.40 -28.06 12.17
CA ALA C 298 10.40 -28.01 13.23
C ALA C 298 9.19 -27.26 12.71
N TYR C 299 8.00 -27.66 13.15
CA TYR C 299 6.77 -27.07 12.65
C TYR C 299 5.87 -26.70 13.81
N GLY C 300 5.18 -25.58 13.67
CA GLY C 300 4.21 -25.15 14.67
C GLY C 300 3.17 -24.25 14.06
N GLY C 301 2.06 -24.13 14.77
CA GLY C 301 0.92 -23.38 14.30
C GLY C 301 -0.35 -23.91 14.93
N ASP C 302 -1.44 -23.21 14.68
CA ASP C 302 -2.73 -23.59 15.24
C ASP C 302 -3.77 -23.98 14.20
N VAL C 303 -3.52 -23.76 12.92
CA VAL C 303 -4.50 -24.02 11.88
C VAL C 303 -4.23 -25.37 11.22
N TRP C 304 -5.29 -26.09 10.91
CA TRP C 304 -5.24 -27.43 10.38
C TRP C 304 -5.99 -27.51 9.05
N PRO C 305 -5.74 -28.52 8.22
CA PRO C 305 -6.44 -28.57 6.93
C PRO C 305 -7.91 -28.87 7.07
N VAL C 306 -8.30 -29.74 8.00
CA VAL C 306 -9.69 -30.06 8.28
C VAL C 306 -9.94 -29.83 9.76
N GLN C 307 -10.91 -28.99 10.07
CA GLN C 307 -11.22 -28.63 11.46
C GLN C 307 -12.66 -28.99 11.78
N PRO C 308 -12.93 -29.83 12.80
CA PRO C 308 -11.93 -30.36 13.74
C PRO C 308 -11.04 -31.42 13.12
N ALA C 309 -9.80 -31.50 13.60
CA ALA C 309 -8.82 -32.41 13.04
C ALA C 309 -9.06 -33.84 13.52
N PRO C 310 -8.84 -34.83 12.65
CA PRO C 310 -9.00 -36.24 13.08
C PRO C 310 -8.05 -36.60 14.22
N LYS C 311 -8.44 -37.63 14.98
CA LYS C 311 -7.73 -37.99 16.21
C LYS C 311 -6.32 -38.55 15.95
N ASP C 312 -6.13 -39.29 14.87
CA ASP C 312 -4.80 -39.59 14.30
C ASP C 312 -4.43 -38.76 13.07
N MET C 313 -4.78 -37.47 13.07
CA MET C 313 -4.19 -36.55 12.11
C MET C 313 -2.68 -36.49 12.39
N PRO C 314 -1.82 -36.64 11.38
CA PRO C 314 -0.38 -36.82 11.68
C PRO C 314 0.26 -35.71 12.48
N TRP C 315 -0.25 -34.48 12.37
CA TRP C 315 0.39 -33.35 13.04
C TRP C 315 0.33 -33.44 14.55
N ARG C 316 -0.55 -34.29 15.10
CA ARG C 316 -0.70 -34.40 16.54
C ARG C 316 0.39 -35.25 17.19
N THR C 317 1.08 -36.10 16.43
CA THR C 317 2.14 -36.93 16.97
C THR C 317 3.50 -36.66 16.31
N MET C 318 3.58 -35.67 15.44
CA MET C 318 4.84 -35.22 14.87
C MET C 318 5.87 -34.95 15.95
N HIS C 319 7.12 -35.36 15.70
CA HIS C 319 8.22 -34.93 16.55
C HIS C 319 9.55 -35.24 15.88
N ASN C 320 10.54 -34.37 16.15
CA ASN C 320 11.90 -34.58 15.71
C ASN C 320 12.46 -35.87 16.31
N PRO C 321 13.48 -36.45 15.69
CA PRO C 321 14.08 -37.68 16.23
C PRO C 321 14.50 -37.59 17.69
N TYR C 322 14.92 -36.40 18.14
CA TYR C 322 15.45 -36.25 19.50
C TYR C 322 14.45 -36.73 20.56
N GLY C 323 13.16 -36.66 20.28
CA GLY C 323 12.19 -37.09 21.27
C GLY C 323 10.81 -36.55 20.95
N LYS C 324 9.84 -36.98 21.77
CA LYS C 324 8.45 -36.62 21.55
C LYS C 324 8.22 -35.11 21.65
N ASP C 325 8.97 -34.43 22.52
CA ASP C 325 8.78 -33.01 22.77
C ASP C 325 9.80 -32.15 22.05
N TYR C 326 10.28 -32.59 20.89
CA TYR C 326 11.19 -31.81 20.07
C TYR C 326 10.51 -31.43 18.77
N GLY C 327 10.66 -30.17 18.36
CA GLY C 327 10.22 -29.73 17.05
C GLY C 327 8.74 -29.74 16.79
N ASN C 328 7.90 -29.76 17.82
CA ASN C 328 6.46 -29.79 17.66
C ASN C 328 5.87 -28.66 18.49
N ALA C 329 5.12 -27.77 17.84
CA ALA C 329 4.45 -26.65 18.52
C ALA C 329 3.04 -26.48 17.96
N MET C 330 2.33 -27.59 17.82
CA MET C 330 0.94 -27.54 17.37
C MET C 330 0.01 -27.14 18.51
N THR C 331 -0.94 -26.27 18.20
CA THR C 331 -2.11 -26.07 19.05
C THR C 331 -3.37 -26.23 18.23
N VAL C 332 -4.47 -26.47 18.93
CA VAL C 332 -5.78 -26.40 18.32
C VAL C 332 -6.06 -24.95 17.89
N HIS C 333 -6.89 -24.78 16.87
CA HIS C 333 -7.08 -23.46 16.24
C HIS C 333 -7.75 -22.51 17.23
N VAL C 334 -6.93 -21.69 17.90
CA VAL C 334 -7.41 -20.83 18.97
C VAL C 334 -6.92 -19.40 18.87
N SER C 335 -5.89 -19.11 18.07
CA SER C 335 -5.21 -17.81 18.14
C SER C 335 -6.20 -16.66 17.96
N GLY C 336 -7.08 -16.76 16.98
CA GLY C 336 -8.04 -15.73 16.73
C GLY C 336 -9.29 -15.75 17.58
N THR C 337 -9.40 -16.67 18.54
CA THR C 337 -10.58 -16.75 19.39
C THR C 337 -10.24 -16.52 20.86
N SER C 338 -9.14 -15.83 21.14
CA SER C 338 -8.87 -15.35 22.48
C SER C 338 -10.03 -14.51 22.99
N LEU C 339 -10.17 -14.45 24.31
CA LEU C 339 -11.30 -13.72 24.90
C LEU C 339 -11.34 -12.27 24.41
N ASP C 340 -10.16 -11.66 24.24
CA ASP C 340 -10.13 -10.29 23.73
C ASP C 340 -10.56 -10.24 22.26
N ALA C 341 -10.12 -11.22 21.46
CA ALA C 341 -10.50 -11.23 20.05
C ALA C 341 -11.99 -11.54 19.86
N GLN C 342 -12.54 -12.42 20.72
CA GLN C 342 -13.95 -12.77 20.59
C GLN C 342 -14.84 -11.55 20.76
N ALA C 343 -14.51 -10.68 21.71
CA ALA C 343 -15.26 -9.44 21.87
C ALA C 343 -15.19 -8.57 20.62
N ARG C 344 -14.05 -8.60 19.92
CA ARG C 344 -13.91 -7.79 18.71
C ARG C 344 -14.79 -8.31 17.59
N TYR C 345 -14.66 -9.60 17.25
CA TYR C 345 -15.38 -10.08 16.08
C TYR C 345 -16.85 -10.37 16.36
N ALA C 346 -17.21 -10.66 17.62
CA ALA C 346 -18.63 -10.72 17.95
C ALA C 346 -19.28 -9.35 17.78
N ASN C 347 -18.61 -8.31 18.24
CA ASN C 347 -19.14 -6.96 18.08
C ASN C 347 -19.16 -6.55 16.61
N GLY C 348 -18.14 -6.94 15.84
CA GLY C 348 -18.14 -6.69 14.42
C GLY C 348 -19.24 -7.42 13.66
N VAL C 349 -19.59 -8.62 14.12
CA VAL C 349 -20.71 -9.34 13.52
C VAL C 349 -22.02 -8.64 13.81
N LYS C 350 -22.13 -8.02 15.00
CA LYS C 350 -23.31 -7.21 15.30
C LYS C 350 -23.40 -6.02 14.35
N GLN C 351 -22.25 -5.38 14.07
CA GLN C 351 -22.22 -4.28 13.12
C GLN C 351 -22.68 -4.73 11.73
N ILE C 352 -22.23 -5.90 11.29
CA ILE C 352 -22.59 -6.39 9.96
C ILE C 352 -24.07 -6.71 9.87
N LEU C 353 -24.62 -7.36 10.90
CA LEU C 353 -26.03 -7.71 10.89
C LEU C 353 -26.92 -6.48 10.97
N THR C 354 -26.54 -5.49 11.79
CA THR C 354 -27.33 -4.27 11.90
C THR C 354 -27.42 -3.54 10.56
N GLU C 355 -26.31 -3.45 9.83
CA GLU C 355 -26.33 -2.82 8.51
C GLU C 355 -27.24 -3.59 7.56
N TYR C 356 -27.24 -4.92 7.65
CA TYR C 356 -28.05 -5.73 6.75
C TYR C 356 -29.53 -5.64 7.10
N PHE C 357 -29.86 -5.83 8.39
CA PHE C 357 -31.26 -5.79 8.82
C PHE C 357 -31.91 -4.45 8.51
N ASP C 358 -31.25 -3.35 8.91
CA ASP C 358 -31.76 -2.01 8.64
C ASP C 358 -31.74 -1.67 7.15
N LYS C 359 -31.20 -2.56 6.32
CA LYS C 359 -31.17 -2.39 4.87
C LYS C 359 -30.43 -1.12 4.45
N THR C 360 -29.42 -0.74 5.23
CA THR C 360 -28.51 0.35 4.87
C THR C 360 -27.26 -0.14 4.16
N TYR C 361 -26.76 -1.32 4.53
CA TYR C 361 -25.67 -2.04 3.83
C TYR C 361 -24.37 -1.24 3.81
N LYS C 362 -24.12 -0.41 4.81
CA LYS C 362 -22.89 0.39 4.81
C LYS C 362 -21.78 -0.37 5.53
N TYR C 363 -21.46 -1.54 4.94
CA TYR C 363 -20.43 -2.40 5.48
C TYR C 363 -19.08 -1.73 5.38
N ARG C 364 -18.22 -2.01 6.35
CA ARG C 364 -16.85 -1.55 6.26
C ARG C 364 -16.21 -2.17 5.02
N PRO C 365 -15.62 -1.37 4.13
CA PRO C 365 -15.05 -1.94 2.90
C PRO C 365 -14.08 -3.07 3.14
N GLN C 366 -13.33 -3.01 4.25
CA GLN C 366 -12.38 -4.08 4.58
C GLN C 366 -13.10 -5.39 4.86
N ASP C 367 -14.31 -5.32 5.42
CA ASP C 367 -15.05 -6.52 5.81
C ASP C 367 -15.54 -7.36 4.63
N VAL C 368 -15.69 -6.76 3.44
CA VAL C 368 -16.30 -7.46 2.32
C VAL C 368 -15.27 -8.33 1.61
N ILE C 369 -15.56 -9.62 1.51
CA ILE C 369 -14.82 -10.53 0.63
C ILE C 369 -15.54 -10.68 -0.69
N CYS C 370 -16.84 -10.95 -0.65
CA CYS C 370 -17.67 -11.11 -1.83
C CYS C 370 -18.94 -10.30 -1.63
N ILE C 371 -19.34 -9.56 -2.66
CA ILE C 371 -20.59 -8.82 -2.64
C ILE C 371 -21.03 -8.62 -4.08
N ASP C 372 -22.34 -8.63 -4.30
CA ASP C 372 -22.95 -8.36 -5.60
C ASP C 372 -22.35 -9.21 -6.72
N GLY C 373 -21.95 -10.44 -6.41
CA GLY C 373 -21.49 -11.34 -7.44
C GLY C 373 -20.11 -11.10 -8.01
N HIS C 374 -19.22 -10.46 -7.26
CA HIS C 374 -17.84 -10.30 -7.70
C HIS C 374 -16.89 -10.52 -6.54
N TYR C 375 -15.72 -11.09 -6.83
CA TYR C 375 -14.67 -11.19 -5.82
C TYR C 375 -14.23 -9.79 -5.42
N ALA C 376 -14.44 -9.44 -4.16
CA ALA C 376 -14.08 -8.10 -3.70
C ALA C 376 -13.03 -8.16 -2.61
N GLY D 9 19.68 25.56 -61.14
CA GLY D 9 19.22 24.29 -60.60
C GLY D 9 18.10 23.66 -61.41
N LYS D 10 17.36 22.75 -60.79
CA LYS D 10 16.28 22.06 -61.46
C LYS D 10 14.98 22.27 -60.68
N PRO D 11 13.83 22.30 -61.37
CA PRO D 11 12.57 22.45 -60.65
C PRO D 11 12.28 21.23 -59.77
N LYS D 12 11.68 21.48 -58.62
CA LYS D 12 11.52 20.49 -57.56
C LYS D 12 10.09 20.00 -57.48
N VAL D 13 9.94 18.68 -57.35
CA VAL D 13 8.71 18.07 -56.88
C VAL D 13 8.91 17.71 -55.42
N LEU D 14 8.08 18.28 -54.54
CA LEU D 14 8.19 18.06 -53.10
C LEU D 14 7.04 17.16 -52.66
N MET D 15 7.37 15.99 -52.11
CA MET D 15 6.40 14.98 -51.74
C MET D 15 6.54 14.65 -50.25
N ALA D 16 5.41 14.53 -49.56
CA ALA D 16 5.37 14.18 -48.14
C ALA D 16 4.50 12.95 -47.96
N LEU D 17 5.11 11.84 -47.56
CA LEU D 17 4.42 10.58 -47.31
C LEU D 17 4.75 10.10 -45.90
N TYR D 18 4.14 9.00 -45.48
CA TYR D 18 4.45 8.42 -44.19
C TYR D 18 5.61 7.44 -44.33
N SER D 19 6.40 7.33 -43.27
CA SER D 19 7.58 6.48 -43.31
C SER D 19 7.20 5.01 -43.39
N GLY D 20 8.03 4.24 -44.08
CA GLY D 20 7.82 2.81 -44.17
C GLY D 20 8.73 2.02 -43.25
N GLY D 21 9.97 2.50 -43.08
CA GLY D 21 10.89 1.81 -42.20
C GLY D 21 11.15 0.39 -42.69
N LYS D 22 11.11 -0.57 -41.76
CA LYS D 22 11.27 -1.96 -42.14
C LYS D 22 10.07 -2.49 -42.90
N HIS D 23 8.91 -1.87 -42.75
CA HIS D 23 7.72 -2.32 -43.48
C HIS D 23 7.93 -2.18 -44.97
N ALA D 24 8.61 -1.12 -45.40
CA ALA D 24 8.84 -0.91 -46.83
C ALA D 24 9.80 -1.95 -47.40
N LYS D 25 10.65 -2.52 -46.56
CA LYS D 25 11.54 -3.59 -47.01
C LYS D 25 10.82 -4.93 -47.12
N GLU D 26 9.71 -5.10 -46.40
CA GLU D 26 8.92 -6.32 -46.42
C GLU D 26 7.74 -6.26 -47.37
N GLU D 27 7.53 -5.13 -48.04
CA GLU D 27 6.33 -4.96 -48.85
C GLU D 27 6.58 -3.96 -49.98
N PRO D 28 7.02 -4.41 -51.14
CA PRO D 28 7.15 -3.49 -52.29
C PRO D 28 5.86 -2.79 -52.64
N ARG D 29 4.70 -3.39 -52.32
CA ARG D 29 3.41 -2.79 -52.60
C ARG D 29 3.07 -1.63 -51.67
N LEU D 30 3.90 -1.36 -50.67
CA LEU D 30 3.75 -0.19 -49.84
C LEU D 30 4.20 1.04 -50.62
N LEU D 31 3.51 1.31 -51.73
CA LEU D 31 3.93 2.39 -52.64
C LEU D 31 3.83 3.76 -51.99
N GLY D 32 2.89 3.95 -51.07
CA GLY D 32 2.64 5.28 -50.53
C GLY D 32 3.57 5.71 -49.41
N THR D 33 4.78 5.18 -49.38
CA THR D 33 5.75 5.48 -48.34
C THR D 33 6.91 6.30 -48.88
N VAL D 34 7.67 6.88 -47.95
CA VAL D 34 8.86 7.65 -48.31
C VAL D 34 9.82 6.82 -49.13
N GLU D 35 10.00 5.55 -48.74
CA GLU D 35 11.02 4.71 -49.35
C GLU D 35 10.70 4.36 -50.81
N ASN D 36 9.42 4.26 -51.17
CA ASN D 36 9.03 3.82 -52.50
C ASN D 36 8.50 4.92 -53.40
N GLU D 37 8.14 6.08 -52.83
CA GLU D 37 7.88 7.31 -53.60
C GLU D 37 6.84 7.11 -54.69
N LEU D 38 5.86 6.25 -54.46
CA LEU D 38 4.75 6.05 -55.39
C LEU D 38 5.20 5.55 -56.77
N GLY D 39 6.49 5.30 -56.94
CA GLY D 39 7.01 4.92 -58.24
C GLY D 39 7.03 6.04 -59.27
N ILE D 40 7.14 7.29 -58.82
CA ILE D 40 7.15 8.43 -59.73
C ILE D 40 8.56 8.98 -59.97
N ARG D 41 9.58 8.43 -59.31
CA ARG D 41 10.92 9.02 -59.40
C ARG D 41 11.44 9.04 -60.83
N LYS D 42 11.32 7.89 -61.51
CA LYS D 42 11.79 7.80 -62.89
C LYS D 42 11.04 8.76 -63.79
N LEU D 43 9.72 8.87 -63.61
CA LEU D 43 8.93 9.82 -64.39
C LEU D 43 9.29 11.25 -64.03
N VAL D 44 9.56 11.52 -62.76
CA VAL D 44 9.87 12.89 -62.35
C VAL D 44 11.22 13.32 -62.92
N GLU D 45 12.22 12.44 -62.84
CA GLU D 45 13.55 12.75 -63.35
C GLU D 45 13.63 12.69 -64.87
N GLU D 46 12.68 11.99 -65.53
CA GLU D 46 12.67 11.98 -66.99
C GLU D 46 12.38 13.35 -67.56
N HIS D 47 11.66 14.18 -66.83
CA HIS D 47 11.29 15.50 -67.28
C HIS D 47 12.16 16.58 -66.67
N GLY D 48 13.32 16.19 -66.13
CA GLY D 48 14.30 17.14 -65.65
C GLY D 48 14.01 17.73 -64.28
N TYR D 49 13.04 17.18 -63.55
CA TYR D 49 12.70 17.68 -62.23
C TYR D 49 13.52 16.99 -61.14
N GLU D 50 13.64 17.67 -60.02
CA GLU D 50 14.16 17.07 -58.79
C GLU D 50 13.01 16.52 -57.96
N LEU D 51 13.21 15.33 -57.40
CA LEU D 51 12.22 14.72 -56.51
C LEU D 51 12.77 14.68 -55.09
N VAL D 52 12.10 15.35 -54.17
CA VAL D 52 12.44 15.31 -52.75
C VAL D 52 11.26 14.73 -52.00
N THR D 53 11.51 13.68 -51.21
CA THR D 53 10.48 12.93 -50.51
C THR D 53 10.88 12.84 -49.05
N THR D 54 9.98 13.27 -48.15
CA THR D 54 10.27 13.28 -46.74
C THR D 54 9.05 12.88 -45.93
N ALA D 55 9.29 12.33 -44.75
CA ALA D 55 8.25 12.11 -43.76
C ALA D 55 8.29 13.15 -42.64
N ASP D 56 9.24 14.07 -42.69
CA ASP D 56 9.37 15.13 -41.69
C ASP D 56 8.54 16.29 -42.21
N LYS D 57 7.30 16.37 -41.74
CA LYS D 57 6.38 17.39 -42.30
C LYS D 57 5.79 18.34 -41.27
N ASP D 58 5.94 18.00 -40.00
CA ASP D 58 5.40 18.85 -38.93
C ASP D 58 6.57 19.54 -38.24
N PRO D 59 6.44 20.36 -37.16
CA PRO D 59 7.42 21.32 -36.70
C PRO D 59 7.65 22.53 -37.63
N PHE D 60 6.58 23.27 -37.96
CA PHE D 60 6.67 24.57 -38.68
C PHE D 60 7.54 25.58 -37.91
N PRO D 61 8.45 26.42 -38.51
CA PRO D 61 8.94 26.23 -39.88
C PRO D 61 10.30 25.56 -40.02
N SER D 62 10.56 24.50 -39.26
CA SER D 62 11.90 23.88 -39.26
C SER D 62 11.89 22.52 -39.95
N SER D 63 10.75 22.09 -40.49
CA SER D 63 10.70 20.76 -41.08
C SER D 63 11.42 20.70 -42.42
N THR D 64 11.82 19.49 -42.80
CA THR D 64 12.34 19.23 -44.13
C THR D 64 11.35 19.70 -45.19
N PHE D 65 10.06 19.45 -44.97
CA PHE D 65 9.03 19.94 -45.88
C PHE D 65 9.12 21.46 -46.02
N ASP D 66 9.22 22.17 -44.90
CA ASP D 66 9.35 23.62 -44.94
C ASP D 66 10.61 24.05 -45.68
N LYS D 67 11.72 23.35 -45.45
CA LYS D 67 12.99 23.78 -46.05
C LYS D 67 13.04 23.55 -47.56
N ASN D 68 12.11 22.76 -48.11
CA ASN D 68 12.04 22.53 -49.55
C ASN D 68 10.91 23.30 -50.22
N LEU D 69 10.20 24.12 -49.47
CA LEU D 69 9.12 24.93 -50.05
C LEU D 69 9.60 25.95 -51.08
N PRO D 70 10.66 26.72 -50.84
CA PRO D 70 11.01 27.81 -51.79
C PRO D 70 11.09 27.39 -53.25
N ASP D 71 11.65 26.21 -53.53
CA ASP D 71 11.81 25.75 -54.91
C ASP D 71 10.75 24.73 -55.30
N ALA D 72 9.71 24.56 -54.49
CA ALA D 72 8.70 23.55 -54.77
C ALA D 72 7.80 24.02 -55.91
N GLU D 73 7.91 23.35 -57.06
CA GLU D 73 6.95 23.56 -58.15
C GLU D 73 5.72 22.68 -58.01
N ILE D 74 5.90 21.43 -57.61
CA ILE D 74 4.82 20.48 -57.39
C ILE D 74 4.92 19.98 -55.96
N ILE D 75 3.79 19.96 -55.26
CA ILE D 75 3.71 19.41 -53.93
C ILE D 75 2.74 18.24 -53.95
N ILE D 76 3.20 17.08 -53.48
CA ILE D 76 2.41 15.87 -53.40
C ILE D 76 2.24 15.53 -51.93
N THR D 77 1.00 15.42 -51.49
CA THR D 77 0.67 15.05 -50.12
C THR D 77 -0.21 13.79 -50.12
N THR D 78 -0.36 13.20 -48.94
CA THR D 78 -1.18 12.03 -48.76
C THR D 78 -2.02 12.23 -47.49
N PRO D 79 -3.33 11.95 -47.53
CA PRO D 79 -4.18 12.34 -46.40
C PRO D 79 -3.90 11.57 -45.14
N PHE D 80 -3.40 10.34 -45.25
CA PHE D 80 -3.12 9.50 -44.09
C PHE D 80 -1.99 10.06 -43.23
N PHE D 81 -1.10 10.86 -43.82
CA PHE D 81 -0.03 11.54 -43.09
C PHE D 81 0.18 12.89 -43.76
N PRO D 82 -0.74 13.83 -43.56
CA PRO D 82 -0.81 15.00 -44.45
C PRO D 82 0.06 16.16 -44.03
N ALA D 83 0.90 16.63 -44.94
CA ALA D 83 1.61 17.88 -44.75
C ALA D 83 0.62 19.02 -44.94
N TYR D 84 0.33 19.73 -43.85
CA TYR D 84 -0.70 20.77 -43.90
C TYR D 84 -0.16 21.94 -44.71
N VAL D 85 -0.74 22.16 -45.89
CA VAL D 85 -0.27 23.17 -46.83
C VAL D 85 -1.05 24.44 -46.51
N THR D 86 -0.54 25.19 -45.54
CA THR D 86 -1.27 26.33 -45.02
C THR D 86 -0.98 27.59 -45.83
N LYS D 87 -1.75 28.62 -45.50
CA LYS D 87 -1.53 29.98 -45.99
C LYS D 87 -0.08 30.40 -45.82
N GLU D 88 0.45 30.24 -44.60
CA GLU D 88 1.83 30.62 -44.33
C GLU D 88 2.79 29.85 -45.22
N ARG D 89 2.50 28.57 -45.46
CA ARG D 89 3.38 27.73 -46.25
C ARG D 89 3.28 28.04 -47.75
N ILE D 90 2.08 28.38 -48.23
CA ILE D 90 1.92 28.75 -49.63
C ILE D 90 2.71 30.02 -49.94
N ALA D 91 2.62 31.02 -49.05
CA ALA D 91 3.33 32.28 -49.26
C ALA D 91 4.83 32.09 -49.30
N LYS D 92 5.33 30.96 -48.78
CA LYS D 92 6.76 30.68 -48.72
C LYS D 92 7.23 29.80 -49.89
N ALA D 93 6.32 29.41 -50.79
CA ALA D 93 6.63 28.60 -51.97
C ALA D 93 6.23 29.41 -53.20
N PRO D 94 7.07 30.36 -53.63
CA PRO D 94 6.63 31.32 -54.65
C PRO D 94 6.45 30.73 -56.04
N LYS D 95 7.04 29.58 -56.34
CA LYS D 95 6.92 29.00 -57.68
C LYS D 95 6.05 27.75 -57.67
N LEU D 96 5.15 27.64 -56.70
CA LEU D 96 4.20 26.53 -56.72
C LEU D 96 3.20 26.71 -57.86
N LYS D 97 2.90 25.60 -58.53
CA LYS D 97 2.00 25.37 -59.66
C LYS D 97 0.97 24.26 -59.47
N LEU D 98 1.33 23.15 -58.86
CA LEU D 98 0.39 22.05 -58.79
C LEU D 98 0.47 21.42 -57.40
N CYS D 99 -0.69 21.09 -56.84
CA CYS D 99 -0.75 20.29 -55.62
C CYS D 99 -1.55 19.02 -55.92
N VAL D 100 -0.92 17.87 -55.72
CA VAL D 100 -1.55 16.58 -55.96
C VAL D 100 -1.70 15.85 -54.64
N THR D 101 -2.87 15.28 -54.41
CA THR D 101 -3.12 14.46 -53.23
C THR D 101 -3.00 12.99 -53.61
N ALA D 102 -2.04 12.29 -52.99
CA ALA D 102 -1.88 10.85 -53.17
C ALA D 102 -3.00 10.15 -52.40
N GLY D 103 -4.20 10.17 -52.99
CA GLY D 103 -5.38 9.66 -52.35
C GLY D 103 -6.58 10.57 -52.59
N VAL D 104 -7.53 10.57 -51.66
CA VAL D 104 -8.73 11.40 -51.77
C VAL D 104 -8.92 12.15 -50.46
N GLY D 105 -9.28 13.42 -50.58
CA GLY D 105 -9.47 14.26 -49.41
C GLY D 105 -8.40 15.33 -49.35
N SER D 106 -8.78 16.57 -49.64
CA SER D 106 -7.83 17.67 -49.73
C SER D 106 -8.16 18.76 -48.74
N ASP D 107 -8.63 18.38 -47.56
CA ASP D 107 -8.88 19.36 -46.50
C ASP D 107 -7.58 19.98 -45.99
N HIS D 108 -6.48 19.23 -46.06
CA HIS D 108 -5.20 19.69 -45.51
C HIS D 108 -4.54 20.78 -46.35
N TYR D 109 -5.13 21.17 -47.48
CA TYR D 109 -4.70 22.36 -48.20
C TYR D 109 -5.55 23.55 -47.78
N ASP D 110 -4.94 24.74 -47.85
CA ASP D 110 -5.70 25.97 -47.78
C ASP D 110 -6.17 26.26 -49.20
N LEU D 111 -7.39 25.83 -49.51
CA LEU D 111 -7.84 25.80 -50.91
C LEU D 111 -8.02 27.20 -51.47
N ASN D 112 -8.47 28.14 -50.65
CA ASN D 112 -8.66 29.51 -51.14
C ASN D 112 -7.34 30.21 -51.40
N ALA D 113 -6.34 29.99 -50.54
CA ALA D 113 -5.03 30.58 -50.77
C ALA D 113 -4.40 30.05 -52.06
N LEU D 114 -4.60 28.76 -52.36
CA LEU D 114 -4.17 28.21 -53.63
C LEU D 114 -4.97 28.78 -54.79
N ASN D 115 -6.25 29.09 -54.55
CA ASN D 115 -7.07 29.66 -55.62
C ASN D 115 -6.63 31.07 -55.95
N GLU D 116 -6.35 31.88 -54.93
CA GLU D 116 -5.92 33.25 -55.16
C GLU D 116 -4.61 33.29 -55.94
N ARG D 117 -3.78 32.26 -55.80
CA ARG D 117 -2.56 32.13 -56.59
C ARG D 117 -2.79 31.35 -57.87
N GLY D 118 -3.99 30.85 -58.08
CA GLY D 118 -4.32 30.07 -59.25
C GLY D 118 -3.62 28.73 -59.30
N ILE D 119 -3.48 28.06 -58.16
CA ILE D 119 -2.76 26.79 -58.08
C ILE D 119 -3.76 25.67 -58.30
N ALA D 120 -3.36 24.66 -59.07
CA ALA D 120 -4.23 23.52 -59.35
C ALA D 120 -4.06 22.47 -58.24
N VAL D 121 -5.20 21.96 -57.77
CA VAL D 121 -5.23 20.92 -56.74
C VAL D 121 -5.97 19.72 -57.32
N LEU D 122 -5.30 18.57 -57.34
CA LEU D 122 -5.79 17.37 -58.00
C LEU D 122 -5.79 16.21 -57.01
N GLU D 123 -6.89 15.45 -56.99
CA GLU D 123 -6.97 14.19 -56.27
C GLU D 123 -7.01 13.03 -57.26
N VAL D 124 -7.00 11.82 -56.72
CA VAL D 124 -7.29 10.64 -57.52
C VAL D 124 -8.67 10.14 -57.10
N THR D 125 -9.70 10.85 -57.54
CA THR D 125 -11.06 10.58 -57.10
C THR D 125 -11.46 9.15 -57.44
N GLY D 126 -12.07 8.46 -56.48
CA GLY D 126 -12.50 7.10 -56.65
C GLY D 126 -11.48 6.05 -56.27
N SER D 127 -10.24 6.44 -55.96
CA SER D 127 -9.21 5.45 -55.69
C SER D 127 -9.45 4.68 -54.40
N ASN D 128 -10.29 5.20 -53.50
CA ASN D 128 -10.53 4.51 -52.24
C ASN D 128 -11.99 4.57 -51.80
N VAL D 129 -12.92 4.82 -52.73
CA VAL D 129 -14.33 4.87 -52.36
C VAL D 129 -14.81 3.53 -51.84
N GLN D 130 -14.35 2.44 -52.46
CA GLN D 130 -14.71 1.11 -51.97
C GLN D 130 -13.94 0.75 -50.71
N SER D 131 -12.69 1.20 -50.60
CA SER D 131 -11.88 0.92 -49.41
C SER D 131 -12.48 1.59 -48.17
N VAL D 132 -13.00 2.81 -48.33
CA VAL D 132 -13.58 3.49 -47.18
C VAL D 132 -14.94 2.90 -46.83
N ALA D 133 -15.75 2.59 -47.84
CA ALA D 133 -17.05 1.97 -47.58
C ALA D 133 -16.90 0.68 -46.80
N GLU D 134 -15.90 -0.15 -47.16
CA GLU D 134 -15.63 -1.36 -46.40
C GLU D 134 -15.28 -1.03 -44.95
N HIS D 135 -14.47 0.01 -44.74
CA HIS D 135 -14.07 0.37 -43.38
C HIS D 135 -15.26 0.83 -42.54
N ALA D 136 -16.21 1.52 -43.17
CA ALA D 136 -17.40 1.98 -42.44
C ALA D 136 -18.25 0.79 -42.00
N ILE D 137 -18.58 -0.11 -42.93
CA ILE D 137 -19.36 -1.29 -42.60
C ILE D 137 -18.68 -2.08 -41.49
N MET D 138 -17.38 -2.34 -41.66
CA MET D 138 -16.60 -3.01 -40.63
C MET D 138 -16.78 -2.35 -39.27
N THR D 139 -16.75 -1.02 -39.22
CA THR D 139 -16.88 -0.32 -37.94
C THR D 139 -18.27 -0.49 -37.36
N MET D 140 -19.32 -0.45 -38.19
CA MET D 140 -20.66 -0.70 -37.68
C MET D 140 -20.75 -2.09 -37.06
N LEU D 141 -20.22 -3.10 -37.76
CA LEU D 141 -20.26 -4.47 -37.25
C LEU D 141 -19.45 -4.59 -35.96
N ILE D 142 -18.24 -4.01 -35.95
CA ILE D 142 -17.40 -4.07 -34.77
C ILE D 142 -18.12 -3.52 -33.54
N LEU D 143 -18.83 -2.41 -33.72
CA LEU D 143 -19.47 -1.74 -32.58
C LEU D 143 -20.79 -2.41 -32.21
N LEU D 144 -21.66 -2.64 -33.19
CA LEU D 144 -22.98 -3.20 -32.89
C LEU D 144 -22.85 -4.59 -32.28
N ARG D 145 -21.88 -5.37 -32.75
CA ARG D 145 -21.70 -6.74 -32.28
C ARG D 145 -20.72 -6.85 -31.11
N ASN D 146 -20.22 -5.72 -30.61
CA ASN D 146 -19.31 -5.68 -29.47
C ASN D 146 -18.11 -6.60 -29.66
N TYR D 147 -17.49 -6.50 -30.85
CA TYR D 147 -16.27 -7.27 -31.09
C TYR D 147 -15.17 -6.88 -30.11
N GLY D 148 -15.17 -5.63 -29.64
CA GLY D 148 -14.14 -5.19 -28.71
C GLY D 148 -14.09 -6.04 -27.46
N GLU D 149 -15.23 -6.20 -26.79
CA GLU D 149 -15.25 -7.06 -25.61
C GLU D 149 -15.15 -8.53 -25.98
N GLY D 150 -15.74 -8.93 -27.11
CA GLY D 150 -15.64 -10.31 -27.54
C GLY D 150 -14.21 -10.73 -27.84
N HIS D 151 -13.46 -9.84 -28.50
CA HIS D 151 -12.06 -10.14 -28.81
C HIS D 151 -11.18 -10.03 -27.56
N ALA D 152 -11.45 -9.03 -26.72
CA ALA D 152 -10.71 -8.91 -25.46
C ALA D 152 -10.88 -10.16 -24.61
N GLN D 153 -12.14 -10.60 -24.44
CA GLN D 153 -12.42 -11.79 -23.65
C GLN D 153 -11.59 -12.98 -24.14
N ALA D 154 -11.46 -13.12 -25.46
CA ALA D 154 -10.65 -14.20 -26.00
C ALA D 154 -9.17 -14.01 -25.68
N THR D 155 -8.67 -12.77 -25.77
CA THR D 155 -7.25 -12.55 -25.60
C THR D 155 -6.82 -12.61 -24.13
N GLN D 156 -7.62 -12.08 -23.21
CA GLN D 156 -7.21 -12.05 -21.81
C GLN D 156 -7.64 -13.30 -21.05
N GLY D 157 -8.05 -14.35 -21.75
CA GLY D 157 -8.18 -15.68 -21.16
C GLY D 157 -9.48 -16.02 -20.47
N THR D 158 -10.51 -15.20 -20.60
CA THR D 158 -11.75 -15.42 -19.88
C THR D 158 -12.82 -15.98 -20.80
N TRP D 159 -14.04 -16.12 -20.28
CA TRP D 159 -15.17 -16.66 -21.03
C TRP D 159 -16.47 -16.07 -20.48
N ASP D 160 -16.51 -14.74 -20.35
CA ASP D 160 -17.68 -14.05 -19.80
C ASP D 160 -18.60 -13.66 -20.95
N ILE D 161 -19.40 -14.63 -21.41
CA ILE D 161 -20.34 -14.40 -22.51
C ILE D 161 -21.23 -13.21 -22.22
N ALA D 162 -21.80 -13.17 -21.00
CA ALA D 162 -22.73 -12.11 -20.64
C ALA D 162 -22.09 -10.74 -20.75
N ALA D 163 -20.79 -10.63 -20.50
CA ALA D 163 -20.13 -9.34 -20.64
C ALA D 163 -20.13 -8.87 -22.10
N VAL D 164 -20.07 -9.79 -23.05
CA VAL D 164 -20.13 -9.44 -24.47
C VAL D 164 -21.56 -9.22 -24.93
N ALA D 165 -22.40 -10.24 -24.77
CA ALA D 165 -23.75 -10.16 -25.31
C ALA D 165 -24.49 -8.96 -24.74
N LYS D 166 -24.11 -8.48 -23.55
CA LYS D 166 -24.79 -7.40 -22.86
C LYS D 166 -24.93 -6.16 -23.72
N ASP D 167 -24.02 -5.94 -24.66
CA ASP D 167 -24.01 -4.80 -25.55
C ASP D 167 -23.85 -5.29 -26.98
N GLU D 168 -24.47 -6.43 -27.31
CA GLU D 168 -24.32 -7.07 -28.61
C GLU D 168 -25.64 -7.08 -29.34
N PHE D 169 -25.69 -6.47 -30.53
CA PHE D 169 -26.90 -6.39 -31.33
C PHE D 169 -26.60 -6.80 -32.77
N ASP D 170 -27.64 -7.23 -33.46
CA ASP D 170 -27.55 -7.53 -34.88
C ASP D 170 -27.70 -6.25 -35.70
N MET D 171 -27.06 -6.23 -36.87
CA MET D 171 -27.32 -5.15 -37.82
C MET D 171 -28.75 -5.17 -38.32
N GLU D 172 -29.35 -6.36 -38.38
CA GLU D 172 -30.67 -6.53 -38.97
C GLU D 172 -31.72 -5.73 -38.18
N ASP D 173 -32.67 -5.16 -38.91
CA ASP D 173 -33.79 -4.41 -38.33
C ASP D 173 -33.32 -3.18 -37.55
N LYS D 174 -32.17 -2.65 -37.90
CA LYS D 174 -31.70 -1.38 -37.38
C LYS D 174 -31.87 -0.29 -38.44
N VAL D 175 -31.95 0.95 -37.97
CA VAL D 175 -32.07 2.10 -38.86
C VAL D 175 -30.69 2.71 -39.07
N PHE D 176 -30.23 2.72 -40.31
CA PHE D 176 -28.95 3.29 -40.69
C PHE D 176 -29.20 4.58 -41.47
N ALA D 177 -28.40 5.60 -41.17
CA ALA D 177 -28.55 6.91 -41.79
C ALA D 177 -27.19 7.47 -42.13
N THR D 178 -27.04 7.99 -43.35
CA THR D 178 -25.78 8.56 -43.79
C THR D 178 -25.94 10.06 -43.99
N ILE D 179 -24.98 10.82 -43.47
CA ILE D 179 -24.88 12.25 -43.75
C ILE D 179 -23.97 12.36 -44.98
N GLY D 180 -24.59 12.55 -46.14
CA GLY D 180 -23.87 12.46 -47.39
C GLY D 180 -24.20 11.20 -48.16
N ALA D 181 -24.66 11.37 -49.40
CA ALA D 181 -25.00 10.26 -50.28
C ALA D 181 -24.12 10.29 -51.53
N GLY D 182 -22.85 10.60 -51.37
CA GLY D 182 -21.91 10.64 -52.47
C GLY D 182 -21.45 9.25 -52.88
N ARG D 183 -20.28 9.21 -53.53
CA ARG D 183 -19.71 7.94 -53.98
C ARG D 183 -19.57 6.97 -52.82
N ILE D 184 -19.02 7.44 -51.70
CA ILE D 184 -18.79 6.57 -50.56
C ILE D 184 -20.08 6.28 -49.80
N GLY D 185 -20.81 7.33 -49.44
CA GLY D 185 -22.03 7.14 -48.67
C GLY D 185 -23.02 6.22 -49.35
N TYR D 186 -23.15 6.35 -50.67
CA TYR D 186 -24.03 5.46 -51.40
C TYR D 186 -23.51 4.04 -51.44
N ARG D 187 -22.18 3.87 -51.48
CA ARG D 187 -21.60 2.53 -51.47
C ARG D 187 -21.80 1.84 -50.13
N ILE D 188 -21.82 2.61 -49.04
CA ILE D 188 -22.14 2.03 -47.74
C ILE D 188 -23.58 1.53 -47.72
N LEU D 189 -24.50 2.35 -48.25
CA LEU D 189 -25.90 1.94 -48.33
C LEU D 189 -26.05 0.65 -49.11
N GLU D 190 -25.33 0.51 -50.22
CA GLU D 190 -25.38 -0.74 -50.99
C GLU D 190 -24.96 -1.93 -50.13
N ARG D 191 -23.86 -1.79 -49.38
CA ARG D 191 -23.36 -2.91 -48.60
C ARG D 191 -24.23 -3.22 -47.39
N LEU D 192 -25.17 -2.34 -47.05
CA LEU D 192 -26.07 -2.58 -45.93
C LEU D 192 -27.33 -3.36 -46.31
N ILE D 193 -27.67 -3.39 -47.61
CA ILE D 193 -28.94 -3.98 -48.04
C ILE D 193 -29.06 -5.41 -47.55
N ALA D 194 -28.05 -6.25 -47.87
CA ALA D 194 -28.13 -7.67 -47.54
C ALA D 194 -28.11 -7.92 -46.04
N PHE D 195 -27.78 -6.92 -45.23
CA PHE D 195 -27.88 -7.06 -43.79
C PHE D 195 -29.31 -6.92 -43.28
N ASN D 196 -30.25 -6.61 -44.17
CA ASN D 196 -31.68 -6.48 -43.89
C ASN D 196 -31.94 -5.38 -42.87
N PRO D 197 -31.62 -4.13 -43.18
CA PRO D 197 -31.92 -3.05 -42.24
C PRO D 197 -33.41 -2.75 -42.20
N LYS D 198 -33.85 -2.20 -41.07
CA LYS D 198 -35.23 -1.74 -40.97
C LYS D 198 -35.51 -0.64 -42.00
N LYS D 199 -34.67 0.39 -42.02
CA LYS D 199 -34.81 1.50 -42.94
C LYS D 199 -33.42 2.09 -43.21
N LEU D 200 -33.28 2.71 -44.38
CA LEU D 200 -32.07 3.42 -44.77
C LEU D 200 -32.42 4.89 -44.99
N LEU D 201 -31.88 5.76 -44.15
CA LEU D 201 -32.10 7.19 -44.26
C LEU D 201 -30.86 7.86 -44.85
N TYR D 202 -31.07 9.01 -45.49
CA TYR D 202 -29.94 9.79 -45.98
C TYR D 202 -30.29 11.27 -45.96
N TYR D 203 -29.26 12.09 -45.86
CA TYR D 203 -29.39 13.54 -45.79
C TYR D 203 -28.33 14.14 -46.71
N ASP D 204 -28.78 14.91 -47.69
CA ASP D 204 -27.89 15.46 -48.69
C ASP D 204 -28.50 16.78 -49.18
N TYR D 205 -27.63 17.72 -49.56
CA TYR D 205 -28.14 18.99 -50.05
C TYR D 205 -28.79 18.84 -51.43
N GLN D 206 -28.65 17.68 -52.06
CA GLN D 206 -29.31 17.34 -53.31
C GLN D 206 -29.96 15.97 -53.16
N PRO D 207 -30.98 15.68 -53.96
CA PRO D 207 -31.56 14.33 -53.93
C PRO D 207 -30.63 13.33 -54.60
N LEU D 208 -30.82 12.07 -54.23
CA LEU D 208 -30.09 10.99 -54.87
C LEU D 208 -30.58 10.82 -56.32
N PRO D 209 -29.67 10.50 -57.23
CA PRO D 209 -30.09 10.26 -58.63
C PRO D 209 -31.27 9.30 -58.68
N GLU D 210 -32.08 9.46 -59.73
CA GLU D 210 -33.34 8.77 -59.89
C GLU D 210 -33.26 7.27 -59.66
N GLU D 211 -32.54 6.59 -60.55
CA GLU D 211 -32.37 5.16 -60.48
C GLU D 211 -31.46 4.72 -59.33
N ALA D 212 -30.68 5.64 -58.76
CA ALA D 212 -29.89 5.28 -57.60
C ALA D 212 -30.80 4.86 -56.45
N ILE D 213 -31.92 5.58 -56.28
CA ILE D 213 -32.96 5.14 -55.35
C ILE D 213 -33.45 3.75 -55.72
N ASN D 214 -33.77 3.55 -56.99
CA ASN D 214 -34.31 2.27 -57.44
C ASN D 214 -33.27 1.16 -57.42
N LYS D 215 -31.99 1.51 -57.62
CA LYS D 215 -30.93 0.52 -57.49
C LYS D 215 -30.92 -0.08 -56.08
N LEU D 216 -31.03 0.78 -55.07
CA LEU D 216 -31.10 0.30 -53.69
C LEU D 216 -32.35 -0.52 -53.46
N ASN D 217 -33.52 0.00 -53.88
CA ASN D 217 -34.77 -0.72 -53.68
C ASN D 217 -34.79 -2.05 -54.41
N ALA D 218 -34.17 -2.12 -55.59
CA ALA D 218 -34.17 -3.37 -56.35
C ALA D 218 -33.45 -4.47 -55.58
N ALA D 219 -32.37 -4.12 -54.87
CA ALA D 219 -31.69 -5.11 -54.06
C ALA D 219 -32.45 -5.41 -52.78
N SER D 220 -33.11 -4.40 -52.22
CA SER D 220 -33.98 -4.62 -51.06
C SER D 220 -35.09 -5.62 -51.40
N LYS D 221 -35.78 -5.40 -52.50
CA LYS D 221 -36.78 -6.36 -52.97
C LYS D 221 -36.14 -7.74 -53.13
N LEU D 222 -35.00 -7.80 -53.81
CA LEU D 222 -34.36 -9.08 -54.10
C LEU D 222 -33.96 -9.80 -52.81
N PHE D 223 -33.16 -9.14 -51.97
CA PHE D 223 -32.61 -9.80 -50.79
C PHE D 223 -33.68 -10.03 -49.73
N ASN D 224 -34.48 -9.00 -49.43
CA ASN D 224 -35.31 -9.00 -48.24
C ASN D 224 -36.81 -8.89 -48.52
N GLY D 225 -37.22 -8.81 -49.78
CA GLY D 225 -38.64 -8.71 -50.08
C GLY D 225 -39.30 -7.45 -49.57
N VAL D 226 -38.55 -6.36 -49.45
CA VAL D 226 -39.07 -5.06 -49.03
C VAL D 226 -38.97 -4.12 -50.23
N ASP D 227 -40.05 -3.38 -50.51
CA ASP D 227 -40.12 -2.61 -51.74
C ASP D 227 -39.45 -1.24 -51.63
N ASN D 228 -39.53 -0.60 -50.46
CA ASN D 228 -39.02 0.76 -50.26
C ASN D 228 -38.20 0.83 -48.98
N ILE D 229 -36.88 0.78 -49.11
CA ILE D 229 -35.99 0.82 -47.95
C ILE D 229 -35.26 2.16 -47.78
N ILE D 230 -35.10 2.96 -48.83
CA ILE D 230 -34.29 4.18 -48.78
C ILE D 230 -35.21 5.40 -48.74
N GLU D 231 -34.83 6.40 -47.94
CA GLU D 231 -35.70 7.55 -47.70
C GLU D 231 -34.88 8.78 -47.34
N ARG D 232 -35.18 9.90 -47.98
CA ARG D 232 -34.50 11.17 -47.68
C ARG D 232 -35.15 11.85 -46.49
N VAL D 233 -34.31 12.28 -45.55
CA VAL D 233 -34.72 13.10 -44.41
C VAL D 233 -34.08 14.48 -44.61
N GLU D 234 -34.84 15.54 -44.38
CA GLU D 234 -34.29 16.85 -44.66
C GLU D 234 -33.90 17.64 -43.42
N ASN D 235 -34.41 17.32 -42.24
CA ASN D 235 -33.95 17.98 -41.03
C ASN D 235 -32.91 17.06 -40.42
N LEU D 236 -31.70 17.60 -40.24
CA LEU D 236 -30.58 16.82 -39.75
C LEU D 236 -30.92 16.13 -38.43
N GLU D 237 -31.55 16.87 -37.51
CA GLU D 237 -31.83 16.32 -36.15
C GLU D 237 -32.80 15.16 -36.29
N ASP D 238 -33.73 15.26 -37.20
CA ASP D 238 -34.67 14.19 -37.53
C ASP D 238 -33.93 12.94 -38.02
N LEU D 239 -32.99 13.12 -38.94
CA LEU D 239 -32.19 11.99 -39.41
C LEU D 239 -31.53 11.26 -38.24
N VAL D 240 -30.87 12.01 -37.36
CA VAL D 240 -30.17 11.36 -36.25
C VAL D 240 -31.12 10.89 -35.16
N SER D 241 -32.28 11.52 -35.00
CA SER D 241 -33.22 11.10 -33.96
C SER D 241 -33.80 9.73 -34.25
N GLN D 242 -34.04 9.43 -35.53
CA GLN D 242 -34.66 8.17 -35.91
C GLN D 242 -33.66 7.04 -36.10
N ALA D 243 -32.37 7.34 -36.09
CA ALA D 243 -31.35 6.40 -36.52
C ALA D 243 -30.71 5.70 -35.33
N ASP D 244 -30.36 4.43 -35.55
CA ASP D 244 -29.48 3.72 -34.63
C ASP D 244 -28.03 3.89 -34.99
N VAL D 245 -27.72 4.00 -36.28
CA VAL D 245 -26.37 4.18 -36.79
C VAL D 245 -26.37 5.35 -37.76
N VAL D 246 -25.45 6.30 -37.56
CA VAL D 246 -25.23 7.38 -38.50
C VAL D 246 -23.79 7.34 -39.00
N THR D 247 -23.63 7.54 -40.31
CA THR D 247 -22.33 7.57 -40.96
C THR D 247 -22.07 8.95 -41.52
N LEU D 248 -20.89 9.48 -41.26
CA LEU D 248 -20.46 10.74 -41.84
C LEU D 248 -19.78 10.44 -43.16
N ASN D 249 -20.31 11.00 -44.25
CA ASN D 249 -19.82 10.74 -45.60
C ASN D 249 -19.82 12.02 -46.40
N CYS D 250 -19.32 13.10 -45.80
CA CYS D 250 -19.25 14.40 -46.42
C CYS D 250 -17.84 14.97 -46.30
N PRO D 251 -17.47 15.90 -47.17
CA PRO D 251 -16.15 16.52 -47.10
C PRO D 251 -16.06 17.60 -46.01
N LEU D 252 -14.86 18.15 -45.86
CA LEU D 252 -14.58 19.19 -44.89
C LEU D 252 -14.70 20.57 -45.52
N LYS D 255 -18.98 25.01 -44.14
CA LYS D 255 -19.51 25.24 -42.80
C LYS D 255 -19.79 23.92 -42.07
N SER D 256 -19.31 22.82 -42.65
CA SER D 256 -19.57 21.51 -42.06
C SER D 256 -18.65 21.18 -40.90
N LYS D 257 -17.56 21.93 -40.73
CA LYS D 257 -16.67 21.72 -39.59
C LYS D 257 -17.44 21.89 -38.29
N GLY D 258 -17.36 20.87 -37.43
CA GLY D 258 -17.95 20.93 -36.10
C GLY D 258 -19.44 20.69 -36.04
N MET D 259 -20.06 20.28 -37.15
CA MET D 259 -21.51 20.11 -37.18
C MET D 259 -22.00 19.10 -36.14
N PHE D 260 -21.23 18.03 -35.93
CA PHE D 260 -21.66 16.93 -35.04
C PHE D 260 -21.23 17.36 -33.65
N ASN D 261 -21.97 18.30 -33.09
CA ASN D 261 -21.59 18.92 -31.81
C ASN D 261 -22.34 18.30 -30.65
N LYS D 262 -22.16 18.87 -29.46
CA LYS D 262 -22.90 18.40 -28.28
C LYS D 262 -24.35 18.29 -28.69
N GLU D 263 -24.91 19.39 -29.21
CA GLU D 263 -26.33 19.41 -29.61
C GLU D 263 -26.65 18.17 -30.42
N LEU D 264 -26.21 18.08 -31.67
CA LEU D 264 -26.59 16.93 -32.54
C LEU D 264 -26.50 15.59 -31.80
N ILE D 265 -25.34 15.28 -31.22
CA ILE D 265 -25.20 14.02 -30.49
C ILE D 265 -26.36 13.80 -29.51
N SER D 266 -26.72 14.83 -28.74
CA SER D 266 -27.68 14.67 -27.65
C SER D 266 -29.11 14.42 -28.10
N LYS D 267 -29.35 14.59 -29.37
CA LYS D 267 -30.61 14.43 -30.07
C LYS D 267 -30.76 13.02 -30.67
N MET D 268 -29.76 12.18 -30.43
CA MET D 268 -29.71 10.77 -30.77
C MET D 268 -30.20 9.93 -29.58
N LYS D 269 -30.65 8.72 -29.89
CA LYS D 269 -31.07 7.80 -28.85
C LYS D 269 -29.85 7.33 -28.06
N LYS D 270 -30.04 7.16 -26.75
CA LYS D 270 -29.00 6.56 -25.93
C LYS D 270 -28.61 5.20 -26.48
N GLY D 271 -27.29 4.95 -26.55
CA GLY D 271 -26.77 3.71 -27.07
C GLY D 271 -26.75 3.60 -28.58
N SER D 272 -26.90 4.71 -29.30
CA SER D 272 -26.76 4.72 -30.75
C SER D 272 -25.28 4.65 -31.13
N TYR D 273 -25.00 4.76 -32.42
CA TYR D 273 -23.65 4.59 -32.95
C TYR D 273 -23.37 5.65 -34.01
N VAL D 274 -22.17 6.21 -33.97
CA VAL D 274 -21.72 7.20 -34.94
C VAL D 274 -20.47 6.67 -35.61
N ILE D 275 -20.49 6.61 -36.93
CA ILE D 275 -19.36 6.14 -37.74
C ILE D 275 -18.86 7.32 -38.55
N ASN D 276 -17.56 7.60 -38.47
CA ASN D 276 -16.96 8.71 -39.20
C ASN D 276 -15.70 8.23 -39.90
N THR D 277 -15.85 7.90 -41.19
CA THR D 277 -14.69 7.45 -42.00
C THR D 277 -14.46 8.55 -43.04
N ALA D 278 -14.91 9.76 -42.73
CA ALA D 278 -14.81 10.88 -43.69
C ALA D 278 -13.70 11.83 -43.26
N ARG D 279 -14.01 12.78 -42.38
CA ARG D 279 -12.99 13.72 -41.83
C ARG D 279 -13.33 13.98 -40.36
N GLY D 280 -12.33 14.01 -39.48
CA GLY D 280 -12.58 14.13 -38.03
C GLY D 280 -13.08 15.50 -37.62
N ALA D 281 -12.78 16.51 -38.41
CA ALA D 281 -13.23 17.88 -38.08
C ALA D 281 -14.73 17.98 -38.29
N LEU D 282 -15.33 16.98 -38.95
CA LEU D 282 -16.78 17.00 -39.05
C LEU D 282 -17.45 16.95 -37.68
N THR D 283 -16.73 16.54 -36.65
CA THR D 283 -17.29 16.41 -35.32
C THR D 283 -16.71 17.47 -34.40
N ASP D 284 -17.39 17.68 -33.30
CA ASP D 284 -16.83 18.35 -32.15
C ASP D 284 -16.08 17.28 -31.38
N PRO D 285 -14.74 17.24 -31.48
CA PRO D 285 -14.01 16.08 -30.95
C PRO D 285 -14.25 15.82 -29.48
N GLN D 286 -14.28 16.88 -28.66
CA GLN D 286 -14.54 16.70 -27.24
C GLN D 286 -15.99 16.30 -26.98
N ALA D 287 -16.93 16.81 -27.78
CA ALA D 287 -18.32 16.40 -27.62
C ALA D 287 -18.49 14.92 -27.93
N ILE D 288 -17.72 14.40 -28.89
CA ILE D 288 -17.75 12.97 -29.19
C ILE D 288 -17.23 12.19 -28.00
N ALA D 289 -16.06 12.57 -27.48
CA ALA D 289 -15.47 11.87 -26.35
C ALA D 289 -16.39 11.87 -25.14
N ASP D 290 -17.07 12.99 -24.90
CA ASP D 290 -17.99 13.06 -23.77
C ASP D 290 -19.14 12.08 -23.94
N ALA D 291 -19.72 12.02 -25.14
CA ALA D 291 -20.85 11.14 -25.38
C ALA D 291 -20.46 9.67 -25.31
N VAL D 292 -19.24 9.34 -25.77
CA VAL D 292 -18.77 7.97 -25.65
C VAL D 292 -18.47 7.62 -24.20
N ASN D 293 -17.75 8.51 -23.50
CA ASN D 293 -17.39 8.24 -22.12
C ASN D 293 -18.60 8.17 -21.22
N SER D 294 -19.65 8.94 -21.54
CA SER D 294 -20.89 8.91 -20.78
C SER D 294 -21.80 7.77 -21.17
N GLY D 295 -21.51 7.07 -22.27
CA GLY D 295 -22.32 5.98 -22.74
C GLY D 295 -23.47 6.35 -23.64
N HIS D 296 -23.62 7.62 -24.00
CA HIS D 296 -24.74 8.00 -24.86
C HIS D 296 -24.61 7.39 -26.24
N ILE D 297 -23.40 7.37 -26.80
CA ILE D 297 -23.15 6.81 -28.12
C ILE D 297 -21.88 5.95 -28.09
N ALA D 298 -21.70 5.19 -29.15
CA ALA D 298 -20.44 4.56 -29.51
C ALA D 298 -19.90 5.25 -30.76
N TYR D 299 -18.58 5.35 -30.86
CA TYR D 299 -17.97 6.07 -31.96
C TYR D 299 -16.85 5.23 -32.59
N GLY D 300 -16.74 5.32 -33.91
CA GLY D 300 -15.68 4.65 -34.61
C GLY D 300 -15.36 5.33 -35.92
N GLY D 301 -14.16 5.04 -36.42
CA GLY D 301 -13.65 5.67 -37.61
C GLY D 301 -12.14 5.69 -37.59
N ASP D 302 -11.56 6.11 -38.71
CA ASP D 302 -10.12 6.17 -38.85
C ASP D 302 -9.59 7.57 -39.06
N VAL D 303 -10.45 8.56 -39.28
CA VAL D 303 -10.02 9.92 -39.58
C VAL D 303 -10.03 10.74 -38.29
N TRP D 304 -9.03 11.60 -38.14
CA TRP D 304 -8.81 12.37 -36.93
C TRP D 304 -8.71 13.84 -37.29
N PRO D 305 -8.90 14.74 -36.31
CA PRO D 305 -8.83 16.18 -36.64
C PRO D 305 -7.43 16.63 -36.99
N VAL D 306 -6.41 16.12 -36.28
CA VAL D 306 -5.02 16.44 -36.56
C VAL D 306 -4.27 15.13 -36.75
N GLN D 307 -3.59 15.00 -37.89
CA GLN D 307 -2.88 13.78 -38.23
C GLN D 307 -1.41 14.09 -38.46
N PRO D 308 -0.48 13.46 -37.71
CA PRO D 308 -0.76 12.40 -36.74
C PRO D 308 -1.44 12.89 -35.46
N ALA D 309 -2.24 12.03 -34.87
CA ALA D 309 -2.98 12.42 -33.67
C ALA D 309 -2.05 12.38 -32.47
N PRO D 310 -2.21 13.31 -31.52
CA PRO D 310 -1.36 13.30 -30.33
C PRO D 310 -1.57 12.03 -29.53
N LYS D 311 -0.54 11.67 -28.75
CA LYS D 311 -0.65 10.48 -27.91
C LYS D 311 -1.76 10.64 -26.89
N ASP D 312 -2.03 11.89 -26.47
CA ASP D 312 -3.08 12.21 -25.51
C ASP D 312 -4.39 12.62 -26.17
N MET D 313 -4.59 12.27 -27.43
CA MET D 313 -5.86 12.60 -28.08
C MET D 313 -7.00 11.84 -27.40
N PRO D 314 -8.08 12.52 -27.01
CA PRO D 314 -9.11 11.84 -26.19
C PRO D 314 -9.72 10.63 -26.86
N TRP D 315 -9.77 10.60 -28.19
CA TRP D 315 -10.41 9.50 -28.89
C TRP D 315 -9.68 8.18 -28.70
N ARG D 316 -8.41 8.21 -28.28
CA ARG D 316 -7.65 6.99 -28.11
C ARG D 316 -8.00 6.25 -26.82
N THR D 317 -8.59 6.94 -25.84
CA THR D 317 -8.96 6.31 -24.58
C THR D 317 -10.47 6.38 -24.33
N MET D 318 -11.23 6.88 -25.30
CA MET D 318 -12.69 6.83 -25.23
C MET D 318 -13.15 5.42 -24.93
N HIS D 319 -14.15 5.30 -24.06
CA HIS D 319 -14.83 4.02 -23.90
C HIS D 319 -16.13 4.22 -23.15
N ASN D 320 -17.12 3.40 -23.50
CA ASN D 320 -18.40 3.37 -22.81
C ASN D 320 -18.19 2.96 -21.34
N PRO D 321 -19.12 3.31 -20.46
CA PRO D 321 -18.98 2.94 -19.05
C PRO D 321 -18.78 1.45 -18.80
N TYR D 322 -19.36 0.59 -19.64
CA TYR D 322 -19.29 -0.85 -19.43
C TYR D 322 -17.85 -1.35 -19.31
N GLY D 323 -16.90 -0.68 -19.96
CA GLY D 323 -15.52 -1.10 -19.89
C GLY D 323 -14.68 -0.47 -20.98
N LYS D 324 -13.37 -0.73 -20.89
CA LYS D 324 -12.42 -0.12 -21.81
C LYS D 324 -12.66 -0.53 -23.26
N ASP D 325 -13.13 -1.75 -23.49
CA ASP D 325 -13.33 -2.27 -24.83
C ASP D 325 -14.78 -2.18 -25.28
N TYR D 326 -15.52 -1.19 -24.80
CA TYR D 326 -16.90 -0.96 -25.18
C TYR D 326 -17.03 0.35 -25.92
N GLY D 327 -17.78 0.34 -27.03
CA GLY D 327 -18.15 1.55 -27.72
C GLY D 327 -17.02 2.33 -28.38
N ASN D 328 -15.87 1.70 -28.60
CA ASN D 328 -14.72 2.37 -29.20
C ASN D 328 -14.25 1.53 -30.38
N ALA D 329 -14.19 2.14 -31.56
CA ALA D 329 -13.71 1.46 -32.76
C ALA D 329 -12.81 2.40 -33.56
N MET D 330 -11.89 3.08 -32.87
CA MET D 330 -10.94 3.95 -33.53
C MET D 330 -9.82 3.14 -34.17
N THR D 331 -9.46 3.52 -35.39
CA THR D 331 -8.19 3.10 -35.97
C THR D 331 -7.42 4.31 -36.44
N VAL D 332 -6.11 4.12 -36.60
CA VAL D 332 -5.29 5.11 -37.27
C VAL D 332 -5.75 5.22 -38.73
N HIS D 333 -5.53 6.39 -39.33
CA HIS D 333 -6.10 6.68 -40.66
C HIS D 333 -5.47 5.79 -41.72
N VAL D 334 -6.16 4.71 -42.06
CA VAL D 334 -5.61 3.69 -42.95
C VAL D 334 -6.57 3.25 -44.06
N SER D 335 -7.87 3.52 -43.95
CA SER D 335 -8.85 2.87 -44.82
C SER D 335 -8.53 3.09 -46.29
N GLY D 336 -8.19 4.31 -46.67
CA GLY D 336 -7.87 4.58 -48.06
C GLY D 336 -6.45 4.26 -48.48
N THR D 337 -5.64 3.70 -47.59
CA THR D 337 -4.25 3.38 -47.92
C THR D 337 -3.98 1.88 -47.85
N SER D 338 -5.02 1.07 -47.99
CA SER D 338 -4.87 -0.37 -48.19
C SER D 338 -3.95 -0.65 -49.37
N LEU D 339 -3.31 -1.82 -49.38
CA LEU D 339 -2.38 -2.13 -50.46
C LEU D 339 -3.05 -2.01 -51.82
N ASP D 340 -4.33 -2.41 -51.90
CA ASP D 340 -5.05 -2.31 -53.16
C ASP D 340 -5.31 -0.85 -53.55
N ALA D 341 -5.65 0.00 -52.58
CA ALA D 341 -5.93 1.40 -52.88
C ALA D 341 -4.66 2.15 -53.28
N GLN D 342 -3.53 1.81 -52.65
CA GLN D 342 -2.29 2.50 -52.96
C GLN D 342 -1.91 2.33 -54.43
N ALA D 343 -2.09 1.13 -54.97
CA ALA D 343 -1.84 0.92 -56.40
C ALA D 343 -2.74 1.79 -57.25
N ARG D 344 -3.97 2.04 -56.80
CA ARG D 344 -4.89 2.88 -57.57
C ARG D 344 -4.42 4.33 -57.57
N TYR D 345 -4.20 4.90 -56.39
CA TYR D 345 -3.86 6.31 -56.34
C TYR D 345 -2.40 6.59 -56.68
N ALA D 346 -1.50 5.61 -56.53
CA ALA D 346 -0.15 5.77 -57.06
C ALA D 346 -0.19 5.93 -58.58
N ASN D 347 -0.96 5.07 -59.25
CA ASN D 347 -1.09 5.20 -60.70
C ASN D 347 -1.84 6.47 -61.10
N GLY D 348 -2.85 6.87 -60.30
CA GLY D 348 -3.55 8.12 -60.60
C GLY D 348 -2.70 9.36 -60.44
N VAL D 349 -1.81 9.38 -59.43
CA VAL D 349 -0.84 10.44 -59.30
C VAL D 349 0.15 10.35 -60.46
N LYS D 350 0.43 9.11 -60.92
CA LYS D 350 1.32 8.94 -62.08
C LYS D 350 0.70 9.58 -63.30
N GLN D 351 -0.59 9.34 -63.49
CA GLN D 351 -1.30 9.91 -64.62
C GLN D 351 -1.33 11.43 -64.57
N ILE D 352 -1.57 11.98 -63.38
CA ILE D 352 -1.72 13.43 -63.22
C ILE D 352 -0.40 14.13 -63.55
N LEU D 353 0.72 13.59 -63.08
CA LEU D 353 2.01 14.20 -63.35
C LEU D 353 2.36 14.10 -64.83
N THR D 354 2.05 12.96 -65.45
CA THR D 354 2.32 12.79 -66.88
C THR D 354 1.58 13.83 -67.72
N GLU D 355 0.31 14.10 -67.39
CA GLU D 355 -0.42 15.15 -68.09
C GLU D 355 0.22 16.50 -67.87
N TYR D 356 0.72 16.76 -66.66
CA TYR D 356 1.31 18.05 -66.33
C TYR D 356 2.68 18.21 -67.00
N PHE D 357 3.54 17.19 -66.87
CA PHE D 357 4.88 17.25 -67.46
C PHE D 357 4.82 17.44 -68.97
N ASP D 358 4.00 16.64 -69.64
CA ASP D 358 3.82 16.70 -71.09
C ASP D 358 3.14 17.98 -71.57
N LYS D 359 2.78 18.90 -70.67
CA LYS D 359 2.16 20.17 -71.02
C LYS D 359 0.82 19.96 -71.73
N THR D 360 0.16 18.82 -71.53
CA THR D 360 -1.14 18.54 -72.14
C THR D 360 -2.33 18.83 -71.23
N TYR D 361 -2.20 18.58 -69.92
CA TYR D 361 -3.18 18.97 -68.90
C TYR D 361 -4.53 18.28 -69.06
N LYS D 362 -4.58 17.08 -69.61
CA LYS D 362 -5.89 16.48 -69.87
C LYS D 362 -6.26 15.57 -68.70
N TYR D 363 -6.38 16.25 -67.55
CA TYR D 363 -6.72 15.63 -66.28
C TYR D 363 -8.15 15.10 -66.33
N ARG D 364 -8.38 14.00 -65.62
CA ARG D 364 -9.73 13.52 -65.47
C ARG D 364 -10.55 14.58 -64.73
N PRO D 365 -11.71 14.99 -65.26
CA PRO D 365 -12.46 16.09 -64.62
C PRO D 365 -12.76 15.87 -63.15
N GLN D 366 -13.04 14.61 -62.77
CA GLN D 366 -13.33 14.32 -61.37
C GLN D 366 -12.13 14.57 -60.48
N ASP D 367 -10.91 14.37 -61.01
CA ASP D 367 -9.70 14.52 -60.23
C ASP D 367 -9.45 15.97 -59.82
N VAL D 368 -10.02 16.93 -60.54
CA VAL D 368 -9.74 18.34 -60.32
C VAL D 368 -10.59 18.83 -59.15
N ILE D 369 -9.94 19.35 -58.12
CA ILE D 369 -10.62 20.07 -57.05
C ILE D 369 -10.59 21.57 -57.31
N CYS D 370 -9.40 22.09 -57.61
CA CYS D 370 -9.19 23.50 -57.90
C CYS D 370 -8.34 23.61 -59.15
N ILE D 371 -8.73 24.48 -60.06
CA ILE D 371 -7.95 24.74 -61.26
C ILE D 371 -8.28 26.15 -61.73
N ASP D 372 -7.25 26.83 -62.25
CA ASP D 372 -7.39 28.15 -62.88
C ASP D 372 -8.20 29.13 -62.04
N GLY D 373 -8.06 29.04 -60.73
CA GLY D 373 -8.65 30.08 -59.89
C GLY D 373 -10.15 30.08 -59.70
N HIS D 374 -10.82 28.94 -59.78
CA HIS D 374 -12.24 28.99 -59.43
C HIS D 374 -12.60 28.05 -58.29
N TYR D 375 -12.78 26.75 -58.54
CA TYR D 375 -12.98 25.71 -57.50
C TYR D 375 -13.40 24.39 -58.16
#